data_5O3S
# 
_entry.id   5O3S 
# 
_audit_conform.dict_name       mmcif_pdbx.dic 
_audit_conform.dict_version    5.397 
_audit_conform.dict_location   http://mmcif.pdb.org/dictionaries/ascii/mmcif_pdbx.dic 
# 
loop_
_database_2.database_id 
_database_2.database_code 
_database_2.pdbx_database_accession 
_database_2.pdbx_DOI 
PDB   5O3S         pdb_00005o3s 10.2210/pdb5o3s/pdb 
WWPDB D_1200005126 ?            ?                   
# 
loop_
_pdbx_audit_revision_history.ordinal 
_pdbx_audit_revision_history.data_content_type 
_pdbx_audit_revision_history.major_revision 
_pdbx_audit_revision_history.minor_revision 
_pdbx_audit_revision_history.revision_date 
1 'Structure model' 1 0 2018-05-16 
2 'Structure model' 1 1 2018-05-30 
3 'Structure model' 1 2 2024-01-17 
4 'Structure model' 1 3 2024-10-16 
# 
_pdbx_audit_revision_details.ordinal             1 
_pdbx_audit_revision_details.revision_ordinal    1 
_pdbx_audit_revision_details.data_content_type   'Structure model' 
_pdbx_audit_revision_details.provider            repository 
_pdbx_audit_revision_details.type                'Initial release' 
_pdbx_audit_revision_details.description         ? 
_pdbx_audit_revision_details.details             ? 
# 
loop_
_pdbx_audit_revision_group.ordinal 
_pdbx_audit_revision_group.revision_ordinal 
_pdbx_audit_revision_group.data_content_type 
_pdbx_audit_revision_group.group 
1 2 'Structure model' 'Data collection'        
2 2 'Structure model' 'Database references'    
3 3 'Structure model' 'Data collection'        
4 3 'Structure model' 'Database references'    
5 3 'Structure model' 'Refinement description' 
6 4 'Structure model' 'Structure summary'      
# 
loop_
_pdbx_audit_revision_category.ordinal 
_pdbx_audit_revision_category.revision_ordinal 
_pdbx_audit_revision_category.data_content_type 
_pdbx_audit_revision_category.category 
1 2 'Structure model' citation                      
2 3 'Structure model' chem_comp_atom                
3 3 'Structure model' chem_comp_bond                
4 3 'Structure model' database_2                    
5 3 'Structure model' pdbx_initial_refinement_model 
6 4 'Structure model' pdbx_entry_details            
7 4 'Structure model' pdbx_modification_feature     
# 
loop_
_pdbx_audit_revision_item.ordinal 
_pdbx_audit_revision_item.revision_ordinal 
_pdbx_audit_revision_item.data_content_type 
_pdbx_audit_revision_item.item 
1 2 'Structure model' '_citation.journal_volume'            
2 2 'Structure model' '_citation.page_first'                
3 2 'Structure model' '_citation.page_last'                 
4 3 'Structure model' '_database_2.pdbx_DOI'                
5 3 'Structure model' '_database_2.pdbx_database_accession' 
# 
_pdbx_database_status.status_code                     REL 
_pdbx_database_status.status_code_sf                  REL 
_pdbx_database_status.status_code_mr                  ? 
_pdbx_database_status.entry_id                        5O3S 
_pdbx_database_status.recvd_initial_deposition_date   2017-05-24 
_pdbx_database_status.SG_entry                        N 
_pdbx_database_status.deposit_site                    PDBE 
_pdbx_database_status.process_site                    PDBE 
_pdbx_database_status.status_code_cs                  ? 
_pdbx_database_status.methods_development_category    ? 
_pdbx_database_status.pdb_format_compatible           Y 
_pdbx_database_status.status_code_nmr_data            ? 
# 
loop_
_audit_author.name 
_audit_author.pdbx_ordinal 
_audit_author.identifier_ORCID 
'Selim, K.A.'     1 ?                   
'Albrecht, R.'    2 ?                   
'Forchhammer, K.' 3 ?                   
'Hartmann, M.D.'  4 0000-0001-6937-5677 
# 
_citation.abstract                  ? 
_citation.abstract_id_CAS           ? 
_citation.book_id_ISBN              ? 
_citation.book_publisher            ? 
_citation.book_publisher_city       ? 
_citation.book_title                ? 
_citation.coordinate_linkage        ? 
_citation.country                   US 
_citation.database_id_Medline       ? 
_citation.details                   ? 
_citation.id                        primary 
_citation.journal_abbrev            'Proc. Natl. Acad. Sci. U.S.A.' 
_citation.journal_id_ASTM           PNASA6 
_citation.journal_id_CSD            0040 
_citation.journal_id_ISSN           1091-6490 
_citation.journal_full              ? 
_citation.journal_issue             ? 
_citation.journal_volume            115 
_citation.language                  ? 
_citation.page_first                E4861 
_citation.page_last                 E4869 
_citation.title                     
'PII-like signaling protein SbtB links cAMP sensing with cyanobacterial inorganic carbon response.' 
_citation.year                      2018 
_citation.database_id_CSD           ? 
_citation.pdbx_database_id_DOI      10.1073/pnas.1803790115 
_citation.pdbx_database_id_PubMed   29735650 
_citation.unpublished_flag          ? 
# 
loop_
_citation_author.citation_id 
_citation_author.name 
_citation_author.ordinal 
_citation_author.identifier_ORCID 
primary 'Selim, K.A.'     1 ? 
primary 'Haase, F.'       2 ? 
primary 'Hartmann, M.D.'  3 ? 
primary 'Hagemann, M.'    4 ? 
primary 'Forchhammer, K.' 5 ? 
# 
loop_
_entity.id 
_entity.type 
_entity.src_method 
_entity.pdbx_description 
_entity.formula_weight 
_entity.pdbx_number_of_molecules 
_entity.pdbx_ec 
_entity.pdbx_mutation 
_entity.pdbx_fragment 
_entity.details 
1 polymer man 'Membrane-associated protein slr1513' 13222.110 1 ? ? ? ? 
2 water   nat water                                 18.015    7 ? ? ? ? 
# 
_entity_name_com.entity_id   1 
_entity_name_com.name        'SBTB protein' 
# 
_entity_poly.entity_id                      1 
_entity_poly.type                           'polypeptide(L)' 
_entity_poly.nstd_linkage                   no 
_entity_poly.nstd_monomer                   no 
_entity_poly.pdbx_seq_one_letter_code       
;MAKPANKLVIVTEKILLKKIAKIIDESGAKGYTVMNTGGKGSRNVRSSGQPNTSDIEANIKFEILTETREMAEEIADRVA
VKYFNDYAGIIYICSAEVLYGHTFCGPEGCSAWSHPQFEK
;
_entity_poly.pdbx_seq_one_letter_code_can   
;MAKPANKLVIVTEKILLKKIAKIIDESGAKGYTVMNTGGKGSRNVRSSGQPNTSDIEANIKFEILTETREMAEEIADRVA
VKYFNDYAGIIYICSAEVLYGHTFCGPEGCSAWSHPQFEK
;
_entity_poly.pdbx_strand_id                 A 
_entity_poly.pdbx_target_identifier         ? 
# 
_pdbx_entity_nonpoly.entity_id   2 
_pdbx_entity_nonpoly.name        water 
_pdbx_entity_nonpoly.comp_id     HOH 
# 
loop_
_entity_poly_seq.entity_id 
_entity_poly_seq.num 
_entity_poly_seq.mon_id 
_entity_poly_seq.hetero 
1 1   MET n 
1 2   ALA n 
1 3   LYS n 
1 4   PRO n 
1 5   ALA n 
1 6   ASN n 
1 7   LYS n 
1 8   LEU n 
1 9   VAL n 
1 10  ILE n 
1 11  VAL n 
1 12  THR n 
1 13  GLU n 
1 14  LYS n 
1 15  ILE n 
1 16  LEU n 
1 17  LEU n 
1 18  LYS n 
1 19  LYS n 
1 20  ILE n 
1 21  ALA n 
1 22  LYS n 
1 23  ILE n 
1 24  ILE n 
1 25  ASP n 
1 26  GLU n 
1 27  SER n 
1 28  GLY n 
1 29  ALA n 
1 30  LYS n 
1 31  GLY n 
1 32  TYR n 
1 33  THR n 
1 34  VAL n 
1 35  MET n 
1 36  ASN n 
1 37  THR n 
1 38  GLY n 
1 39  GLY n 
1 40  LYS n 
1 41  GLY n 
1 42  SER n 
1 43  ARG n 
1 44  ASN n 
1 45  VAL n 
1 46  ARG n 
1 47  SER n 
1 48  SER n 
1 49  GLY n 
1 50  GLN n 
1 51  PRO n 
1 52  ASN n 
1 53  THR n 
1 54  SER n 
1 55  ASP n 
1 56  ILE n 
1 57  GLU n 
1 58  ALA n 
1 59  ASN n 
1 60  ILE n 
1 61  LYS n 
1 62  PHE n 
1 63  GLU n 
1 64  ILE n 
1 65  LEU n 
1 66  THR n 
1 67  GLU n 
1 68  THR n 
1 69  ARG n 
1 70  GLU n 
1 71  MET n 
1 72  ALA n 
1 73  GLU n 
1 74  GLU n 
1 75  ILE n 
1 76  ALA n 
1 77  ASP n 
1 78  ARG n 
1 79  VAL n 
1 80  ALA n 
1 81  VAL n 
1 82  LYS n 
1 83  TYR n 
1 84  PHE n 
1 85  ASN n 
1 86  ASP n 
1 87  TYR n 
1 88  ALA n 
1 89  GLY n 
1 90  ILE n 
1 91  ILE n 
1 92  TYR n 
1 93  ILE n 
1 94  CYS n 
1 95  SER n 
1 96  ALA n 
1 97  GLU n 
1 98  VAL n 
1 99  LEU n 
1 100 TYR n 
1 101 GLY n 
1 102 HIS n 
1 103 THR n 
1 104 PHE n 
1 105 CYS n 
1 106 GLY n 
1 107 PRO n 
1 108 GLU n 
1 109 GLY n 
1 110 CYS n 
1 111 SER n 
1 112 ALA n 
1 113 TRP n 
1 114 SER n 
1 115 HIS n 
1 116 PRO n 
1 117 GLN n 
1 118 PHE n 
1 119 GLU n 
1 120 LYS n 
# 
_entity_src_gen.entity_id                          1 
_entity_src_gen.pdbx_src_id                        1 
_entity_src_gen.pdbx_alt_source_flag               sample 
_entity_src_gen.pdbx_seq_type                      'Biological sequence' 
_entity_src_gen.pdbx_beg_seq_num                   1 
_entity_src_gen.pdbx_end_seq_num                   120 
_entity_src_gen.gene_src_common_name               ? 
_entity_src_gen.gene_src_genus                     ? 
_entity_src_gen.pdbx_gene_src_gene                 slr1513 
_entity_src_gen.gene_src_species                   ? 
_entity_src_gen.gene_src_strain                    'PCC 6803 / Kazusa' 
_entity_src_gen.gene_src_tissue                    ? 
_entity_src_gen.gene_src_tissue_fraction           ? 
_entity_src_gen.gene_src_details                   ? 
_entity_src_gen.pdbx_gene_src_fragment             ? 
_entity_src_gen.pdbx_gene_src_scientific_name      'Synechocystis sp. (strain PCC 6803 / Kazusa)' 
_entity_src_gen.pdbx_gene_src_ncbi_taxonomy_id     1111708 
_entity_src_gen.pdbx_gene_src_variant              ? 
_entity_src_gen.pdbx_gene_src_cell_line            ? 
_entity_src_gen.pdbx_gene_src_atcc                 ? 
_entity_src_gen.pdbx_gene_src_organ                ? 
_entity_src_gen.pdbx_gene_src_organelle            ? 
_entity_src_gen.pdbx_gene_src_cell                 ? 
_entity_src_gen.pdbx_gene_src_cellular_location    ? 
_entity_src_gen.host_org_common_name               ? 
_entity_src_gen.pdbx_host_org_scientific_name      'Escherichia coli' 
_entity_src_gen.pdbx_host_org_ncbi_taxonomy_id     562 
_entity_src_gen.host_org_genus                     ? 
_entity_src_gen.pdbx_host_org_gene                 ? 
_entity_src_gen.pdbx_host_org_organ                ? 
_entity_src_gen.host_org_species                   ? 
_entity_src_gen.pdbx_host_org_tissue               ? 
_entity_src_gen.pdbx_host_org_tissue_fraction      ? 
_entity_src_gen.pdbx_host_org_strain               ? 
_entity_src_gen.pdbx_host_org_variant              ? 
_entity_src_gen.pdbx_host_org_cell_line            ? 
_entity_src_gen.pdbx_host_org_atcc                 ? 
_entity_src_gen.pdbx_host_org_culture_collection   ? 
_entity_src_gen.pdbx_host_org_cell                 ? 
_entity_src_gen.pdbx_host_org_organelle            ? 
_entity_src_gen.pdbx_host_org_cellular_location    ? 
_entity_src_gen.pdbx_host_org_vector_type          ? 
_entity_src_gen.pdbx_host_org_vector               ? 
_entity_src_gen.host_org_details                   ? 
_entity_src_gen.expression_system_id               ? 
_entity_src_gen.plasmid_name                       ? 
_entity_src_gen.plasmid_details                    ? 
_entity_src_gen.pdbx_description                   ? 
# 
loop_
_chem_comp.id 
_chem_comp.type 
_chem_comp.mon_nstd_flag 
_chem_comp.name 
_chem_comp.pdbx_synonyms 
_chem_comp.formula 
_chem_comp.formula_weight 
ALA 'L-peptide linking' y ALANINE         ? 'C3 H7 N O2'     89.093  
ARG 'L-peptide linking' y ARGININE        ? 'C6 H15 N4 O2 1' 175.209 
ASN 'L-peptide linking' y ASPARAGINE      ? 'C4 H8 N2 O3'    132.118 
ASP 'L-peptide linking' y 'ASPARTIC ACID' ? 'C4 H7 N O4'     133.103 
CYS 'L-peptide linking' y CYSTEINE        ? 'C3 H7 N O2 S'   121.158 
GLN 'L-peptide linking' y GLUTAMINE       ? 'C5 H10 N2 O3'   146.144 
GLU 'L-peptide linking' y 'GLUTAMIC ACID' ? 'C5 H9 N O4'     147.129 
GLY 'peptide linking'   y GLYCINE         ? 'C2 H5 N O2'     75.067  
HIS 'L-peptide linking' y HISTIDINE       ? 'C6 H10 N3 O2 1' 156.162 
HOH non-polymer         . WATER           ? 'H2 O'           18.015  
ILE 'L-peptide linking' y ISOLEUCINE      ? 'C6 H13 N O2'    131.173 
LEU 'L-peptide linking' y LEUCINE         ? 'C6 H13 N O2'    131.173 
LYS 'L-peptide linking' y LYSINE          ? 'C6 H15 N2 O2 1' 147.195 
MET 'L-peptide linking' y METHIONINE      ? 'C5 H11 N O2 S'  149.211 
PHE 'L-peptide linking' y PHENYLALANINE   ? 'C9 H11 N O2'    165.189 
PRO 'L-peptide linking' y PROLINE         ? 'C5 H9 N O2'     115.130 
SER 'L-peptide linking' y SERINE          ? 'C3 H7 N O3'     105.093 
THR 'L-peptide linking' y THREONINE       ? 'C4 H9 N O3'     119.119 
TRP 'L-peptide linking' y TRYPTOPHAN      ? 'C11 H12 N2 O2'  204.225 
TYR 'L-peptide linking' y TYROSINE        ? 'C9 H11 N O3'    181.189 
VAL 'L-peptide linking' y VALINE          ? 'C5 H11 N O2'    117.146 
# 
loop_
_pdbx_poly_seq_scheme.asym_id 
_pdbx_poly_seq_scheme.entity_id 
_pdbx_poly_seq_scheme.seq_id 
_pdbx_poly_seq_scheme.mon_id 
_pdbx_poly_seq_scheme.ndb_seq_num 
_pdbx_poly_seq_scheme.pdb_seq_num 
_pdbx_poly_seq_scheme.auth_seq_num 
_pdbx_poly_seq_scheme.pdb_mon_id 
_pdbx_poly_seq_scheme.auth_mon_id 
_pdbx_poly_seq_scheme.pdb_strand_id 
_pdbx_poly_seq_scheme.pdb_ins_code 
_pdbx_poly_seq_scheme.hetero 
A 1 1   MET 1   1   ?   ?   ?   A . n 
A 1 2   ALA 2   2   2   ALA ALA A . n 
A 1 3   LYS 3   3   3   LYS LYS A . n 
A 1 4   PRO 4   4   4   PRO PRO A . n 
A 1 5   ALA 5   5   5   ALA ALA A . n 
A 1 6   ASN 6   6   6   ASN ASN A . n 
A 1 7   LYS 7   7   7   LYS LYS A . n 
A 1 8   LEU 8   8   8   LEU LEU A . n 
A 1 9   VAL 9   9   9   VAL VAL A . n 
A 1 10  ILE 10  10  10  ILE ILE A . n 
A 1 11  VAL 11  11  11  VAL VAL A . n 
A 1 12  THR 12  12  12  THR THR A . n 
A 1 13  GLU 13  13  13  GLU GLU A . n 
A 1 14  LYS 14  14  14  LYS LYS A . n 
A 1 15  ILE 15  15  15  ILE ILE A . n 
A 1 16  LEU 16  16  16  LEU LEU A . n 
A 1 17  LEU 17  17  17  LEU LEU A . n 
A 1 18  LYS 18  18  18  LYS LYS A . n 
A 1 19  LYS 19  19  19  LYS LYS A . n 
A 1 20  ILE 20  20  20  ILE ILE A . n 
A 1 21  ALA 21  21  21  ALA ALA A . n 
A 1 22  LYS 22  22  22  LYS LYS A . n 
A 1 23  ILE 23  23  23  ILE ILE A . n 
A 1 24  ILE 24  24  24  ILE ILE A . n 
A 1 25  ASP 25  25  25  ASP ASP A . n 
A 1 26  GLU 26  26  26  GLU GLU A . n 
A 1 27  SER 27  27  27  SER SER A . n 
A 1 28  GLY 28  28  28  GLY GLY A . n 
A 1 29  ALA 29  29  29  ALA ALA A . n 
A 1 30  LYS 30  30  30  LYS LYS A . n 
A 1 31  GLY 31  31  31  GLY GLY A . n 
A 1 32  TYR 32  32  32  TYR TYR A . n 
A 1 33  THR 33  33  33  THR THR A . n 
A 1 34  VAL 34  34  34  VAL VAL A . n 
A 1 35  MET 35  35  35  MET MET A . n 
A 1 36  ASN 36  36  36  ASN ASN A . n 
A 1 37  THR 37  37  37  THR THR A . n 
A 1 38  GLY 38  38  38  GLY GLY A . n 
A 1 39  GLY 39  39  39  GLY GLY A . n 
A 1 40  LYS 40  40  40  LYS LYS A . n 
A 1 41  GLY 41  41  ?   ?   ?   A . n 
A 1 42  SER 42  42  ?   ?   ?   A . n 
A 1 43  ARG 43  43  ?   ?   ?   A . n 
A 1 44  ASN 44  44  ?   ?   ?   A . n 
A 1 45  VAL 45  45  ?   ?   ?   A . n 
A 1 46  ARG 46  46  ?   ?   ?   A . n 
A 1 47  SER 47  47  ?   ?   ?   A . n 
A 1 48  SER 48  48  ?   ?   ?   A . n 
A 1 49  GLY 49  49  ?   ?   ?   A . n 
A 1 50  GLN 50  50  ?   ?   ?   A . n 
A 1 51  PRO 51  51  ?   ?   ?   A . n 
A 1 52  ASN 52  52  ?   ?   ?   A . n 
A 1 53  THR 53  53  ?   ?   ?   A . n 
A 1 54  SER 54  54  ?   ?   ?   A . n 
A 1 55  ASP 55  55  ?   ?   ?   A . n 
A 1 56  ILE 56  56  56  ILE ILE A . n 
A 1 57  GLU 57  57  57  GLU GLU A . n 
A 1 58  ALA 58  58  58  ALA ALA A . n 
A 1 59  ASN 59  59  59  ASN ASN A . n 
A 1 60  ILE 60  60  60  ILE ILE A . n 
A 1 61  LYS 61  61  61  LYS LYS A . n 
A 1 62  PHE 62  62  62  PHE PHE A . n 
A 1 63  GLU 63  63  63  GLU GLU A . n 
A 1 64  ILE 64  64  64  ILE ILE A . n 
A 1 65  LEU 65  65  65  LEU LEU A . n 
A 1 66  THR 66  66  66  THR THR A . n 
A 1 67  GLU 67  67  67  GLU GLU A . n 
A 1 68  THR 68  68  68  THR THR A . n 
A 1 69  ARG 69  69  69  ARG ARG A . n 
A 1 70  GLU 70  70  70  GLU GLU A . n 
A 1 71  MET 71  71  71  MET MET A . n 
A 1 72  ALA 72  72  72  ALA ALA A . n 
A 1 73  GLU 73  73  73  GLU GLU A . n 
A 1 74  GLU 74  74  74  GLU GLU A . n 
A 1 75  ILE 75  75  75  ILE ILE A . n 
A 1 76  ALA 76  76  76  ALA ALA A . n 
A 1 77  ASP 77  77  77  ASP ASP A . n 
A 1 78  ARG 78  78  78  ARG ARG A . n 
A 1 79  VAL 79  79  79  VAL VAL A . n 
A 1 80  ALA 80  80  80  ALA ALA A . n 
A 1 81  VAL 81  81  81  VAL VAL A . n 
A 1 82  LYS 82  82  82  LYS LYS A . n 
A 1 83  TYR 83  83  83  TYR TYR A . n 
A 1 84  PHE 84  84  84  PHE PHE A . n 
A 1 85  ASN 85  85  85  ASN ASN A . n 
A 1 86  ASP 86  86  86  ASP ASP A . n 
A 1 87  TYR 87  87  87  TYR TYR A . n 
A 1 88  ALA 88  88  88  ALA ALA A . n 
A 1 89  GLY 89  89  89  GLY GLY A . n 
A 1 90  ILE 90  90  90  ILE ILE A . n 
A 1 91  ILE 91  91  91  ILE ILE A . n 
A 1 92  TYR 92  92  92  TYR TYR A . n 
A 1 93  ILE 93  93  93  ILE ILE A . n 
A 1 94  CYS 94  94  94  CYS CYS A . n 
A 1 95  SER 95  95  95  SER SER A . n 
A 1 96  ALA 96  96  96  ALA ALA A . n 
A 1 97  GLU 97  97  97  GLU GLU A . n 
A 1 98  VAL 98  98  98  VAL VAL A . n 
A 1 99  LEU 99  99  99  LEU LEU A . n 
A 1 100 TYR 100 100 100 TYR TYR A . n 
A 1 101 GLY 101 101 101 GLY GLY A . n 
A 1 102 HIS 102 102 102 HIS HIS A . n 
A 1 103 THR 103 103 103 THR THR A . n 
A 1 104 PHE 104 104 104 PHE PHE A . n 
A 1 105 CYS 105 105 105 CYS CYS A . n 
A 1 106 GLY 106 106 106 GLY GLY A . n 
A 1 107 PRO 107 107 107 PRO PRO A . n 
A 1 108 GLU 108 108 108 GLU GLU A . n 
A 1 109 GLY 109 109 109 GLY GLY A . n 
A 1 110 CYS 110 110 110 CYS CYS A . n 
A 1 111 SER 111 111 111 SER SER A . n 
A 1 112 ALA 112 112 ?   ?   ?   A . n 
A 1 113 TRP 113 113 ?   ?   ?   A . n 
A 1 114 SER 114 114 ?   ?   ?   A . n 
A 1 115 HIS 115 115 ?   ?   ?   A . n 
A 1 116 PRO 116 116 ?   ?   ?   A . n 
A 1 117 GLN 117 117 ?   ?   ?   A . n 
A 1 118 PHE 118 118 ?   ?   ?   A . n 
A 1 119 GLU 119 119 ?   ?   ?   A . n 
A 1 120 LYS 120 120 ?   ?   ?   A . n 
# 
loop_
_pdbx_nonpoly_scheme.asym_id 
_pdbx_nonpoly_scheme.entity_id 
_pdbx_nonpoly_scheme.mon_id 
_pdbx_nonpoly_scheme.ndb_seq_num 
_pdbx_nonpoly_scheme.pdb_seq_num 
_pdbx_nonpoly_scheme.auth_seq_num 
_pdbx_nonpoly_scheme.pdb_mon_id 
_pdbx_nonpoly_scheme.auth_mon_id 
_pdbx_nonpoly_scheme.pdb_strand_id 
_pdbx_nonpoly_scheme.pdb_ins_code 
B 2 HOH 1 201 5 HOH HOH A . 
B 2 HOH 2 202 7 HOH HOH A . 
B 2 HOH 3 203 6 HOH HOH A . 
B 2 HOH 4 204 4 HOH HOH A . 
B 2 HOH 5 205 3 HOH HOH A . 
B 2 HOH 6 206 2 HOH HOH A . 
B 2 HOH 7 207 1 HOH HOH A . 
# 
loop_
_pdbx_unobs_or_zero_occ_atoms.id 
_pdbx_unobs_or_zero_occ_atoms.PDB_model_num 
_pdbx_unobs_or_zero_occ_atoms.polymer_flag 
_pdbx_unobs_or_zero_occ_atoms.occupancy_flag 
_pdbx_unobs_or_zero_occ_atoms.auth_asym_id 
_pdbx_unobs_or_zero_occ_atoms.auth_comp_id 
_pdbx_unobs_or_zero_occ_atoms.auth_seq_id 
_pdbx_unobs_or_zero_occ_atoms.PDB_ins_code 
_pdbx_unobs_or_zero_occ_atoms.auth_atom_id 
_pdbx_unobs_or_zero_occ_atoms.label_alt_id 
_pdbx_unobs_or_zero_occ_atoms.label_asym_id 
_pdbx_unobs_or_zero_occ_atoms.label_comp_id 
_pdbx_unobs_or_zero_occ_atoms.label_seq_id 
_pdbx_unobs_or_zero_occ_atoms.label_atom_id 
1  1 Y 1 A LYS 3  ? CD  ? A LYS 3  CD  
2  1 Y 1 A LYS 3  ? CE  ? A LYS 3  CE  
3  1 Y 1 A LYS 3  ? NZ  ? A LYS 3  NZ  
4  1 Y 1 A LYS 18 ? CD  ? A LYS 18 CD  
5  1 Y 1 A LYS 18 ? CE  ? A LYS 18 CE  
6  1 Y 1 A LYS 18 ? NZ  ? A LYS 18 NZ  
7  1 Y 1 A LYS 19 ? CG  ? A LYS 19 CG  
8  1 Y 1 A LYS 19 ? CD  ? A LYS 19 CD  
9  1 Y 1 A LYS 19 ? CE  ? A LYS 19 CE  
10 1 Y 1 A LYS 19 ? NZ  ? A LYS 19 NZ  
11 1 Y 1 A LYS 40 ? CG  ? A LYS 40 CG  
12 1 Y 1 A LYS 40 ? CD  ? A LYS 40 CD  
13 1 Y 1 A LYS 40 ? CE  ? A LYS 40 CE  
14 1 Y 1 A LYS 40 ? NZ  ? A LYS 40 NZ  
15 1 Y 1 A GLU 70 ? CG  ? A GLU 70 CG  
16 1 Y 1 A GLU 70 ? CD  ? A GLU 70 CD  
17 1 Y 1 A GLU 70 ? OE1 ? A GLU 70 OE1 
18 1 Y 1 A GLU 70 ? OE2 ? A GLU 70 OE2 
# 
loop_
_software.citation_id 
_software.classification 
_software.compiler_name 
_software.compiler_version 
_software.contact_author 
_software.contact_author_email 
_software.date 
_software.description 
_software.dependencies 
_software.hardware 
_software.language 
_software.location 
_software.mods 
_software.name 
_software.os 
_software.os_version 
_software.type 
_software.version 
_software.pdbx_ordinal 
? refinement       ? ? ? ? ? ? ? ? ? ? ? REFMAC ? ? ? 5.8.0049 1 
? 'data reduction' ? ? ? ? ? ? ? ? ? ? ? XDS    ? ? ? .        2 
? 'data scaling'   ? ? ? ? ? ? ? ? ? ? ? XDS    ? ? ? .        3 
? phasing          ? ? ? ? ? ? ? ? ? ? ? MOLREP ? ? ? .        4 
# 
_cell.angle_alpha                  90.00 
_cell.angle_alpha_esd              ? 
_cell.angle_beta                   90.00 
_cell.angle_beta_esd               ? 
_cell.angle_gamma                  120.00 
_cell.angle_gamma_esd              ? 
_cell.entry_id                     5O3S 
_cell.details                      ? 
_cell.formula_units_Z              ? 
_cell.length_a                     50.535 
_cell.length_a_esd                 ? 
_cell.length_b                     50.535 
_cell.length_b_esd                 ? 
_cell.length_c                     64.951 
_cell.length_c_esd                 ? 
_cell.volume                       ? 
_cell.volume_esd                   ? 
_cell.Z_PDB                        6 
_cell.reciprocal_angle_alpha       ? 
_cell.reciprocal_angle_beta        ? 
_cell.reciprocal_angle_gamma       ? 
_cell.reciprocal_angle_alpha_esd   ? 
_cell.reciprocal_angle_beta_esd    ? 
_cell.reciprocal_angle_gamma_esd   ? 
_cell.reciprocal_length_a          ? 
_cell.reciprocal_length_b          ? 
_cell.reciprocal_length_c          ? 
_cell.reciprocal_length_a_esd      ? 
_cell.reciprocal_length_b_esd      ? 
_cell.reciprocal_length_c_esd      ? 
_cell.pdbx_unique_axis             ? 
# 
_symmetry.entry_id                         5O3S 
_symmetry.cell_setting                     ? 
_symmetry.Int_Tables_number                173 
_symmetry.space_group_name_Hall            ? 
_symmetry.space_group_name_H-M             'P 63' 
_symmetry.pdbx_full_space_group_name_H-M   ? 
# 
_exptl.absorpt_coefficient_mu     ? 
_exptl.absorpt_correction_T_max   ? 
_exptl.absorpt_correction_T_min   ? 
_exptl.absorpt_correction_type    ? 
_exptl.absorpt_process_details    ? 
_exptl.entry_id                   5O3S 
_exptl.crystals_number            1 
_exptl.details                    ? 
_exptl.method                     'X-RAY DIFFRACTION' 
_exptl.method_details             ? 
# 
_exptl_crystal.colour                      ? 
_exptl_crystal.density_diffrn              ? 
_exptl_crystal.density_Matthews            1.77 
_exptl_crystal.density_method              ? 
_exptl_crystal.density_percent_sol         30.69 
_exptl_crystal.description                 ? 
_exptl_crystal.F_000                       ? 
_exptl_crystal.id                          1 
_exptl_crystal.preparation                 ? 
_exptl_crystal.size_max                    ? 
_exptl_crystal.size_mid                    ? 
_exptl_crystal.size_min                    ? 
_exptl_crystal.size_rad                    ? 
_exptl_crystal.colour_lustre               ? 
_exptl_crystal.colour_modifier             ? 
_exptl_crystal.colour_primary              ? 
_exptl_crystal.density_meas                ? 
_exptl_crystal.density_meas_esd            ? 
_exptl_crystal.density_meas_gt             ? 
_exptl_crystal.density_meas_lt             ? 
_exptl_crystal.density_meas_temp           ? 
_exptl_crystal.density_meas_temp_esd       ? 
_exptl_crystal.density_meas_temp_gt        ? 
_exptl_crystal.density_meas_temp_lt        ? 
_exptl_crystal.pdbx_crystal_image_url      ? 
_exptl_crystal.pdbx_crystal_image_format   ? 
_exptl_crystal.pdbx_mosaicity              ? 
_exptl_crystal.pdbx_mosaicity_esd          ? 
# 
_exptl_crystal_grow.apparatus       ? 
_exptl_crystal_grow.atmosphere      ? 
_exptl_crystal_grow.crystal_id      1 
_exptl_crystal_grow.details         ? 
_exptl_crystal_grow.method          'VAPOR DIFFUSION' 
_exptl_crystal_grow.method_ref      ? 
_exptl_crystal_grow.pH              8.5 
_exptl_crystal_grow.pressure        ? 
_exptl_crystal_grow.pressure_esd    ? 
_exptl_crystal_grow.seeding         ? 
_exptl_crystal_grow.seeding_ref     ? 
_exptl_crystal_grow.temp            293.15 
_exptl_crystal_grow.temp_details    ? 
_exptl_crystal_grow.temp_esd        ? 
_exptl_crystal_grow.time            ? 
_exptl_crystal_grow.pdbx_details    
;Protein solution containing 19 mg/ml SbtB in 50 mM Tris.HCl (pH 8.0), 250 mM NaCl mixed 1:1 with reservoir solution composed of 0.2 M Mg chloride, 0.1 M Tris.HCl pH 8.5, and 30% (w/v) PEG 4000.
;
_exptl_crystal_grow.pdbx_pH_range   ? 
# 
_diffrn.ambient_environment    ? 
_diffrn.ambient_temp           100 
_diffrn.ambient_temp_details   ? 
_diffrn.ambient_temp_esd       ? 
_diffrn.crystal_id             1 
_diffrn.crystal_support        ? 
_diffrn.crystal_treatment      ? 
_diffrn.details                ? 
_diffrn.id                     1 
_diffrn.ambient_pressure       ? 
_diffrn.ambient_pressure_esd   ? 
_diffrn.ambient_pressure_gt    ? 
_diffrn.ambient_pressure_lt    ? 
_diffrn.ambient_temp_gt        ? 
_diffrn.ambient_temp_lt        ? 
# 
_diffrn_detector.details                      ? 
_diffrn_detector.detector                     PIXEL 
_diffrn_detector.diffrn_id                    1 
_diffrn_detector.type                         'DECTRIS PILATUS 6M-F' 
_diffrn_detector.area_resol_mean              ? 
_diffrn_detector.dtime                        ? 
_diffrn_detector.pdbx_frames_total            ? 
_diffrn_detector.pdbx_collection_time_total   ? 
_diffrn_detector.pdbx_collection_date         2015-11-20 
# 
_diffrn_radiation.collimation                      ? 
_diffrn_radiation.diffrn_id                        1 
_diffrn_radiation.filter_edge                      ? 
_diffrn_radiation.inhomogeneity                    ? 
_diffrn_radiation.monochromator                    ? 
_diffrn_radiation.polarisn_norm                    ? 
_diffrn_radiation.polarisn_ratio                   ? 
_diffrn_radiation.probe                            ? 
_diffrn_radiation.type                             ? 
_diffrn_radiation.xray_symbol                      ? 
_diffrn_radiation.wavelength_id                    1 
_diffrn_radiation.pdbx_monochromatic_or_laue_m_l   M 
_diffrn_radiation.pdbx_wavelength_list             ? 
_diffrn_radiation.pdbx_wavelength                  ? 
_diffrn_radiation.pdbx_diffrn_protocol             'SINGLE WAVELENGTH' 
_diffrn_radiation.pdbx_analyzer                    ? 
_diffrn_radiation.pdbx_scattering_type             x-ray 
# 
_diffrn_radiation_wavelength.id           1 
_diffrn_radiation_wavelength.wavelength   1 
_diffrn_radiation_wavelength.wt           1.0 
# 
_diffrn_source.current                     ? 
_diffrn_source.details                     ? 
_diffrn_source.diffrn_id                   1 
_diffrn_source.power                       ? 
_diffrn_source.size                        ? 
_diffrn_source.source                      SYNCHROTRON 
_diffrn_source.target                      ? 
_diffrn_source.type                        'SLS BEAMLINE X10SA' 
_diffrn_source.voltage                     ? 
_diffrn_source.take-off_angle              ? 
_diffrn_source.pdbx_wavelength_list        1 
_diffrn_source.pdbx_wavelength             ? 
_diffrn_source.pdbx_synchrotron_beamline   X10SA 
_diffrn_source.pdbx_synchrotron_site       SLS 
# 
_reflns.B_iso_Wilson_estimate            ? 
_reflns.entry_id                         5O3S 
_reflns.data_reduction_details           ? 
_reflns.data_reduction_method            ? 
_reflns.d_resolution_high                2.2 
_reflns.d_resolution_low                 36.29 
_reflns.details                          ? 
_reflns.limit_h_max                      ? 
_reflns.limit_h_min                      ? 
_reflns.limit_k_max                      ? 
_reflns.limit_k_min                      ? 
_reflns.limit_l_max                      ? 
_reflns.limit_l_min                      ? 
_reflns.number_all                       ? 
_reflns.number_obs                       4838 
_reflns.observed_criterion               ? 
_reflns.observed_criterion_F_max         ? 
_reflns.observed_criterion_F_min         ? 
_reflns.observed_criterion_I_max         ? 
_reflns.observed_criterion_I_min         ? 
_reflns.observed_criterion_sigma_F       ? 
_reflns.observed_criterion_sigma_I       ? 
_reflns.percent_possible_obs             100 
_reflns.R_free_details                   ? 
_reflns.Rmerge_F_all                     ? 
_reflns.Rmerge_F_obs                     ? 
_reflns.Friedel_coverage                 ? 
_reflns.number_gt                        ? 
_reflns.threshold_expression             ? 
_reflns.pdbx_redundancy                  10.1 
_reflns.pdbx_Rmerge_I_obs                0.095 
_reflns.pdbx_Rmerge_I_all                ? 
_reflns.pdbx_Rsym_value                  ? 
_reflns.pdbx_netI_over_av_sigmaI         ? 
_reflns.pdbx_netI_over_sigmaI            12.25 
_reflns.pdbx_res_netI_over_av_sigmaI_2   ? 
_reflns.pdbx_res_netI_over_sigmaI_2      ? 
_reflns.pdbx_chi_squared                 ? 
_reflns.pdbx_scaling_rejects             ? 
_reflns.pdbx_d_res_high_opt              ? 
_reflns.pdbx_d_res_low_opt               ? 
_reflns.pdbx_d_res_opt_method            ? 
_reflns.phase_calculation_details        ? 
_reflns.pdbx_Rrim_I_all                  ? 
_reflns.pdbx_Rpim_I_all                  ? 
_reflns.pdbx_d_opt                       ? 
_reflns.pdbx_number_measured_all         ? 
_reflns.pdbx_diffrn_id                   1 
_reflns.pdbx_ordinal                     1 
_reflns.pdbx_CC_half                     0.996 
_reflns.pdbx_R_split                     ? 
# 
_reflns_shell.d_res_high                  2.2 
_reflns_shell.d_res_low                   2.33 
_reflns_shell.meanI_over_sigI_all         ? 
_reflns_shell.meanI_over_sigI_obs         2.12 
_reflns_shell.number_measured_all         ? 
_reflns_shell.number_measured_obs         ? 
_reflns_shell.number_possible             ? 
_reflns_shell.number_unique_all           ? 
_reflns_shell.number_unique_obs           776 
_reflns_shell.percent_possible_all        100 
_reflns_shell.percent_possible_obs        ? 
_reflns_shell.Rmerge_F_all                ? 
_reflns_shell.Rmerge_F_obs                ? 
_reflns_shell.Rmerge_I_all                ? 
_reflns_shell.Rmerge_I_obs                0.764 
_reflns_shell.meanI_over_sigI_gt          ? 
_reflns_shell.meanI_over_uI_all           ? 
_reflns_shell.meanI_over_uI_gt            ? 
_reflns_shell.number_measured_gt          ? 
_reflns_shell.number_unique_gt            ? 
_reflns_shell.percent_possible_gt         ? 
_reflns_shell.Rmerge_F_gt                 ? 
_reflns_shell.Rmerge_I_gt                 ? 
_reflns_shell.pdbx_redundancy             9.8 
_reflns_shell.pdbx_Rsym_value             ? 
_reflns_shell.pdbx_chi_squared            ? 
_reflns_shell.pdbx_netI_over_sigmaI_all   ? 
_reflns_shell.pdbx_netI_over_sigmaI_obs   ? 
_reflns_shell.pdbx_Rrim_I_all             ? 
_reflns_shell.pdbx_Rpim_I_all             ? 
_reflns_shell.pdbx_rejects                ? 
_reflns_shell.pdbx_ordinal                1 
_reflns_shell.pdbx_diffrn_id              1 
_reflns_shell.pdbx_CC_half                0.934 
_reflns_shell.pdbx_R_split                ? 
# 
_refine.aniso_B[1][1]                            -3.45 
_refine.aniso_B[1][2]                            -1.73 
_refine.aniso_B[1][3]                            0.00 
_refine.aniso_B[2][2]                            -3.45 
_refine.aniso_B[2][3]                            0.00 
_refine.aniso_B[3][3]                            11.21 
_refine.B_iso_max                                ? 
_refine.B_iso_mean                               68.915 
_refine.B_iso_min                                ? 
_refine.correlation_coeff_Fo_to_Fc               0.960 
_refine.correlation_coeff_Fo_to_Fc_free          0.933 
_refine.details                                  'HYDROGENS HAVE BEEN ADDED IN THE RIDING POSITIONS' 
_refine.diff_density_max                         ? 
_refine.diff_density_max_esd                     ? 
_refine.diff_density_min                         ? 
_refine.diff_density_min_esd                     ? 
_refine.diff_density_rms                         ? 
_refine.diff_density_rms_esd                     ? 
_refine.entry_id                                 5O3S 
_refine.pdbx_refine_id                           'X-RAY DIFFRACTION' 
_refine.ls_abs_structure_details                 ? 
_refine.ls_abs_structure_Flack                   ? 
_refine.ls_abs_structure_Flack_esd               ? 
_refine.ls_abs_structure_Rogers                  ? 
_refine.ls_abs_structure_Rogers_esd              ? 
_refine.ls_d_res_high                            2.20 
_refine.ls_d_res_low                             36.29 
_refine.ls_extinction_coef                       ? 
_refine.ls_extinction_coef_esd                   ? 
_refine.ls_extinction_expression                 ? 
_refine.ls_extinction_method                     ? 
_refine.ls_goodness_of_fit_all                   ? 
_refine.ls_goodness_of_fit_all_esd               ? 
_refine.ls_goodness_of_fit_obs                   ? 
_refine.ls_goodness_of_fit_obs_esd               ? 
_refine.ls_hydrogen_treatment                    ? 
_refine.ls_matrix_type                           ? 
_refine.ls_number_constraints                    ? 
_refine.ls_number_parameters                     ? 
_refine.ls_number_reflns_all                     ? 
_refine.ls_number_reflns_obs                     4256 
_refine.ls_number_reflns_R_free                  581 
_refine.ls_number_reflns_R_work                  ? 
_refine.ls_number_restraints                     ? 
_refine.ls_percent_reflns_obs                    99.94 
_refine.ls_percent_reflns_R_free                 12.0 
_refine.ls_R_factor_all                          ? 
_refine.ls_R_factor_obs                          0.23109 
_refine.ls_R_factor_R_free                       0.26763 
_refine.ls_R_factor_R_free_error                 ? 
_refine.ls_R_factor_R_free_error_details         ? 
_refine.ls_R_factor_R_work                       0.22610 
_refine.ls_R_Fsqd_factor_obs                     ? 
_refine.ls_R_I_factor_obs                        ? 
_refine.ls_redundancy_reflns_all                 ? 
_refine.ls_redundancy_reflns_obs                 ? 
_refine.ls_restrained_S_all                      ? 
_refine.ls_restrained_S_obs                      ? 
_refine.ls_shift_over_esd_max                    ? 
_refine.ls_shift_over_esd_mean                   ? 
_refine.ls_structure_factor_coef                 ? 
_refine.ls_weighting_details                     ? 
_refine.ls_weighting_scheme                      ? 
_refine.ls_wR_factor_all                         ? 
_refine.ls_wR_factor_obs                         ? 
_refine.ls_wR_factor_R_free                      ? 
_refine.ls_wR_factor_R_work                      ? 
_refine.occupancy_max                            ? 
_refine.occupancy_min                            ? 
_refine.solvent_model_details                    ? 
_refine.solvent_model_param_bsol                 ? 
_refine.solvent_model_param_ksol                 ? 
_refine.ls_R_factor_gt                           ? 
_refine.ls_goodness_of_fit_gt                    ? 
_refine.ls_goodness_of_fit_ref                   ? 
_refine.ls_shift_over_su_max                     ? 
_refine.ls_shift_over_su_max_lt                  ? 
_refine.ls_shift_over_su_mean                    ? 
_refine.ls_shift_over_su_mean_lt                 ? 
_refine.pdbx_ls_sigma_I                          ? 
_refine.pdbx_ls_sigma_F                          ? 
_refine.pdbx_ls_sigma_Fsqd                       ? 
_refine.pdbx_data_cutoff_high_absF               ? 
_refine.pdbx_data_cutoff_high_rms_absF           ? 
_refine.pdbx_data_cutoff_low_absF                ? 
_refine.pdbx_isotropic_thermal_model             ? 
_refine.pdbx_ls_cross_valid_method               THROUGHOUT 
_refine.pdbx_method_to_determine_struct          'MOLECULAR REPLACEMENT' 
_refine.pdbx_starting_model                      5O3P 
_refine.pdbx_stereochemistry_target_values       ? 
_refine.pdbx_R_Free_selection_details            RANDOM 
_refine.pdbx_stereochem_target_val_spec_case     ? 
_refine.pdbx_overall_ESU_R                       0.374 
_refine.pdbx_overall_ESU_R_Free                  0.252 
_refine.pdbx_solvent_vdw_probe_radii             1.20 
_refine.pdbx_solvent_ion_probe_radii             0.80 
_refine.pdbx_solvent_shrinkage_radii             0.80 
_refine.pdbx_real_space_R                        ? 
_refine.pdbx_density_correlation                 ? 
_refine.pdbx_pd_number_of_powder_patterns        ? 
_refine.pdbx_pd_number_of_points                 ? 
_refine.pdbx_pd_meas_number_of_points            ? 
_refine.pdbx_pd_proc_ls_prof_R_factor            ? 
_refine.pdbx_pd_proc_ls_prof_wR_factor           ? 
_refine.pdbx_pd_Marquardt_correlation_coeff      ? 
_refine.pdbx_pd_Fsqrd_R_factor                   ? 
_refine.pdbx_pd_ls_matrix_band_width             ? 
_refine.pdbx_overall_phase_error                 ? 
_refine.pdbx_overall_SU_R_free_Cruickshank_DPI   ? 
_refine.pdbx_overall_SU_R_free_Blow_DPI          ? 
_refine.pdbx_overall_SU_R_Blow_DPI               ? 
_refine.pdbx_TLS_residual_ADP_flag               ? 
_refine.pdbx_diffrn_id                           1 
_refine.overall_SU_B                             38.876 
_refine.overall_SU_ML                            0.380 
_refine.overall_SU_R_Cruickshank_DPI             ? 
_refine.overall_SU_R_free                        ? 
_refine.overall_FOM_free_R_set                   ? 
_refine.overall_FOM_work_R_set                   ? 
_refine.pdbx_average_fsc_overall                 ? 
_refine.pdbx_average_fsc_work                    ? 
_refine.pdbx_average_fsc_free                    ? 
# 
_refine_hist.pdbx_refine_id                   'X-RAY DIFFRACTION' 
_refine_hist.cycle_id                         1 
_refine_hist.pdbx_number_atoms_protein        711 
_refine_hist.pdbx_number_atoms_nucleic_acid   0 
_refine_hist.pdbx_number_atoms_ligand         0 
_refine_hist.number_atoms_solvent             7 
_refine_hist.number_atoms_total               718 
_refine_hist.d_res_high                       2.20 
_refine_hist.d_res_low                        36.29 
# 
loop_
_refine_ls_restr.pdbx_refine_id 
_refine_ls_restr.criterion 
_refine_ls_restr.dev_ideal 
_refine_ls_restr.dev_ideal_target 
_refine_ls_restr.number 
_refine_ls_restr.rejects 
_refine_ls_restr.type 
_refine_ls_restr.weight 
_refine_ls_restr.pdbx_restraint_function 
'X-RAY DIFFRACTION' ? 0.004  0.019  721  ? r_bond_refined_d             ? ? 
'X-RAY DIFFRACTION' ? 0.001  0.020  697  ? r_bond_other_d               ? ? 
'X-RAY DIFFRACTION' ? 0.741  1.971  974  ? r_angle_refined_deg          ? ? 
'X-RAY DIFFRACTION' ? 0.635  3.000  1603 ? r_angle_other_deg            ? ? 
'X-RAY DIFFRACTION' ? 3.930  5.000  93   ? r_dihedral_angle_1_deg       ? ? 
'X-RAY DIFFRACTION' ? 34.556 25.185 27   ? r_dihedral_angle_2_deg       ? ? 
'X-RAY DIFFRACTION' ? 11.089 15.000 124  ? r_dihedral_angle_3_deg       ? ? 
'X-RAY DIFFRACTION' ? 8.514  15.000 2    ? r_dihedral_angle_4_deg       ? ? 
'X-RAY DIFFRACTION' ? 0.045  0.200  116  ? r_chiral_restr               ? ? 
'X-RAY DIFFRACTION' ? 0.002  0.020  802  ? r_gen_planes_refined         ? ? 
'X-RAY DIFFRACTION' ? 0.001  0.020  146  ? r_gen_planes_other           ? ? 
'X-RAY DIFFRACTION' ? ?      ?      ?    ? r_nbd_refined                ? ? 
'X-RAY DIFFRACTION' ? ?      ?      ?    ? r_nbd_other                  ? ? 
'X-RAY DIFFRACTION' ? ?      ?      ?    ? r_nbtor_refined              ? ? 
'X-RAY DIFFRACTION' ? ?      ?      ?    ? r_nbtor_other                ? ? 
'X-RAY DIFFRACTION' ? ?      ?      ?    ? r_xyhbond_nbd_refined        ? ? 
'X-RAY DIFFRACTION' ? ?      ?      ?    ? r_xyhbond_nbd_other          ? ? 
'X-RAY DIFFRACTION' ? ?      ?      ?    ? r_metal_ion_refined          ? ? 
'X-RAY DIFFRACTION' ? ?      ?      ?    ? r_metal_ion_other            ? ? 
'X-RAY DIFFRACTION' ? ?      ?      ?    ? r_symmetry_vdw_refined       ? ? 
'X-RAY DIFFRACTION' ? ?      ?      ?    ? r_symmetry_vdw_other         ? ? 
'X-RAY DIFFRACTION' ? ?      ?      ?    ? r_symmetry_hbond_refined     ? ? 
'X-RAY DIFFRACTION' ? ?      ?      ?    ? r_symmetry_hbond_other       ? ? 
'X-RAY DIFFRACTION' ? ?      ?      ?    ? r_symmetry_metal_ion_refined ? ? 
'X-RAY DIFFRACTION' ? ?      ?      ?    ? r_symmetry_metal_ion_other   ? ? 
'X-RAY DIFFRACTION' ? 0.407  3.931  378  ? r_mcbond_it                  ? ? 
'X-RAY DIFFRACTION' ? 0.407  3.930  377  ? r_mcbond_other               ? ? 
'X-RAY DIFFRACTION' ? 0.736  5.893  469  ? r_mcangle_it                 ? ? 
'X-RAY DIFFRACTION' ? 0.736  5.894  470  ? r_mcangle_other              ? ? 
'X-RAY DIFFRACTION' ? 0.360  3.943  343  ? r_scbond_it                  ? ? 
'X-RAY DIFFRACTION' ? 0.360  3.943  343  ? r_scbond_other               ? ? 
'X-RAY DIFFRACTION' ? ?      ?      ?    ? r_scangle_it                 ? ? 
'X-RAY DIFFRACTION' ? 0.599  5.900  506  ? r_scangle_other              ? ? 
'X-RAY DIFFRACTION' ? 1.441  30.478 750  ? r_long_range_B_refined       ? ? 
'X-RAY DIFFRACTION' ? 1.441  30.477 750  ? r_long_range_B_other         ? ? 
'X-RAY DIFFRACTION' ? ?      ?      ?    ? r_rigid_bond_restr           ? ? 
'X-RAY DIFFRACTION' ? ?      ?      ?    ? r_sphericity_free            ? ? 
'X-RAY DIFFRACTION' ? ?      ?      ?    ? r_sphericity_bonded          ? ? 
# 
_refine_ls_shell.pdbx_refine_id                   'X-RAY DIFFRACTION' 
_refine_ls_shell.d_res_high                       2.200 
_refine_ls_shell.d_res_low                        2.257 
_refine_ls_shell.number_reflns_all                ? 
_refine_ls_shell.number_reflns_obs                ? 
_refine_ls_shell.number_reflns_R_free             42 
_refine_ls_shell.number_reflns_R_work             303 
_refine_ls_shell.percent_reflns_obs               99.71 
_refine_ls_shell.percent_reflns_R_free            ? 
_refine_ls_shell.R_factor_all                     ? 
_refine_ls_shell.R_factor_obs                     ? 
_refine_ls_shell.R_factor_R_free                  0.442 
_refine_ls_shell.R_factor_R_free_error            ? 
_refine_ls_shell.R_factor_R_work                  0.396 
_refine_ls_shell.redundancy_reflns_all            ? 
_refine_ls_shell.redundancy_reflns_obs            ? 
_refine_ls_shell.wR_factor_all                    ? 
_refine_ls_shell.wR_factor_obs                    ? 
_refine_ls_shell.wR_factor_R_free                 ? 
_refine_ls_shell.wR_factor_R_work                 ? 
_refine_ls_shell.pdbx_total_number_of_bins_used   20 
_refine_ls_shell.pdbx_phase_error                 ? 
_refine_ls_shell.pdbx_fsc_work                    ? 
_refine_ls_shell.pdbx_fsc_free                    ? 
# 
_struct.entry_id                     5O3S 
_struct.title                        
'Carbon regulatory PII-like protein SbtB from Synechocystis sp. 6803 in Apo state, hexagonal crystal form' 
_struct.pdbx_model_details           ? 
_struct.pdbx_formula_weight          ? 
_struct.pdbx_formula_weight_method   ? 
_struct.pdbx_model_type_details      ? 
_struct.pdbx_CASP_flag               N 
# 
_struct_keywords.entry_id        5O3S 
_struct_keywords.text            'SbtB, Carbon sensing, PII-like, cyanobacteria, signaling protein' 
_struct_keywords.pdbx_keywords   'SIGNALING PROTEIN' 
# 
loop_
_struct_asym.id 
_struct_asym.pdbx_blank_PDB_chainid_flag 
_struct_asym.pdbx_modified 
_struct_asym.entity_id 
_struct_asym.details 
A N N 1 ? 
B N N 2 ? 
# 
_struct_ref.id                         1 
_struct_ref.db_name                    UNP 
_struct_ref.db_code                    Y1513_SYNY3 
_struct_ref.pdbx_db_accession          P73954 
_struct_ref.pdbx_db_isoform            ? 
_struct_ref.entity_id                  1 
_struct_ref.pdbx_seq_one_letter_code   
;MAKPANKLVIVTEKILLKKIAKIIDESGAKGYTVMNTGGKGSRNVRSSGQPNTSDIEANIKFEILTETREMAEEIADRVA
VKYFNDYAGIIYICSAEVLYGHTFCGPEGC
;
_struct_ref.pdbx_align_begin           1 
# 
_struct_ref_seq.align_id                      1 
_struct_ref_seq.ref_id                        1 
_struct_ref_seq.pdbx_PDB_id_code              5O3S 
_struct_ref_seq.pdbx_strand_id                A 
_struct_ref_seq.seq_align_beg                 1 
_struct_ref_seq.pdbx_seq_align_beg_ins_code   ? 
_struct_ref_seq.seq_align_end                 110 
_struct_ref_seq.pdbx_seq_align_end_ins_code   ? 
_struct_ref_seq.pdbx_db_accession             P73954 
_struct_ref_seq.db_align_beg                  1 
_struct_ref_seq.pdbx_db_align_beg_ins_code    ? 
_struct_ref_seq.db_align_end                  110 
_struct_ref_seq.pdbx_db_align_end_ins_code    ? 
_struct_ref_seq.pdbx_auth_seq_align_beg       1 
_struct_ref_seq.pdbx_auth_seq_align_end       110 
# 
loop_
_struct_ref_seq_dif.align_id 
_struct_ref_seq_dif.pdbx_pdb_id_code 
_struct_ref_seq_dif.mon_id 
_struct_ref_seq_dif.pdbx_pdb_strand_id 
_struct_ref_seq_dif.seq_num 
_struct_ref_seq_dif.pdbx_pdb_ins_code 
_struct_ref_seq_dif.pdbx_seq_db_name 
_struct_ref_seq_dif.pdbx_seq_db_accession_code 
_struct_ref_seq_dif.db_mon_id 
_struct_ref_seq_dif.pdbx_seq_db_seq_num 
_struct_ref_seq_dif.details 
_struct_ref_seq_dif.pdbx_auth_seq_num 
_struct_ref_seq_dif.pdbx_ordinal 
1 5O3S SER A 111 ? UNP P73954 ? ? 'expression tag' 111 1  
1 5O3S ALA A 112 ? UNP P73954 ? ? 'expression tag' 112 2  
1 5O3S TRP A 113 ? UNP P73954 ? ? 'expression tag' 113 3  
1 5O3S SER A 114 ? UNP P73954 ? ? 'expression tag' 114 4  
1 5O3S HIS A 115 ? UNP P73954 ? ? 'expression tag' 115 5  
1 5O3S PRO A 116 ? UNP P73954 ? ? 'expression tag' 116 6  
1 5O3S GLN A 117 ? UNP P73954 ? ? 'expression tag' 117 7  
1 5O3S PHE A 118 ? UNP P73954 ? ? 'expression tag' 118 8  
1 5O3S GLU A 119 ? UNP P73954 ? ? 'expression tag' 119 9  
1 5O3S LYS A 120 ? UNP P73954 ? ? 'expression tag' 120 10 
# 
_pdbx_struct_assembly.id                   1 
_pdbx_struct_assembly.details              software_defined_assembly 
_pdbx_struct_assembly.method_details       PISA 
_pdbx_struct_assembly.oligomeric_details   trimeric 
_pdbx_struct_assembly.oligomeric_count     3 
# 
loop_
_pdbx_struct_assembly_prop.biol_id 
_pdbx_struct_assembly_prop.type 
_pdbx_struct_assembly_prop.value 
_pdbx_struct_assembly_prop.details 
1 'ABSA (A^2)' 4910  ? 
1 MORE         -29   ? 
1 'SSA (A^2)'  12930 ? 
# 
_pdbx_struct_assembly_gen.assembly_id       1 
_pdbx_struct_assembly_gen.oper_expression   1,2,3 
_pdbx_struct_assembly_gen.asym_id_list      A,B 
# 
_pdbx_struct_assembly_auth_evidence.id                     1 
_pdbx_struct_assembly_auth_evidence.assembly_id            1 
_pdbx_struct_assembly_auth_evidence.experimental_support   'gel filtration' 
_pdbx_struct_assembly_auth_evidence.details                ? 
# 
loop_
_pdbx_struct_oper_list.id 
_pdbx_struct_oper_list.type 
_pdbx_struct_oper_list.name 
_pdbx_struct_oper_list.symmetry_operation 
_pdbx_struct_oper_list.matrix[1][1] 
_pdbx_struct_oper_list.matrix[1][2] 
_pdbx_struct_oper_list.matrix[1][3] 
_pdbx_struct_oper_list.vector[1] 
_pdbx_struct_oper_list.matrix[2][1] 
_pdbx_struct_oper_list.matrix[2][2] 
_pdbx_struct_oper_list.matrix[2][3] 
_pdbx_struct_oper_list.vector[2] 
_pdbx_struct_oper_list.matrix[3][1] 
_pdbx_struct_oper_list.matrix[3][2] 
_pdbx_struct_oper_list.matrix[3][3] 
_pdbx_struct_oper_list.vector[3] 
1 'identity operation'         1_555 x,y,z        1.0000000000  0.0000000000  0.0000000000  0.0000000000   0.0000000000  1.0000000000 0.0000000000  0.0000000000   0.0000000000  0.0000000000  1.0000000000  0.0000000000   
2 'crystal symmetry operation' 2_665 -y+1,x-y+1,z -0.3004216931 -0.8337719268 -0.4632182859 -18.6052613164 -0.0602831405 0.5012792418 -0.8631831004 -7.5543417461  0.9518995479  -0.2313946754 -0.2008575487 1.3759798890   
3 'crystal symmetry operation' 3_565 -x+y,-x+1,z  -0.3004216931 -0.0602831405 0.9518995479  -7.3546181841  -0.8337719268 0.5012792418 -0.2313946754 -11.4073154542 -0.4632182859 -0.8631831004 -0.2008575487 -14.8627014376 
# 
loop_
_struct_conf.conf_type_id 
_struct_conf.id 
_struct_conf.pdbx_PDB_helix_id 
_struct_conf.beg_label_comp_id 
_struct_conf.beg_label_asym_id 
_struct_conf.beg_label_seq_id 
_struct_conf.pdbx_beg_PDB_ins_code 
_struct_conf.end_label_comp_id 
_struct_conf.end_label_asym_id 
_struct_conf.end_label_seq_id 
_struct_conf.pdbx_end_PDB_ins_code 
_struct_conf.beg_auth_comp_id 
_struct_conf.beg_auth_asym_id 
_struct_conf.beg_auth_seq_id 
_struct_conf.end_auth_comp_id 
_struct_conf.end_auth_asym_id 
_struct_conf.end_auth_seq_id 
_struct_conf.pdbx_PDB_helix_class 
_struct_conf.details 
_struct_conf.pdbx_PDB_helix_length 
HELX_P HELX_P1 AA1 LEU A 16  ? SER A 27  ? LEU A 16  SER A 27  1 ? 12 
HELX_P HELX_P2 AA2 THR A 68  ? PHE A 84  ? THR A 68  PHE A 84  1 ? 17 
HELX_P HELX_P3 AA3 GLY A 101 ? GLY A 106 ? GLY A 101 GLY A 106 1 ? 6  
# 
_struct_conf_type.id          HELX_P 
_struct_conf_type.criteria    ? 
_struct_conf_type.reference   ? 
# 
_struct_conn.id                            disulf1 
_struct_conn.conn_type_id                  disulf 
_struct_conn.pdbx_leaving_atom_flag        ? 
_struct_conn.pdbx_PDB_id                   ? 
_struct_conn.ptnr1_label_asym_id           A 
_struct_conn.ptnr1_label_comp_id           CYS 
_struct_conn.ptnr1_label_seq_id            105 
_struct_conn.ptnr1_label_atom_id           SG 
_struct_conn.pdbx_ptnr1_label_alt_id       ? 
_struct_conn.pdbx_ptnr1_PDB_ins_code       ? 
_struct_conn.pdbx_ptnr1_standard_comp_id   ? 
_struct_conn.ptnr1_symmetry                1_555 
_struct_conn.ptnr2_label_asym_id           A 
_struct_conn.ptnr2_label_comp_id           CYS 
_struct_conn.ptnr2_label_seq_id            110 
_struct_conn.ptnr2_label_atom_id           SG 
_struct_conn.pdbx_ptnr2_label_alt_id       ? 
_struct_conn.pdbx_ptnr2_PDB_ins_code       ? 
_struct_conn.ptnr1_auth_asym_id            A 
_struct_conn.ptnr1_auth_comp_id            CYS 
_struct_conn.ptnr1_auth_seq_id             105 
_struct_conn.ptnr2_auth_asym_id            A 
_struct_conn.ptnr2_auth_comp_id            CYS 
_struct_conn.ptnr2_auth_seq_id             110 
_struct_conn.ptnr2_symmetry                1_555 
_struct_conn.pdbx_ptnr3_label_atom_id      ? 
_struct_conn.pdbx_ptnr3_label_seq_id       ? 
_struct_conn.pdbx_ptnr3_label_comp_id      ? 
_struct_conn.pdbx_ptnr3_label_asym_id      ? 
_struct_conn.pdbx_ptnr3_label_alt_id       ? 
_struct_conn.pdbx_ptnr3_PDB_ins_code       ? 
_struct_conn.details                       ? 
_struct_conn.pdbx_dist_value               2.029 
_struct_conn.pdbx_value_order              ? 
_struct_conn.pdbx_role                     ? 
# 
_struct_conn_type.id          disulf 
_struct_conn_type.criteria    ? 
_struct_conn_type.reference   ? 
# 
_pdbx_modification_feature.ordinal                            1 
_pdbx_modification_feature.label_comp_id                      CYS 
_pdbx_modification_feature.label_asym_id                      A 
_pdbx_modification_feature.label_seq_id                       105 
_pdbx_modification_feature.label_alt_id                       ? 
_pdbx_modification_feature.modified_residue_label_comp_id     CYS 
_pdbx_modification_feature.modified_residue_label_asym_id     A 
_pdbx_modification_feature.modified_residue_label_seq_id      110 
_pdbx_modification_feature.modified_residue_label_alt_id      ? 
_pdbx_modification_feature.auth_comp_id                       CYS 
_pdbx_modification_feature.auth_asym_id                       A 
_pdbx_modification_feature.auth_seq_id                        105 
_pdbx_modification_feature.PDB_ins_code                       ? 
_pdbx_modification_feature.symmetry                           1_555 
_pdbx_modification_feature.modified_residue_auth_comp_id      CYS 
_pdbx_modification_feature.modified_residue_auth_asym_id      A 
_pdbx_modification_feature.modified_residue_auth_seq_id       110 
_pdbx_modification_feature.modified_residue_PDB_ins_code      ? 
_pdbx_modification_feature.modified_residue_symmetry          1_555 
_pdbx_modification_feature.comp_id_linking_atom               SG 
_pdbx_modification_feature.modified_residue_id_linking_atom   SG 
_pdbx_modification_feature.modified_residue_id                . 
_pdbx_modification_feature.ref_pcm_id                         . 
_pdbx_modification_feature.ref_comp_id                        . 
_pdbx_modification_feature.type                               None 
_pdbx_modification_feature.category                           'Disulfide bridge' 
# 
_struct_sheet.id               AA1 
_struct_sheet.type             ? 
_struct_sheet.number_strands   4 
_struct_sheet.details          ? 
# 
loop_
_struct_sheet_order.sheet_id 
_struct_sheet_order.range_id_1 
_struct_sheet_order.range_id_2 
_struct_sheet_order.offset 
_struct_sheet_order.sense 
AA1 1 2 ? anti-parallel 
AA1 2 3 ? anti-parallel 
AA1 3 4 ? anti-parallel 
# 
loop_
_struct_sheet_range.sheet_id 
_struct_sheet_range.id 
_struct_sheet_range.beg_label_comp_id 
_struct_sheet_range.beg_label_asym_id 
_struct_sheet_range.beg_label_seq_id 
_struct_sheet_range.pdbx_beg_PDB_ins_code 
_struct_sheet_range.end_label_comp_id 
_struct_sheet_range.end_label_asym_id 
_struct_sheet_range.end_label_seq_id 
_struct_sheet_range.pdbx_end_PDB_ins_code 
_struct_sheet_range.beg_auth_comp_id 
_struct_sheet_range.beg_auth_asym_id 
_struct_sheet_range.beg_auth_seq_id 
_struct_sheet_range.end_auth_comp_id 
_struct_sheet_range.end_auth_asym_id 
_struct_sheet_range.end_auth_seq_id 
AA1 1 THR A 33 ? GLY A 39 ? THR A 33 GLY A 39 
AA1 2 GLU A 57 ? THR A 66 ? GLU A 57 THR A 66 
AA1 3 LYS A 3  ? GLU A 13 ? LYS A 3  GLU A 13 
AA1 4 GLY A 89 ? VAL A 98 ? GLY A 89 VAL A 98 
# 
loop_
_pdbx_struct_sheet_hbond.sheet_id 
_pdbx_struct_sheet_hbond.range_id_1 
_pdbx_struct_sheet_hbond.range_id_2 
_pdbx_struct_sheet_hbond.range_1_label_atom_id 
_pdbx_struct_sheet_hbond.range_1_label_comp_id 
_pdbx_struct_sheet_hbond.range_1_label_asym_id 
_pdbx_struct_sheet_hbond.range_1_label_seq_id 
_pdbx_struct_sheet_hbond.range_1_PDB_ins_code 
_pdbx_struct_sheet_hbond.range_1_auth_atom_id 
_pdbx_struct_sheet_hbond.range_1_auth_comp_id 
_pdbx_struct_sheet_hbond.range_1_auth_asym_id 
_pdbx_struct_sheet_hbond.range_1_auth_seq_id 
_pdbx_struct_sheet_hbond.range_2_label_atom_id 
_pdbx_struct_sheet_hbond.range_2_label_comp_id 
_pdbx_struct_sheet_hbond.range_2_label_asym_id 
_pdbx_struct_sheet_hbond.range_2_label_seq_id 
_pdbx_struct_sheet_hbond.range_2_PDB_ins_code 
_pdbx_struct_sheet_hbond.range_2_auth_atom_id 
_pdbx_struct_sheet_hbond.range_2_auth_comp_id 
_pdbx_struct_sheet_hbond.range_2_auth_asym_id 
_pdbx_struct_sheet_hbond.range_2_auth_seq_id 
AA1 1 2 N THR A 37 ? N THR A 37 O ASN A 59 ? O ASN A 59 
AA1 2 3 O ILE A 64 ? O ILE A 64 N LEU A 8  ? N LEU A 8  
AA1 3 4 N LYS A 7  ? N LYS A 7  O CYS A 94 ? O CYS A 94 
# 
_pdbx_entry_details.entry_id                   5O3S 
_pdbx_entry_details.compound_details           ? 
_pdbx_entry_details.source_details             ? 
_pdbx_entry_details.nonpolymer_details         ? 
_pdbx_entry_details.sequence_details           ? 
_pdbx_entry_details.has_ligand_of_interest     ? 
_pdbx_entry_details.has_protein_modification   Y 
# 
_pdbx_struct_special_symmetry.id              1 
_pdbx_struct_special_symmetry.PDB_model_num   1 
_pdbx_struct_special_symmetry.auth_asym_id    A 
_pdbx_struct_special_symmetry.auth_comp_id    HOH 
_pdbx_struct_special_symmetry.auth_seq_id     207 
_pdbx_struct_special_symmetry.PDB_ins_code    ? 
_pdbx_struct_special_symmetry.label_asym_id   B 
_pdbx_struct_special_symmetry.label_comp_id   HOH 
_pdbx_struct_special_symmetry.label_seq_id    . 
# 
_pdbx_refine_tls.pdbx_refine_id   'X-RAY DIFFRACTION' 
_pdbx_refine_tls.id               1 
_pdbx_refine_tls.details          ? 
_pdbx_refine_tls.method           refined 
_pdbx_refine_tls.origin_x         -0.1789 
_pdbx_refine_tls.origin_y         0.4738 
_pdbx_refine_tls.origin_z         0.2218 
_pdbx_refine_tls.T[1][1]          0.0983 
_pdbx_refine_tls.T[2][2]          0.1435 
_pdbx_refine_tls.T[3][3]          0.1355 
_pdbx_refine_tls.T[1][2]          -0.1122 
_pdbx_refine_tls.T[1][3]          0.0256 
_pdbx_refine_tls.T[2][3]          -0.0630 
_pdbx_refine_tls.L[1][1]          8.2722 
_pdbx_refine_tls.L[2][2]          6.6411 
_pdbx_refine_tls.L[3][3]          8.9908 
_pdbx_refine_tls.L[1][2]          -0.5024 
_pdbx_refine_tls.L[1][3]          -2.6664 
_pdbx_refine_tls.L[2][3]          3.1697 
_pdbx_refine_tls.S[1][1]          0.3297 
_pdbx_refine_tls.S[1][2]          -0.6797 
_pdbx_refine_tls.S[1][3]          0.6903 
_pdbx_refine_tls.S[2][1]          -0.2062 
_pdbx_refine_tls.S[2][2]          0.2238 
_pdbx_refine_tls.S[2][3]          -0.5865 
_pdbx_refine_tls.S[3][1]          -0.8178 
_pdbx_refine_tls.S[3][2]          0.9958 
_pdbx_refine_tls.S[3][3]          -0.5537 
# 
_pdbx_refine_tls_group.pdbx_refine_id      'X-RAY DIFFRACTION' 
_pdbx_refine_tls_group.id                  1 
_pdbx_refine_tls_group.refine_tls_id       1 
_pdbx_refine_tls_group.beg_auth_asym_id    A 
_pdbx_refine_tls_group.beg_auth_seq_id     2 
_pdbx_refine_tls_group.beg_label_asym_id   ? 
_pdbx_refine_tls_group.beg_label_seq_id    ? 
_pdbx_refine_tls_group.end_auth_asym_id    A 
_pdbx_refine_tls_group.end_auth_seq_id     111 
_pdbx_refine_tls_group.end_label_asym_id   ? 
_pdbx_refine_tls_group.end_label_seq_id    ? 
_pdbx_refine_tls_group.selection           ? 
_pdbx_refine_tls_group.selection_details   ? 
# 
loop_
_pdbx_unobs_or_zero_occ_residues.id 
_pdbx_unobs_or_zero_occ_residues.PDB_model_num 
_pdbx_unobs_or_zero_occ_residues.polymer_flag 
_pdbx_unobs_or_zero_occ_residues.occupancy_flag 
_pdbx_unobs_or_zero_occ_residues.auth_asym_id 
_pdbx_unobs_or_zero_occ_residues.auth_comp_id 
_pdbx_unobs_or_zero_occ_residues.auth_seq_id 
_pdbx_unobs_or_zero_occ_residues.PDB_ins_code 
_pdbx_unobs_or_zero_occ_residues.label_asym_id 
_pdbx_unobs_or_zero_occ_residues.label_comp_id 
_pdbx_unobs_or_zero_occ_residues.label_seq_id 
1  1 Y 1 A MET 1   ? A MET 1   
2  1 Y 1 A GLY 41  ? A GLY 41  
3  1 Y 1 A SER 42  ? A SER 42  
4  1 Y 1 A ARG 43  ? A ARG 43  
5  1 Y 1 A ASN 44  ? A ASN 44  
6  1 Y 1 A VAL 45  ? A VAL 45  
7  1 Y 1 A ARG 46  ? A ARG 46  
8  1 Y 1 A SER 47  ? A SER 47  
9  1 Y 1 A SER 48  ? A SER 48  
10 1 Y 1 A GLY 49  ? A GLY 49  
11 1 Y 1 A GLN 50  ? A GLN 50  
12 1 Y 1 A PRO 51  ? A PRO 51  
13 1 Y 1 A ASN 52  ? A ASN 52  
14 1 Y 1 A THR 53  ? A THR 53  
15 1 Y 1 A SER 54  ? A SER 54  
16 1 Y 1 A ASP 55  ? A ASP 55  
17 1 Y 1 A ALA 112 ? A ALA 112 
18 1 Y 1 A TRP 113 ? A TRP 113 
19 1 Y 1 A SER 114 ? A SER 114 
20 1 Y 1 A HIS 115 ? A HIS 115 
21 1 Y 1 A PRO 116 ? A PRO 116 
22 1 Y 1 A GLN 117 ? A GLN 117 
23 1 Y 1 A PHE 118 ? A PHE 118 
24 1 Y 1 A GLU 119 ? A GLU 119 
25 1 Y 1 A LYS 120 ? A LYS 120 
# 
loop_
_chem_comp_atom.comp_id 
_chem_comp_atom.atom_id 
_chem_comp_atom.type_symbol 
_chem_comp_atom.pdbx_aromatic_flag 
_chem_comp_atom.pdbx_stereo_config 
_chem_comp_atom.pdbx_ordinal 
ALA N    N N N 1   
ALA CA   C N S 2   
ALA C    C N N 3   
ALA O    O N N 4   
ALA CB   C N N 5   
ALA OXT  O N N 6   
ALA H    H N N 7   
ALA H2   H N N 8   
ALA HA   H N N 9   
ALA HB1  H N N 10  
ALA HB2  H N N 11  
ALA HB3  H N N 12  
ALA HXT  H N N 13  
ARG N    N N N 14  
ARG CA   C N S 15  
ARG C    C N N 16  
ARG O    O N N 17  
ARG CB   C N N 18  
ARG CG   C N N 19  
ARG CD   C N N 20  
ARG NE   N N N 21  
ARG CZ   C N N 22  
ARG NH1  N N N 23  
ARG NH2  N N N 24  
ARG OXT  O N N 25  
ARG H    H N N 26  
ARG H2   H N N 27  
ARG HA   H N N 28  
ARG HB2  H N N 29  
ARG HB3  H N N 30  
ARG HG2  H N N 31  
ARG HG3  H N N 32  
ARG HD2  H N N 33  
ARG HD3  H N N 34  
ARG HE   H N N 35  
ARG HH11 H N N 36  
ARG HH12 H N N 37  
ARG HH21 H N N 38  
ARG HH22 H N N 39  
ARG HXT  H N N 40  
ASN N    N N N 41  
ASN CA   C N S 42  
ASN C    C N N 43  
ASN O    O N N 44  
ASN CB   C N N 45  
ASN CG   C N N 46  
ASN OD1  O N N 47  
ASN ND2  N N N 48  
ASN OXT  O N N 49  
ASN H    H N N 50  
ASN H2   H N N 51  
ASN HA   H N N 52  
ASN HB2  H N N 53  
ASN HB3  H N N 54  
ASN HD21 H N N 55  
ASN HD22 H N N 56  
ASN HXT  H N N 57  
ASP N    N N N 58  
ASP CA   C N S 59  
ASP C    C N N 60  
ASP O    O N N 61  
ASP CB   C N N 62  
ASP CG   C N N 63  
ASP OD1  O N N 64  
ASP OD2  O N N 65  
ASP OXT  O N N 66  
ASP H    H N N 67  
ASP H2   H N N 68  
ASP HA   H N N 69  
ASP HB2  H N N 70  
ASP HB3  H N N 71  
ASP HD2  H N N 72  
ASP HXT  H N N 73  
CYS N    N N N 74  
CYS CA   C N R 75  
CYS C    C N N 76  
CYS O    O N N 77  
CYS CB   C N N 78  
CYS SG   S N N 79  
CYS OXT  O N N 80  
CYS H    H N N 81  
CYS H2   H N N 82  
CYS HA   H N N 83  
CYS HB2  H N N 84  
CYS HB3  H N N 85  
CYS HG   H N N 86  
CYS HXT  H N N 87  
GLN N    N N N 88  
GLN CA   C N S 89  
GLN C    C N N 90  
GLN O    O N N 91  
GLN CB   C N N 92  
GLN CG   C N N 93  
GLN CD   C N N 94  
GLN OE1  O N N 95  
GLN NE2  N N N 96  
GLN OXT  O N N 97  
GLN H    H N N 98  
GLN H2   H N N 99  
GLN HA   H N N 100 
GLN HB2  H N N 101 
GLN HB3  H N N 102 
GLN HG2  H N N 103 
GLN HG3  H N N 104 
GLN HE21 H N N 105 
GLN HE22 H N N 106 
GLN HXT  H N N 107 
GLU N    N N N 108 
GLU CA   C N S 109 
GLU C    C N N 110 
GLU O    O N N 111 
GLU CB   C N N 112 
GLU CG   C N N 113 
GLU CD   C N N 114 
GLU OE1  O N N 115 
GLU OE2  O N N 116 
GLU OXT  O N N 117 
GLU H    H N N 118 
GLU H2   H N N 119 
GLU HA   H N N 120 
GLU HB2  H N N 121 
GLU HB3  H N N 122 
GLU HG2  H N N 123 
GLU HG3  H N N 124 
GLU HE2  H N N 125 
GLU HXT  H N N 126 
GLY N    N N N 127 
GLY CA   C N N 128 
GLY C    C N N 129 
GLY O    O N N 130 
GLY OXT  O N N 131 
GLY H    H N N 132 
GLY H2   H N N 133 
GLY HA2  H N N 134 
GLY HA3  H N N 135 
GLY HXT  H N N 136 
HIS N    N N N 137 
HIS CA   C N S 138 
HIS C    C N N 139 
HIS O    O N N 140 
HIS CB   C N N 141 
HIS CG   C Y N 142 
HIS ND1  N Y N 143 
HIS CD2  C Y N 144 
HIS CE1  C Y N 145 
HIS NE2  N Y N 146 
HIS OXT  O N N 147 
HIS H    H N N 148 
HIS H2   H N N 149 
HIS HA   H N N 150 
HIS HB2  H N N 151 
HIS HB3  H N N 152 
HIS HD1  H N N 153 
HIS HD2  H N N 154 
HIS HE1  H N N 155 
HIS HE2  H N N 156 
HIS HXT  H N N 157 
HOH O    O N N 158 
HOH H1   H N N 159 
HOH H2   H N N 160 
ILE N    N N N 161 
ILE CA   C N S 162 
ILE C    C N N 163 
ILE O    O N N 164 
ILE CB   C N S 165 
ILE CG1  C N N 166 
ILE CG2  C N N 167 
ILE CD1  C N N 168 
ILE OXT  O N N 169 
ILE H    H N N 170 
ILE H2   H N N 171 
ILE HA   H N N 172 
ILE HB   H N N 173 
ILE HG12 H N N 174 
ILE HG13 H N N 175 
ILE HG21 H N N 176 
ILE HG22 H N N 177 
ILE HG23 H N N 178 
ILE HD11 H N N 179 
ILE HD12 H N N 180 
ILE HD13 H N N 181 
ILE HXT  H N N 182 
LEU N    N N N 183 
LEU CA   C N S 184 
LEU C    C N N 185 
LEU O    O N N 186 
LEU CB   C N N 187 
LEU CG   C N N 188 
LEU CD1  C N N 189 
LEU CD2  C N N 190 
LEU OXT  O N N 191 
LEU H    H N N 192 
LEU H2   H N N 193 
LEU HA   H N N 194 
LEU HB2  H N N 195 
LEU HB3  H N N 196 
LEU HG   H N N 197 
LEU HD11 H N N 198 
LEU HD12 H N N 199 
LEU HD13 H N N 200 
LEU HD21 H N N 201 
LEU HD22 H N N 202 
LEU HD23 H N N 203 
LEU HXT  H N N 204 
LYS N    N N N 205 
LYS CA   C N S 206 
LYS C    C N N 207 
LYS O    O N N 208 
LYS CB   C N N 209 
LYS CG   C N N 210 
LYS CD   C N N 211 
LYS CE   C N N 212 
LYS NZ   N N N 213 
LYS OXT  O N N 214 
LYS H    H N N 215 
LYS H2   H N N 216 
LYS HA   H N N 217 
LYS HB2  H N N 218 
LYS HB3  H N N 219 
LYS HG2  H N N 220 
LYS HG3  H N N 221 
LYS HD2  H N N 222 
LYS HD3  H N N 223 
LYS HE2  H N N 224 
LYS HE3  H N N 225 
LYS HZ1  H N N 226 
LYS HZ2  H N N 227 
LYS HZ3  H N N 228 
LYS HXT  H N N 229 
MET N    N N N 230 
MET CA   C N S 231 
MET C    C N N 232 
MET O    O N N 233 
MET CB   C N N 234 
MET CG   C N N 235 
MET SD   S N N 236 
MET CE   C N N 237 
MET OXT  O N N 238 
MET H    H N N 239 
MET H2   H N N 240 
MET HA   H N N 241 
MET HB2  H N N 242 
MET HB3  H N N 243 
MET HG2  H N N 244 
MET HG3  H N N 245 
MET HE1  H N N 246 
MET HE2  H N N 247 
MET HE3  H N N 248 
MET HXT  H N N 249 
PHE N    N N N 250 
PHE CA   C N S 251 
PHE C    C N N 252 
PHE O    O N N 253 
PHE CB   C N N 254 
PHE CG   C Y N 255 
PHE CD1  C Y N 256 
PHE CD2  C Y N 257 
PHE CE1  C Y N 258 
PHE CE2  C Y N 259 
PHE CZ   C Y N 260 
PHE OXT  O N N 261 
PHE H    H N N 262 
PHE H2   H N N 263 
PHE HA   H N N 264 
PHE HB2  H N N 265 
PHE HB3  H N N 266 
PHE HD1  H N N 267 
PHE HD2  H N N 268 
PHE HE1  H N N 269 
PHE HE2  H N N 270 
PHE HZ   H N N 271 
PHE HXT  H N N 272 
PRO N    N N N 273 
PRO CA   C N S 274 
PRO C    C N N 275 
PRO O    O N N 276 
PRO CB   C N N 277 
PRO CG   C N N 278 
PRO CD   C N N 279 
PRO OXT  O N N 280 
PRO H    H N N 281 
PRO HA   H N N 282 
PRO HB2  H N N 283 
PRO HB3  H N N 284 
PRO HG2  H N N 285 
PRO HG3  H N N 286 
PRO HD2  H N N 287 
PRO HD3  H N N 288 
PRO HXT  H N N 289 
SER N    N N N 290 
SER CA   C N S 291 
SER C    C N N 292 
SER O    O N N 293 
SER CB   C N N 294 
SER OG   O N N 295 
SER OXT  O N N 296 
SER H    H N N 297 
SER H2   H N N 298 
SER HA   H N N 299 
SER HB2  H N N 300 
SER HB3  H N N 301 
SER HG   H N N 302 
SER HXT  H N N 303 
THR N    N N N 304 
THR CA   C N S 305 
THR C    C N N 306 
THR O    O N N 307 
THR CB   C N R 308 
THR OG1  O N N 309 
THR CG2  C N N 310 
THR OXT  O N N 311 
THR H    H N N 312 
THR H2   H N N 313 
THR HA   H N N 314 
THR HB   H N N 315 
THR HG1  H N N 316 
THR HG21 H N N 317 
THR HG22 H N N 318 
THR HG23 H N N 319 
THR HXT  H N N 320 
TRP N    N N N 321 
TRP CA   C N S 322 
TRP C    C N N 323 
TRP O    O N N 324 
TRP CB   C N N 325 
TRP CG   C Y N 326 
TRP CD1  C Y N 327 
TRP CD2  C Y N 328 
TRP NE1  N Y N 329 
TRP CE2  C Y N 330 
TRP CE3  C Y N 331 
TRP CZ2  C Y N 332 
TRP CZ3  C Y N 333 
TRP CH2  C Y N 334 
TRP OXT  O N N 335 
TRP H    H N N 336 
TRP H2   H N N 337 
TRP HA   H N N 338 
TRP HB2  H N N 339 
TRP HB3  H N N 340 
TRP HD1  H N N 341 
TRP HE1  H N N 342 
TRP HE3  H N N 343 
TRP HZ2  H N N 344 
TRP HZ3  H N N 345 
TRP HH2  H N N 346 
TRP HXT  H N N 347 
TYR N    N N N 348 
TYR CA   C N S 349 
TYR C    C N N 350 
TYR O    O N N 351 
TYR CB   C N N 352 
TYR CG   C Y N 353 
TYR CD1  C Y N 354 
TYR CD2  C Y N 355 
TYR CE1  C Y N 356 
TYR CE2  C Y N 357 
TYR CZ   C Y N 358 
TYR OH   O N N 359 
TYR OXT  O N N 360 
TYR H    H N N 361 
TYR H2   H N N 362 
TYR HA   H N N 363 
TYR HB2  H N N 364 
TYR HB3  H N N 365 
TYR HD1  H N N 366 
TYR HD2  H N N 367 
TYR HE1  H N N 368 
TYR HE2  H N N 369 
TYR HH   H N N 370 
TYR HXT  H N N 371 
VAL N    N N N 372 
VAL CA   C N S 373 
VAL C    C N N 374 
VAL O    O N N 375 
VAL CB   C N N 376 
VAL CG1  C N N 377 
VAL CG2  C N N 378 
VAL OXT  O N N 379 
VAL H    H N N 380 
VAL H2   H N N 381 
VAL HA   H N N 382 
VAL HB   H N N 383 
VAL HG11 H N N 384 
VAL HG12 H N N 385 
VAL HG13 H N N 386 
VAL HG21 H N N 387 
VAL HG22 H N N 388 
VAL HG23 H N N 389 
VAL HXT  H N N 390 
# 
loop_
_chem_comp_bond.comp_id 
_chem_comp_bond.atom_id_1 
_chem_comp_bond.atom_id_2 
_chem_comp_bond.value_order 
_chem_comp_bond.pdbx_aromatic_flag 
_chem_comp_bond.pdbx_stereo_config 
_chem_comp_bond.pdbx_ordinal 
ALA N   CA   sing N N 1   
ALA N   H    sing N N 2   
ALA N   H2   sing N N 3   
ALA CA  C    sing N N 4   
ALA CA  CB   sing N N 5   
ALA CA  HA   sing N N 6   
ALA C   O    doub N N 7   
ALA C   OXT  sing N N 8   
ALA CB  HB1  sing N N 9   
ALA CB  HB2  sing N N 10  
ALA CB  HB3  sing N N 11  
ALA OXT HXT  sing N N 12  
ARG N   CA   sing N N 13  
ARG N   H    sing N N 14  
ARG N   H2   sing N N 15  
ARG CA  C    sing N N 16  
ARG CA  CB   sing N N 17  
ARG CA  HA   sing N N 18  
ARG C   O    doub N N 19  
ARG C   OXT  sing N N 20  
ARG CB  CG   sing N N 21  
ARG CB  HB2  sing N N 22  
ARG CB  HB3  sing N N 23  
ARG CG  CD   sing N N 24  
ARG CG  HG2  sing N N 25  
ARG CG  HG3  sing N N 26  
ARG CD  NE   sing N N 27  
ARG CD  HD2  sing N N 28  
ARG CD  HD3  sing N N 29  
ARG NE  CZ   sing N N 30  
ARG NE  HE   sing N N 31  
ARG CZ  NH1  sing N N 32  
ARG CZ  NH2  doub N N 33  
ARG NH1 HH11 sing N N 34  
ARG NH1 HH12 sing N N 35  
ARG NH2 HH21 sing N N 36  
ARG NH2 HH22 sing N N 37  
ARG OXT HXT  sing N N 38  
ASN N   CA   sing N N 39  
ASN N   H    sing N N 40  
ASN N   H2   sing N N 41  
ASN CA  C    sing N N 42  
ASN CA  CB   sing N N 43  
ASN CA  HA   sing N N 44  
ASN C   O    doub N N 45  
ASN C   OXT  sing N N 46  
ASN CB  CG   sing N N 47  
ASN CB  HB2  sing N N 48  
ASN CB  HB3  sing N N 49  
ASN CG  OD1  doub N N 50  
ASN CG  ND2  sing N N 51  
ASN ND2 HD21 sing N N 52  
ASN ND2 HD22 sing N N 53  
ASN OXT HXT  sing N N 54  
ASP N   CA   sing N N 55  
ASP N   H    sing N N 56  
ASP N   H2   sing N N 57  
ASP CA  C    sing N N 58  
ASP CA  CB   sing N N 59  
ASP CA  HA   sing N N 60  
ASP C   O    doub N N 61  
ASP C   OXT  sing N N 62  
ASP CB  CG   sing N N 63  
ASP CB  HB2  sing N N 64  
ASP CB  HB3  sing N N 65  
ASP CG  OD1  doub N N 66  
ASP CG  OD2  sing N N 67  
ASP OD2 HD2  sing N N 68  
ASP OXT HXT  sing N N 69  
CYS N   CA   sing N N 70  
CYS N   H    sing N N 71  
CYS N   H2   sing N N 72  
CYS CA  C    sing N N 73  
CYS CA  CB   sing N N 74  
CYS CA  HA   sing N N 75  
CYS C   O    doub N N 76  
CYS C   OXT  sing N N 77  
CYS CB  SG   sing N N 78  
CYS CB  HB2  sing N N 79  
CYS CB  HB3  sing N N 80  
CYS SG  HG   sing N N 81  
CYS OXT HXT  sing N N 82  
GLN N   CA   sing N N 83  
GLN N   H    sing N N 84  
GLN N   H2   sing N N 85  
GLN CA  C    sing N N 86  
GLN CA  CB   sing N N 87  
GLN CA  HA   sing N N 88  
GLN C   O    doub N N 89  
GLN C   OXT  sing N N 90  
GLN CB  CG   sing N N 91  
GLN CB  HB2  sing N N 92  
GLN CB  HB3  sing N N 93  
GLN CG  CD   sing N N 94  
GLN CG  HG2  sing N N 95  
GLN CG  HG3  sing N N 96  
GLN CD  OE1  doub N N 97  
GLN CD  NE2  sing N N 98  
GLN NE2 HE21 sing N N 99  
GLN NE2 HE22 sing N N 100 
GLN OXT HXT  sing N N 101 
GLU N   CA   sing N N 102 
GLU N   H    sing N N 103 
GLU N   H2   sing N N 104 
GLU CA  C    sing N N 105 
GLU CA  CB   sing N N 106 
GLU CA  HA   sing N N 107 
GLU C   O    doub N N 108 
GLU C   OXT  sing N N 109 
GLU CB  CG   sing N N 110 
GLU CB  HB2  sing N N 111 
GLU CB  HB3  sing N N 112 
GLU CG  CD   sing N N 113 
GLU CG  HG2  sing N N 114 
GLU CG  HG3  sing N N 115 
GLU CD  OE1  doub N N 116 
GLU CD  OE2  sing N N 117 
GLU OE2 HE2  sing N N 118 
GLU OXT HXT  sing N N 119 
GLY N   CA   sing N N 120 
GLY N   H    sing N N 121 
GLY N   H2   sing N N 122 
GLY CA  C    sing N N 123 
GLY CA  HA2  sing N N 124 
GLY CA  HA3  sing N N 125 
GLY C   O    doub N N 126 
GLY C   OXT  sing N N 127 
GLY OXT HXT  sing N N 128 
HIS N   CA   sing N N 129 
HIS N   H    sing N N 130 
HIS N   H2   sing N N 131 
HIS CA  C    sing N N 132 
HIS CA  CB   sing N N 133 
HIS CA  HA   sing N N 134 
HIS C   O    doub N N 135 
HIS C   OXT  sing N N 136 
HIS CB  CG   sing N N 137 
HIS CB  HB2  sing N N 138 
HIS CB  HB3  sing N N 139 
HIS CG  ND1  sing Y N 140 
HIS CG  CD2  doub Y N 141 
HIS ND1 CE1  doub Y N 142 
HIS ND1 HD1  sing N N 143 
HIS CD2 NE2  sing Y N 144 
HIS CD2 HD2  sing N N 145 
HIS CE1 NE2  sing Y N 146 
HIS CE1 HE1  sing N N 147 
HIS NE2 HE2  sing N N 148 
HIS OXT HXT  sing N N 149 
HOH O   H1   sing N N 150 
HOH O   H2   sing N N 151 
ILE N   CA   sing N N 152 
ILE N   H    sing N N 153 
ILE N   H2   sing N N 154 
ILE CA  C    sing N N 155 
ILE CA  CB   sing N N 156 
ILE CA  HA   sing N N 157 
ILE C   O    doub N N 158 
ILE C   OXT  sing N N 159 
ILE CB  CG1  sing N N 160 
ILE CB  CG2  sing N N 161 
ILE CB  HB   sing N N 162 
ILE CG1 CD1  sing N N 163 
ILE CG1 HG12 sing N N 164 
ILE CG1 HG13 sing N N 165 
ILE CG2 HG21 sing N N 166 
ILE CG2 HG22 sing N N 167 
ILE CG2 HG23 sing N N 168 
ILE CD1 HD11 sing N N 169 
ILE CD1 HD12 sing N N 170 
ILE CD1 HD13 sing N N 171 
ILE OXT HXT  sing N N 172 
LEU N   CA   sing N N 173 
LEU N   H    sing N N 174 
LEU N   H2   sing N N 175 
LEU CA  C    sing N N 176 
LEU CA  CB   sing N N 177 
LEU CA  HA   sing N N 178 
LEU C   O    doub N N 179 
LEU C   OXT  sing N N 180 
LEU CB  CG   sing N N 181 
LEU CB  HB2  sing N N 182 
LEU CB  HB3  sing N N 183 
LEU CG  CD1  sing N N 184 
LEU CG  CD2  sing N N 185 
LEU CG  HG   sing N N 186 
LEU CD1 HD11 sing N N 187 
LEU CD1 HD12 sing N N 188 
LEU CD1 HD13 sing N N 189 
LEU CD2 HD21 sing N N 190 
LEU CD2 HD22 sing N N 191 
LEU CD2 HD23 sing N N 192 
LEU OXT HXT  sing N N 193 
LYS N   CA   sing N N 194 
LYS N   H    sing N N 195 
LYS N   H2   sing N N 196 
LYS CA  C    sing N N 197 
LYS CA  CB   sing N N 198 
LYS CA  HA   sing N N 199 
LYS C   O    doub N N 200 
LYS C   OXT  sing N N 201 
LYS CB  CG   sing N N 202 
LYS CB  HB2  sing N N 203 
LYS CB  HB3  sing N N 204 
LYS CG  CD   sing N N 205 
LYS CG  HG2  sing N N 206 
LYS CG  HG3  sing N N 207 
LYS CD  CE   sing N N 208 
LYS CD  HD2  sing N N 209 
LYS CD  HD3  sing N N 210 
LYS CE  NZ   sing N N 211 
LYS CE  HE2  sing N N 212 
LYS CE  HE3  sing N N 213 
LYS NZ  HZ1  sing N N 214 
LYS NZ  HZ2  sing N N 215 
LYS NZ  HZ3  sing N N 216 
LYS OXT HXT  sing N N 217 
MET N   CA   sing N N 218 
MET N   H    sing N N 219 
MET N   H2   sing N N 220 
MET CA  C    sing N N 221 
MET CA  CB   sing N N 222 
MET CA  HA   sing N N 223 
MET C   O    doub N N 224 
MET C   OXT  sing N N 225 
MET CB  CG   sing N N 226 
MET CB  HB2  sing N N 227 
MET CB  HB3  sing N N 228 
MET CG  SD   sing N N 229 
MET CG  HG2  sing N N 230 
MET CG  HG3  sing N N 231 
MET SD  CE   sing N N 232 
MET CE  HE1  sing N N 233 
MET CE  HE2  sing N N 234 
MET CE  HE3  sing N N 235 
MET OXT HXT  sing N N 236 
PHE N   CA   sing N N 237 
PHE N   H    sing N N 238 
PHE N   H2   sing N N 239 
PHE CA  C    sing N N 240 
PHE CA  CB   sing N N 241 
PHE CA  HA   sing N N 242 
PHE C   O    doub N N 243 
PHE C   OXT  sing N N 244 
PHE CB  CG   sing N N 245 
PHE CB  HB2  sing N N 246 
PHE CB  HB3  sing N N 247 
PHE CG  CD1  doub Y N 248 
PHE CG  CD2  sing Y N 249 
PHE CD1 CE1  sing Y N 250 
PHE CD1 HD1  sing N N 251 
PHE CD2 CE2  doub Y N 252 
PHE CD2 HD2  sing N N 253 
PHE CE1 CZ   doub Y N 254 
PHE CE1 HE1  sing N N 255 
PHE CE2 CZ   sing Y N 256 
PHE CE2 HE2  sing N N 257 
PHE CZ  HZ   sing N N 258 
PHE OXT HXT  sing N N 259 
PRO N   CA   sing N N 260 
PRO N   CD   sing N N 261 
PRO N   H    sing N N 262 
PRO CA  C    sing N N 263 
PRO CA  CB   sing N N 264 
PRO CA  HA   sing N N 265 
PRO C   O    doub N N 266 
PRO C   OXT  sing N N 267 
PRO CB  CG   sing N N 268 
PRO CB  HB2  sing N N 269 
PRO CB  HB3  sing N N 270 
PRO CG  CD   sing N N 271 
PRO CG  HG2  sing N N 272 
PRO CG  HG3  sing N N 273 
PRO CD  HD2  sing N N 274 
PRO CD  HD3  sing N N 275 
PRO OXT HXT  sing N N 276 
SER N   CA   sing N N 277 
SER N   H    sing N N 278 
SER N   H2   sing N N 279 
SER CA  C    sing N N 280 
SER CA  CB   sing N N 281 
SER CA  HA   sing N N 282 
SER C   O    doub N N 283 
SER C   OXT  sing N N 284 
SER CB  OG   sing N N 285 
SER CB  HB2  sing N N 286 
SER CB  HB3  sing N N 287 
SER OG  HG   sing N N 288 
SER OXT HXT  sing N N 289 
THR N   CA   sing N N 290 
THR N   H    sing N N 291 
THR N   H2   sing N N 292 
THR CA  C    sing N N 293 
THR CA  CB   sing N N 294 
THR CA  HA   sing N N 295 
THR C   O    doub N N 296 
THR C   OXT  sing N N 297 
THR CB  OG1  sing N N 298 
THR CB  CG2  sing N N 299 
THR CB  HB   sing N N 300 
THR OG1 HG1  sing N N 301 
THR CG2 HG21 sing N N 302 
THR CG2 HG22 sing N N 303 
THR CG2 HG23 sing N N 304 
THR OXT HXT  sing N N 305 
TRP N   CA   sing N N 306 
TRP N   H    sing N N 307 
TRP N   H2   sing N N 308 
TRP CA  C    sing N N 309 
TRP CA  CB   sing N N 310 
TRP CA  HA   sing N N 311 
TRP C   O    doub N N 312 
TRP C   OXT  sing N N 313 
TRP CB  CG   sing N N 314 
TRP CB  HB2  sing N N 315 
TRP CB  HB3  sing N N 316 
TRP CG  CD1  doub Y N 317 
TRP CG  CD2  sing Y N 318 
TRP CD1 NE1  sing Y N 319 
TRP CD1 HD1  sing N N 320 
TRP CD2 CE2  doub Y N 321 
TRP CD2 CE3  sing Y N 322 
TRP NE1 CE2  sing Y N 323 
TRP NE1 HE1  sing N N 324 
TRP CE2 CZ2  sing Y N 325 
TRP CE3 CZ3  doub Y N 326 
TRP CE3 HE3  sing N N 327 
TRP CZ2 CH2  doub Y N 328 
TRP CZ2 HZ2  sing N N 329 
TRP CZ3 CH2  sing Y N 330 
TRP CZ3 HZ3  sing N N 331 
TRP CH2 HH2  sing N N 332 
TRP OXT HXT  sing N N 333 
TYR N   CA   sing N N 334 
TYR N   H    sing N N 335 
TYR N   H2   sing N N 336 
TYR CA  C    sing N N 337 
TYR CA  CB   sing N N 338 
TYR CA  HA   sing N N 339 
TYR C   O    doub N N 340 
TYR C   OXT  sing N N 341 
TYR CB  CG   sing N N 342 
TYR CB  HB2  sing N N 343 
TYR CB  HB3  sing N N 344 
TYR CG  CD1  doub Y N 345 
TYR CG  CD2  sing Y N 346 
TYR CD1 CE1  sing Y N 347 
TYR CD1 HD1  sing N N 348 
TYR CD2 CE2  doub Y N 349 
TYR CD2 HD2  sing N N 350 
TYR CE1 CZ   doub Y N 351 
TYR CE1 HE1  sing N N 352 
TYR CE2 CZ   sing Y N 353 
TYR CE2 HE2  sing N N 354 
TYR CZ  OH   sing N N 355 
TYR OH  HH   sing N N 356 
TYR OXT HXT  sing N N 357 
VAL N   CA   sing N N 358 
VAL N   H    sing N N 359 
VAL N   H2   sing N N 360 
VAL CA  C    sing N N 361 
VAL CA  CB   sing N N 362 
VAL CA  HA   sing N N 363 
VAL C   O    doub N N 364 
VAL C   OXT  sing N N 365 
VAL CB  CG1  sing N N 366 
VAL CB  CG2  sing N N 367 
VAL CB  HB   sing N N 368 
VAL CG1 HG11 sing N N 369 
VAL CG1 HG12 sing N N 370 
VAL CG1 HG13 sing N N 371 
VAL CG2 HG21 sing N N 372 
VAL CG2 HG22 sing N N 373 
VAL CG2 HG23 sing N N 374 
VAL OXT HXT  sing N N 375 
# 
_pdbx_audit_support.funding_organization   DAAD/DFG 
_pdbx_audit_support.country                Germany 
_pdbx_audit_support.grant_number           ? 
_pdbx_audit_support.ordinal                1 
# 
_pdbx_initial_refinement_model.id               1 
_pdbx_initial_refinement_model.entity_id_list   ? 
_pdbx_initial_refinement_model.type             'experimental model' 
_pdbx_initial_refinement_model.source_name      PDB 
_pdbx_initial_refinement_model.accession_code   5O3P 
_pdbx_initial_refinement_model.details          ? 
# 
_atom_sites.entry_id                    5O3S 
_atom_sites.fract_transf_matrix[1][1]   -0.02033796 
_atom_sites.fract_transf_matrix[1][2]   -0.00377455 
_atom_sites.fract_transf_matrix[1][3]   0.00970649 
_atom_sites.fract_transf_matrix[2][1]   -0.01557772 
_atom_sites.fract_transf_matrix[2][2]   -0.01281937 
_atom_sites.fract_transf_matrix[2][3]   -0.01072944 
_atom_sites.fract_transf_matrix[3][1]   0.00561589 
_atom_sites.fract_transf_matrix[3][2]   -0.01257882 
_atom_sites.fract_transf_matrix[3][3]   0.00687545 
_atom_sites.fract_transf_vector[1]      0.177129 
_atom_sites.fract_transf_vector[2]      0.402622 
_atom_sites.fract_transf_vector[3]      0.010291 
# 
loop_
_atom_type.symbol 
C 
N 
O 
S 
# 
loop_
_atom_site.group_PDB 
_atom_site.id 
_atom_site.type_symbol 
_atom_site.label_atom_id 
_atom_site.label_alt_id 
_atom_site.label_comp_id 
_atom_site.label_asym_id 
_atom_site.label_entity_id 
_atom_site.label_seq_id 
_atom_site.pdbx_PDB_ins_code 
_atom_site.Cartn_x 
_atom_site.Cartn_y 
_atom_site.Cartn_z 
_atom_site.occupancy 
_atom_site.B_iso_or_equiv 
_atom_site.pdbx_formal_charge 
_atom_site.auth_seq_id 
_atom_site.auth_comp_id 
_atom_site.auth_asym_id 
_atom_site.auth_atom_id 
_atom_site.pdbx_PDB_model_num 
ATOM   1   N N   . ALA A 1 2   ? 7.676   -17.104 -9.980  1.00 83.09  ? 2   ALA A N   1 
ATOM   2   C CA  . ALA A 1 2   ? 6.811   -17.106 -8.761  1.00 79.81  ? 2   ALA A CA  1 
ATOM   3   C C   . ALA A 1 2   ? 7.539   -16.489 -7.568  1.00 79.06  ? 2   ALA A C   1 
ATOM   4   O O   . ALA A 1 2   ? 8.084   -17.202 -6.722  1.00 82.83  ? 2   ALA A O   1 
ATOM   5   C CB  . ALA A 1 2   ? 6.351   -18.522 -8.436  1.00 83.26  ? 2   ALA A CB  1 
ATOM   6   N N   . LYS A 1 3   ? 7.551   -15.159 -7.522  1.00 74.73  ? 3   LYS A N   1 
ATOM   7   C CA  . LYS A 1 3   ? 8.149   -14.414 -6.416  1.00 73.79  ? 3   LYS A CA  1 
ATOM   8   C C   . LYS A 1 3   ? 7.060   -14.064 -5.400  1.00 69.23  ? 3   LYS A C   1 
ATOM   9   O O   . LYS A 1 3   ? 6.134   -13.322 -5.731  1.00 65.02  ? 3   LYS A O   1 
ATOM   10  C CB  . LYS A 1 3   ? 8.810   -13.133 -6.935  1.00 72.99  ? 3   LYS A CB  1 
ATOM   11  C CG  . LYS A 1 3   ? 9.486   -12.299 -5.860  1.00 73.45  ? 3   LYS A CG  1 
ATOM   12  N N   . PRO A 1 4   ? 7.154   -14.602 -4.165  1.00 70.65  ? 4   PRO A N   1 
ATOM   13  C CA  . PRO A 1 4   ? 6.150   -14.262 -3.149  1.00 67.02  ? 4   PRO A CA  1 
ATOM   14  C C   . PRO A 1 4   ? 6.155   -12.778 -2.791  1.00 63.50  ? 4   PRO A C   1 
ATOM   15  O O   . PRO A 1 4   ? 7.192   -12.121 -2.891  1.00 65.38  ? 4   PRO A O   1 
ATOM   16  C CB  . PRO A 1 4   ? 6.565   -15.105 -1.935  1.00 71.47  ? 4   PRO A CB  1 
ATOM   17  C CG  . PRO A 1 4   ? 7.429   -16.188 -2.481  1.00 76.77  ? 4   PRO A CG  1 
ATOM   18  C CD  . PRO A 1 4   ? 8.128   -15.588 -3.661  1.00 76.41  ? 4   PRO A CD  1 
ATOM   19  N N   . ALA A 1 5   ? 5.000   -12.263 -2.382  1.00 59.41  ? 5   ALA A N   1 
ATOM   20  C CA  . ALA A 1 5   ? 4.858   -10.846 -2.059  1.00 56.58  ? 5   ALA A CA  1 
ATOM   21  C C   . ALA A 1 5   ? 3.764   -10.608 -1.028  1.00 54.01  ? 5   ALA A C   1 
ATOM   22  O O   . ALA A 1 5   ? 2.903   -11.461 -0.808  1.00 53.84  ? 5   ALA A O   1 
ATOM   23  C CB  . ALA A 1 5   ? 4.567   -10.048 -3.321  1.00 54.04  ? 5   ALA A CB  1 
ATOM   24  N N   . ASN A 1 6   ? 3.816   -9.436  -0.399  1.00 52.95  ? 6   ASN A N   1 
ATOM   25  C CA  . ASN A 1 6   ? 2.813   -9.009  0.568   1.00 51.14  ? 6   ASN A CA  1 
ATOM   26  C C   . ASN A 1 6   ? 2.002   -7.856  -0.005  1.00 47.34  ? 6   ASN A C   1 
ATOM   27  O O   . ASN A 1 6   ? 2.549   -6.782  -0.265  1.00 47.69  ? 6   ASN A O   1 
ATOM   28  C CB  . ASN A 1 6   ? 3.487   -8.563  1.866   1.00 54.25  ? 6   ASN A CB  1 
ATOM   29  C CG  . ASN A 1 6   ? 3.959   -9.731  2.714   1.00 58.96  ? 6   ASN A CG  1 
ATOM   30  O OD1 . ASN A 1 6   ? 3.149   -10.491 3.248   1.00 59.61  ? 6   ASN A OD1 1 
ATOM   31  N ND2 . ASN A 1 6   ? 5.275   -9.871  2.855   1.00 63.12  ? 6   ASN A ND2 1 
ATOM   32  N N   . LYS A 1 7   ? 0.707   -8.081  -0.209  1.00 44.40  ? 7   LYS A N   1 
ATOM   33  C CA  . LYS A 1 7   ? -0.182  -7.043  -0.725  1.00 41.73  ? 7   LYS A CA  1 
ATOM   34  C C   . LYS A 1 7   ? -0.769  -6.231  0.427   1.00 40.86  ? 7   LYS A C   1 
ATOM   35  O O   . LYS A 1 7   ? -1.678  -6.688  1.119   1.00 40.39  ? 7   LYS A O   1 
ATOM   36  C CB  . LYS A 1 7   ? -1.308  -7.662  -1.561  1.00 40.94  ? 7   LYS A CB  1 
ATOM   37  C CG  . LYS A 1 7   ? -2.135  -6.643  -2.331  1.00 39.55  ? 7   LYS A CG  1 
ATOM   38  C CD  . LYS A 1 7   ? -3.451  -7.228  -2.809  1.00 39.68  ? 7   LYS A CD  1 
ATOM   39  C CE  . LYS A 1 7   ? -4.337  -6.153  -3.414  1.00 39.36  ? 7   LYS A CE  1 
ATOM   40  N NZ  . LYS A 1 7   ? -5.681  -6.685  -3.760  1.00 40.17  ? 7   LYS A NZ  1 
ATOM   41  N N   . LEU A 1 8   ? -0.239  -5.027  0.621   1.00 40.83  ? 8   LEU A N   1 
ATOM   42  C CA  . LEU A 1 8   ? -0.725  -4.110  1.644   1.00 40.74  ? 8   LEU A CA  1 
ATOM   43  C C   . LEU A 1 8   ? -1.847  -3.258  1.065   1.00 39.01  ? 8   LEU A C   1 
ATOM   44  O O   . LEU A 1 8   ? -1.686  -2.673  -0.007  1.00 38.80  ? 8   LEU A O   1 
ATOM   45  C CB  . LEU A 1 8   ? 0.414   -3.206  2.125   1.00 43.17  ? 8   LEU A CB  1 
ATOM   46  C CG  . LEU A 1 8   ? 0.093   -2.181  3.219   1.00 44.31  ? 8   LEU A CG  1 
ATOM   47  C CD1 . LEU A 1 8   ? -0.242  -2.873  4.531   1.00 45.42  ? 8   LEU A CD1 1 
ATOM   48  C CD2 . LEU A 1 8   ? 1.257   -1.220  3.402   1.00 47.26  ? 8   LEU A CD2 1 
ATOM   49  N N   . VAL A 1 9   ? -2.971  -3.189  1.776   1.00 38.34  ? 9   VAL A N   1 
ATOM   50  C CA  . VAL A 1 9   ? -4.120  -2.387  1.350   1.00 37.12  ? 9   VAL A CA  1 
ATOM   51  C C   . VAL A 1 9   ? -4.450  -1.343  2.413   1.00 38.39  ? 9   VAL A C   1 
ATOM   52  O O   . VAL A 1 9   ? -4.564  -1.668  3.592   1.00 38.57  ? 9   VAL A O   1 
ATOM   53  C CB  . VAL A 1 9   ? -5.367  -3.259  1.099   1.00 36.16  ? 9   VAL A CB  1 
ATOM   54  C CG1 . VAL A 1 9   ? -6.530  -2.403  0.610   1.00 36.20  ? 9   VAL A CG1 1 
ATOM   55  C CG2 . VAL A 1 9   ? -5.056  -4.366  0.100   1.00 35.39  ? 9   VAL A CG2 1 
ATOM   56  N N   . ILE A 1 10  ? -4.601  -0.092  1.980   1.00 39.14  ? 10  ILE A N   1 
ATOM   57  C CA  . ILE A 1 10  ? -4.937  1.014   2.868   1.00 41.14  ? 10  ILE A CA  1 
ATOM   58  C C   . ILE A 1 10  ? -6.178  1.716   2.338   1.00 41.95  ? 10  ILE A C   1 
ATOM   59  O O   . ILE A 1 10  ? -6.150  2.280   1.244   1.00 41.98  ? 10  ILE A O   1 
ATOM   60  C CB  . ILE A 1 10  ? -3.797  2.056   2.950   1.00 43.50  ? 10  ILE A CB  1 
ATOM   61  C CG1 . ILE A 1 10  ? -2.483  1.398   3.388   1.00 44.03  ? 10  ILE A CG1 1 
ATOM   62  C CG2 . ILE A 1 10  ? -4.173  3.193   3.899   1.00 46.13  ? 10  ILE A CG2 1 
ATOM   63  C CD1 . ILE A 1 10  ? -1.267  2.283   3.209   1.00 46.67  ? 10  ILE A CD1 1 
ATOM   64  N N   . VAL A 1 11  ? -7.261  1.676   3.111   1.00 43.13  ? 11  VAL A N   1 
ATOM   65  C CA  . VAL A 1 11  ? -8.473  2.420   2.789   1.00 44.92  ? 11  VAL A CA  1 
ATOM   66  C C   . VAL A 1 11  ? -8.652  3.508   3.838   1.00 48.68  ? 11  VAL A C   1 
ATOM   67  O O   . VAL A 1 11  ? -8.608  3.231   5.037   1.00 49.16  ? 11  VAL A O   1 
ATOM   68  C CB  . VAL A 1 11  ? -9.721  1.517   2.779   1.00 44.31  ? 11  VAL A CB  1 
ATOM   69  C CG1 . VAL A 1 11  ? -10.910 2.262   2.186   1.00 46.35  ? 11  VAL A CG1 1 
ATOM   70  C CG2 . VAL A 1 11  ? -9.445  0.234   2.006   1.00 41.92  ? 11  VAL A CG2 1 
ATOM   71  N N   . THR A 1 12  ? -8.851  4.743   3.384   1.00 51.75  ? 12  THR A N   1 
ATOM   72  C CA  . THR A 1 12  ? -8.937  5.893   4.282   1.00 55.56  ? 12  THR A CA  1 
ATOM   73  C C   . THR A 1 12  ? -9.533  7.101   3.557   1.00 58.98  ? 12  THR A C   1 
ATOM   74  O O   . THR A 1 12  ? -9.913  7.000   2.392   1.00 58.35  ? 12  THR A O   1 
ATOM   75  C CB  . THR A 1 12  ? -7.550  6.247   4.862   1.00 56.79  ? 12  THR A CB  1 
ATOM   76  O OG1 . THR A 1 12  ? -7.671  7.320   5.806   1.00 61.00  ? 12  THR A OG1 1 
ATOM   77  C CG2 . THR A 1 12  ? -6.575  6.642   3.756   1.00 57.16  ? 12  THR A CG2 1 
ATOM   78  N N   . GLU A 1 13  ? -9.593  8.238   4.245   1.00 63.32  ? 13  GLU A N   1 
ATOM   79  C CA  . GLU A 1 13  ? -10.253 9.436   3.716   1.00 68.14  ? 13  GLU A CA  1 
ATOM   80  C C   . GLU A 1 13  ? -9.463  10.065  2.565   1.00 69.89  ? 13  GLU A C   1 
ATOM   81  O O   . GLU A 1 13  ? -8.233  9.985   2.525   1.00 68.88  ? 13  GLU A O   1 
ATOM   82  C CB  . GLU A 1 13  ? -10.481 10.457  4.835   1.00 72.66  ? 13  GLU A CB  1 
ATOM   83  C CG  . GLU A 1 13  ? -11.306 9.913   5.994   1.00 72.31  ? 13  GLU A CG  1 
ATOM   84  C CD  . GLU A 1 13  ? -11.685 10.978  7.000   1.00 77.72  ? 13  GLU A CD  1 
ATOM   85  O OE1 . GLU A 1 13  ? -12.381 11.939  6.615   1.00 82.22  ? 13  GLU A OE1 1 
ATOM   86  O OE2 . GLU A 1 13  ? -11.296 10.847  8.180   1.00 78.33  ? 13  GLU A OE2 1 
ATOM   87  N N   . LYS A 1 14  ? -10.189 10.694  1.642   1.00 73.39  ? 14  LYS A N   1 
ATOM   88  C CA  . LYS A 1 14  ? -9.624  11.191  0.380   1.00 75.73  ? 14  LYS A CA  1 
ATOM   89  C C   . LYS A 1 14  ? -8.550  12.270  0.551   1.00 79.53  ? 14  LYS A C   1 
ATOM   90  O O   . LYS A 1 14  ? -7.633  12.368  -0.266  1.00 80.00  ? 14  LYS A O   1 
ATOM   91  C CB  . LYS A 1 14  ? -10.747 11.724  -0.519  1.00 80.06  ? 14  LYS A CB  1 
ATOM   92  C CG  . LYS A 1 14  ? -10.314 12.062  -1.939  1.00 82.71  ? 14  LYS A CG  1 
ATOM   93  C CD  . LYS A 1 14  ? -11.498 12.430  -2.819  1.00 87.37  ? 14  LYS A CD  1 
ATOM   94  C CE  . LYS A 1 14  ? -12.294 11.204  -3.244  1.00 83.85  ? 14  LYS A CE  1 
ATOM   95  N NZ  . LYS A 1 14  ? -13.397 11.555  -4.181  1.00 89.18  ? 14  LYS A NZ  1 
ATOM   96  N N   . ILE A 1 15  ? -8.668  13.076  1.603   1.00 83.13  ? 15  ILE A N   1 
ATOM   97  C CA  . ILE A 1 15  ? -7.734  14.182  1.843   1.00 88.29  ? 15  ILE A CA  1 
ATOM   98  C C   . ILE A 1 15  ? -6.279  13.715  1.996   1.00 85.80  ? 15  ILE A C   1 
ATOM   99  O O   . ILE A 1 15  ? -5.355  14.419  1.588   1.00 89.61  ? 15  ILE A O   1 
ATOM   100 C CB  . ILE A 1 15  ? -8.161  15.016  3.080   1.00 92.69  ? 15  ILE A CB  1 
ATOM   101 C CG1 . ILE A 1 15  ? -7.411  16.355  3.137   1.00 99.95  ? 15  ILE A CG1 1 
ATOM   102 C CG2 . ILE A 1 15  ? -7.958  14.234  4.374   1.00 88.98  ? 15  ILE A CG2 1 
ATOM   103 C CD1 . ILE A 1 15  ? -7.714  17.289  1.984   1.00 105.54 ? 15  ILE A CD1 1 
ATOM   104 N N   . LEU A 1 16  ? -6.083  12.523  2.558   1.00 80.19  ? 16  LEU A N   1 
ATOM   105 C CA  . LEU A 1 16  ? -4.740  12.010  2.850   1.00 78.46  ? 16  LEU A CA  1 
ATOM   106 C C   . LEU A 1 16  ? -3.981  11.451  1.637   1.00 76.36  ? 16  LEU A C   1 
ATOM   107 O O   . LEU A 1 16  ? -2.830  11.032  1.778   1.00 75.75  ? 16  LEU A O   1 
ATOM   108 C CB  . LEU A 1 16  ? -4.820  10.934  3.940   1.00 74.16  ? 16  LEU A CB  1 
ATOM   109 C CG  . LEU A 1 16  ? -5.352  11.395  5.301   1.00 76.60  ? 16  LEU A CG  1 
ATOM   110 C CD1 . LEU A 1 16  ? -5.748  10.204  6.159   1.00 72.51  ? 16  LEU A CD1 1 
ATOM   111 C CD2 . LEU A 1 16  ? -4.324  12.254  6.020   1.00 81.66  ? 16  LEU A CD2 1 
ATOM   112 N N   . LEU A 1 17  ? -4.611  11.446  0.461   1.00 76.09  ? 17  LEU A N   1 
ATOM   113 C CA  . LEU A 1 17  ? -3.998  10.912  -0.765  1.00 74.57  ? 17  LEU A CA  1 
ATOM   114 C C   . LEU A 1 17  ? -2.520  11.275  -0.906  1.00 77.35  ? 17  LEU A C   1 
ATOM   115 O O   . LEU A 1 17  ? -1.664  10.394  -0.987  1.00 74.10  ? 17  LEU A O   1 
ATOM   116 C CB  . LEU A 1 17  ? -4.771  11.404  -1.995  1.00 77.29  ? 17  LEU A CB  1 
ATOM   117 C CG  . LEU A 1 17  ? -4.192  11.107  -3.386  1.00 77.64  ? 17  LEU A CG  1 
ATOM   118 C CD1 . LEU A 1 17  ? -3.857  9.632   -3.561  1.00 71.52  ? 17  LEU A CD1 1 
ATOM   119 C CD2 . LEU A 1 17  ? -5.164  11.569  -4.462  1.00 81.06  ? 17  LEU A CD2 1 
ATOM   120 N N   . LYS A 1 18  ? -2.232  12.573  -0.932  1.00 84.20  ? 18  LYS A N   1 
ATOM   121 C CA  . LYS A 1 18  ? -0.862  13.062  -1.099  1.00 88.35  ? 18  LYS A CA  1 
ATOM   122 C C   . LYS A 1 18  ? 0.018   12.711  0.099   1.00 87.73  ? 18  LYS A C   1 
ATOM   123 O O   . LYS A 1 18  ? 1.188   12.364  -0.066  1.00 87.86  ? 18  LYS A O   1 
ATOM   124 C CB  . LYS A 1 18  ? -0.857  14.577  -1.324  1.00 96.33  ? 18  LYS A CB  1 
ATOM   125 C CG  . LYS A 1 18  ? -1.548  15.016  -2.606  1.00 98.95  ? 18  LYS A CG  1 
ATOM   126 N N   . LYS A 1 19  ? -0.554  12.803  1.299   1.00 87.68  ? 19  LYS A N   1 
ATOM   127 C CA  . LYS A 1 19  ? 0.163   12.491  2.535   1.00 87.94  ? 19  LYS A CA  1 
ATOM   128 C C   . LYS A 1 19  ? 0.597   11.028  2.593   1.00 82.42  ? 19  LYS A C   1 
ATOM   129 O O   . LYS A 1 19  ? 1.713   10.722  3.010   1.00 83.37  ? 19  LYS A O   1 
ATOM   130 C CB  . LYS A 1 19  ? -0.708  12.816  3.752   1.00 88.57  ? 19  LYS A CB  1 
ATOM   131 N N   . ILE A 1 20  ? -0.290  10.131  2.172   1.00 77.81  ? 20  ILE A N   1 
ATOM   132 C CA  . ILE A 1 20  ? -0.010  8.695   2.187   1.00 73.26  ? 20  ILE A CA  1 
ATOM   133 C C   . ILE A 1 20  ? 0.869   8.295   1.002   1.00 73.18  ? 20  ILE A C   1 
ATOM   134 O O   . ILE A 1 20  ? 1.765   7.461   1.147   1.00 72.49  ? 20  ILE A O   1 
ATOM   135 C CB  . ILE A 1 20  ? -1.315  7.868   2.189   1.00 68.47  ? 20  ILE A CB  1 
ATOM   136 C CG1 . ILE A 1 20  ? -2.134  8.188   3.444   1.00 69.11  ? 20  ILE A CG1 1 
ATOM   137 C CG2 . ILE A 1 20  ? -1.013  6.373   2.126   1.00 64.27  ? 20  ILE A CG2 1 
ATOM   138 C CD1 . ILE A 1 20  ? -3.598  7.846   3.315   1.00 66.66  ? 20  ILE A CD1 1 
ATOM   139 N N   . ALA A 1 21  ? 0.613   8.890   -0.162  1.00 74.74  ? 21  ALA A N   1 
ATOM   140 C CA  . ALA A 1 21  ? 1.433   8.653   -1.352  1.00 75.42  ? 21  ALA A CA  1 
ATOM   141 C C   . ALA A 1 21  ? 2.893   9.021   -1.102  1.00 79.88  ? 21  ALA A C   1 
ATOM   142 O O   . ALA A 1 21  ? 3.802   8.329   -1.560  1.00 79.43  ? 21  ALA A O   1 
ATOM   143 C CB  . ALA A 1 21  ? 0.887   9.435   -2.536  1.00 77.94  ? 21  ALA A CB  1 
ATOM   144 N N   . LYS A 1 22  ? 3.107   10.115  -0.374  1.00 85.07  ? 22  LYS A N   1 
ATOM   145 C CA  . LYS A 1 22  ? 4.450   10.564  -0.015  1.00 90.62  ? 22  LYS A CA  1 
ATOM   146 C C   . LYS A 1 22  ? 5.153   9.560   0.903   1.00 88.83  ? 22  LYS A C   1 
ATOM   147 O O   . LYS A 1 22  ? 6.348   9.314   0.753   1.00 91.55  ? 22  LYS A O   1 
ATOM   148 C CB  . LYS A 1 22  ? 4.386   11.938  0.656   1.00 96.59  ? 22  LYS A CB  1 
ATOM   149 C CG  . LYS A 1 22  ? 5.736   12.616  0.826   1.00 104.01 ? 22  LYS A CG  1 
ATOM   150 C CD  . LYS A 1 22  ? 5.578   14.051  1.309   1.00 110.56 ? 22  LYS A CD  1 
ATOM   151 C CE  . LYS A 1 22  ? 6.906   14.791  1.292   1.00 118.82 ? 22  LYS A CE  1 
ATOM   152 N NZ  . LYS A 1 22  ? 7.922   14.150  2.171   1.00 119.57 ? 22  LYS A NZ  1 
ATOM   153 N N   . ILE A 1 23  ? 4.406   8.985   1.843   1.00 84.98  ? 23  ILE A N   1 
ATOM   154 C CA  . ILE A 1 23  ? 4.950   8.000   2.786   1.00 83.65  ? 23  ILE A CA  1 
ATOM   155 C C   . ILE A 1 23  ? 5.344   6.696   2.087   1.00 79.67  ? 23  ILE A C   1 
ATOM   156 O O   . ILE A 1 23  ? 6.383   6.111   2.403   1.00 81.80  ? 23  ILE A O   1 
ATOM   157 C CB  . ILE A 1 23  ? 3.944   7.691   3.920   1.00 81.23  ? 23  ILE A CB  1 
ATOM   158 C CG1 . ILE A 1 23  ? 3.745   8.927   4.804   1.00 85.95  ? 23  ILE A CG1 1 
ATOM   159 C CG2 . ILE A 1 23  ? 4.423   6.521   4.776   1.00 80.30  ? 23  ILE A CG2 1 
ATOM   160 C CD1 . ILE A 1 23  ? 2.454   8.918   5.596   1.00 83.58  ? 23  ILE A CD1 1 
ATOM   161 N N   . ILE A 1 24  ? 4.514   6.248   1.147   1.00 74.55  ? 24  ILE A N   1 
ATOM   162 C CA  . ILE A 1 24  ? 4.772   5.011   0.402   1.00 70.92  ? 24  ILE A CA  1 
ATOM   163 C C   . ILE A 1 24  ? 6.081   5.103   -0.390  1.00 74.42  ? 24  ILE A C   1 
ATOM   164 O O   . ILE A 1 24  ? 6.850   4.142   -0.440  1.00 73.67  ? 24  ILE A O   1 
ATOM   165 C CB  . ILE A 1 24  ? 3.600   4.668   -0.549  1.00 66.52  ? 24  ILE A CB  1 
ATOM   166 C CG1 . ILE A 1 24  ? 2.354   4.286   0.259   1.00 62.92  ? 24  ILE A CG1 1 
ATOM   167 C CG2 . ILE A 1 24  ? 3.968   3.521   -1.485  1.00 64.60  ? 24  ILE A CG2 1 
ATOM   168 C CD1 . ILE A 1 24  ? 1.065   4.342   -0.536  1.00 60.28  ? 24  ILE A CD1 1 
ATOM   169 N N   . ASP A 1 25  ? 6.326   6.264   -0.994  1.00 78.63  ? 25  ASP A N   1 
ATOM   170 C CA  . ASP A 1 25  ? 7.545   6.497   -1.774  1.00 83.55  ? 25  ASP A CA  1 
ATOM   171 C C   . ASP A 1 25  ? 8.807   6.439   -0.910  1.00 87.68  ? 25  ASP A C   1 
ATOM   172 O O   . ASP A 1 25  ? 9.853   5.971   -1.363  1.00 90.03  ? 25  ASP A O   1 
ATOM   173 C CB  . ASP A 1 25  ? 7.481   7.857   -2.483  1.00 88.27  ? 25  ASP A CB  1 
ATOM   174 C CG  . ASP A 1 25  ? 6.312   7.967   -3.453  1.00 85.64  ? 25  ASP A CG  1 
ATOM   175 O OD1 . ASP A 1 25  ? 5.794   6.922   -3.902  1.00 80.63  ? 25  ASP A OD1 1 
ATOM   176 O OD2 . ASP A 1 25  ? 5.910   9.106   -3.765  1.00 89.35  ? 25  ASP A OD2 1 
ATOM   177 N N   . GLU A 1 26  ? 8.699   6.909   0.332   1.00 89.15  ? 26  GLU A N   1 
ATOM   178 C CA  . GLU A 1 26  ? 9.839   6.969   1.251   1.00 94.35  ? 26  GLU A CA  1 
ATOM   179 C C   . GLU A 1 26  ? 10.129  5.643   1.964   1.00 92.05  ? 26  GLU A C   1 
ATOM   180 O O   . GLU A 1 26  ? 11.160  5.513   2.628   1.00 97.11  ? 26  GLU A O   1 
ATOM   181 C CB  . GLU A 1 26  ? 9.613   8.066   2.298   1.00 98.03  ? 26  GLU A CB  1 
ATOM   182 C CG  . GLU A 1 26  ? 9.415   9.461   1.718   1.00 101.77 ? 26  GLU A CG  1 
ATOM   183 C CD  . GLU A 1 26  ? 9.164   10.521  2.779   1.00 106.00 ? 26  GLU A CD  1 
ATOM   184 O OE1 . GLU A 1 26  ? 8.703   10.174  3.888   1.00 103.95 ? 26  GLU A OE1 1 
ATOM   185 O OE2 . GLU A 1 26  ? 9.427   11.710  2.502   1.00 111.78 ? 26  GLU A OE2 1 
ATOM   186 N N   . SER A 1 27  ? 9.228   4.669   1.836   1.00 85.22  ? 27  SER A N   1 
ATOM   187 C CA  . SER A 1 27  ? 9.370   3.380   2.522   1.00 83.40  ? 27  SER A CA  1 
ATOM   188 C C   . SER A 1 27  ? 10.358  2.433   1.837   1.00 84.51  ? 27  SER A C   1 
ATOM   189 O O   . SER A 1 27  ? 11.007  1.626   2.504   1.00 86.22  ? 27  SER A O   1 
ATOM   190 C CB  . SER A 1 27  ? 8.006   2.688   2.635   1.00 77.04  ? 27  SER A CB  1 
ATOM   191 O OG  . SER A 1 27  ? 7.523   2.278   1.364   1.00 72.64  ? 27  SER A OG  1 
ATOM   192 N N   . GLY A 1 28  ? 10.462  2.532   0.513   1.00 84.02  ? 28  GLY A N   1 
ATOM   193 C CA  . GLY A 1 28  ? 11.249  1.588   -0.282  1.00 85.20  ? 28  GLY A CA  1 
ATOM   194 C C   . GLY A 1 28  ? 10.408  0.738   -1.217  1.00 80.26  ? 28  GLY A C   1 
ATOM   195 O O   . GLY A 1 28  ? 10.947  -0.088  -1.954  1.00 81.15  ? 28  GLY A O   1 
ATOM   196 N N   . ALA A 1 29  ? 9.088   0.932   -1.187  1.00 75.93  ? 29  ALA A N   1 
ATOM   197 C CA  . ALA A 1 29  ? 8.183   0.239   -2.099  1.00 71.40  ? 29  ALA A CA  1 
ATOM   198 C C   . ALA A 1 29  ? 8.414   0.708   -3.531  1.00 73.18  ? 29  ALA A C   1 
ATOM   199 O O   . ALA A 1 29  ? 8.611   1.898   -3.780  1.00 75.52  ? 29  ALA A O   1 
ATOM   200 C CB  . ALA A 1 29  ? 6.737   0.475   -1.691  1.00 67.25  ? 29  ALA A CB  1 
ATOM   201 N N   . LYS A 1 30  ? 8.372   -0.235  -4.467  1.00 72.35  ? 30  LYS A N   1 
ATOM   202 C CA  . LYS A 1 30  ? 8.713   0.032   -5.863  1.00 75.00  ? 30  LYS A CA  1 
ATOM   203 C C   . LYS A 1 30  ? 7.666   0.913   -6.543  1.00 73.31  ? 30  LYS A C   1 
ATOM   204 O O   . LYS A 1 30  ? 8.005   1.838   -7.280  1.00 77.43  ? 30  LYS A O   1 
ATOM   205 C CB  . LYS A 1 30  ? 8.867   -1.283  -6.633  1.00 74.66  ? 30  LYS A CB  1 
ATOM   206 C CG  . LYS A 1 30  ? 9.958   -2.208  -6.103  1.00 77.31  ? 30  LYS A CG  1 
ATOM   207 C CD  . LYS A 1 30  ? 11.350  -1.629  -6.295  1.00 83.43  ? 30  LYS A CD  1 
ATOM   208 C CE  . LYS A 1 30  ? 12.419  -2.625  -5.873  1.00 86.78  ? 30  LYS A CE  1 
ATOM   209 N NZ  . LYS A 1 30  ? 13.794  -2.129  -6.158  1.00 93.89  ? 30  LYS A NZ  1 
ATOM   210 N N   . GLY A 1 31  ? 6.396   0.609   -6.294  1.00 68.38  ? 31  GLY A N   1 
ATOM   211 C CA  . GLY A 1 31  ? 5.287   1.410   -6.807  1.00 66.92  ? 31  GLY A CA  1 
ATOM   212 C C   . GLY A 1 31  ? 4.012   1.125   -6.037  1.00 62.03  ? 31  GLY A C   1 
ATOM   213 O O   . GLY A 1 31  ? 4.037   0.428   -5.020  1.00 60.08  ? 31  GLY A O   1 
ATOM   214 N N   . TYR A 1 32  ? 2.897   1.664   -6.518  1.00 60.78  ? 32  TYR A N   1 
ATOM   215 C CA  . TYR A 1 32  ? 1.598   1.434   -5.889  1.00 56.96  ? 32  TYR A CA  1 
ATOM   216 C C   . TYR A 1 32  ? 0.450   1.714   -6.853  1.00 56.84  ? 32  TYR A C   1 
ATOM   217 O O   . TYR A 1 32  ? 0.648   2.292   -7.923  1.00 59.73  ? 32  TYR A O   1 
ATOM   218 C CB  . TYR A 1 32  ? 1.446   2.299   -4.631  1.00 57.15  ? 32  TYR A CB  1 
ATOM   219 C CG  . TYR A 1 32  ? 1.471   3.792   -4.898  1.00 61.01  ? 32  TYR A CG  1 
ATOM   220 C CD1 . TYR A 1 32  ? 0.302   4.486   -5.201  1.00 61.40  ? 32  TYR A CD1 1 
ATOM   221 C CD2 . TYR A 1 32  ? 2.663   4.508   -4.844  1.00 65.05  ? 32  TYR A CD2 1 
ATOM   222 C CE1 . TYR A 1 32  ? 0.320   5.849   -5.447  1.00 65.78  ? 32  TYR A CE1 1 
ATOM   223 C CE2 . TYR A 1 32  ? 2.691   5.872   -5.088  1.00 69.47  ? 32  TYR A CE2 1 
ATOM   224 C CZ  . TYR A 1 32  ? 1.519   6.538   -5.389  1.00 69.89  ? 32  TYR A CZ  1 
ATOM   225 O OH  . TYR A 1 32  ? 1.545   7.893   -5.632  1.00 74.90  ? 32  TYR A OH  1 
ATOM   226 N N   . THR A 1 33  ? -0.748  1.292   -6.455  1.00 54.09  ? 33  THR A N   1 
ATOM   227 C CA  . THR A 1 33  ? -1.975  1.570   -7.195  1.00 54.29  ? 33  THR A CA  1 
ATOM   228 C C   . THR A 1 33  ? -2.942  2.295   -6.265  1.00 53.92  ? 33  THR A C   1 
ATOM   229 O O   . THR A 1 33  ? -2.977  2.022   -5.065  1.00 52.10  ? 33  THR A O   1 
ATOM   230 C CB  . THR A 1 33  ? -2.627  0.270   -7.708  1.00 52.18  ? 33  THR A CB  1 
ATOM   231 O OG1 . THR A 1 33  ? -1.658  -0.500  -8.429  1.00 52.65  ? 33  THR A OG1 1 
ATOM   232 C CG2 . THR A 1 33  ? -3.808  0.564   -8.626  1.00 53.94  ? 33  THR A CG2 1 
ATOM   233 N N   . VAL A 1 34  ? -3.711  3.227   -6.821  1.00 56.41  ? 34  VAL A N   1 
ATOM   234 C CA  . VAL A 1 34  ? -4.690  3.995   -6.050  1.00 57.15  ? 34  VAL A CA  1 
ATOM   235 C C   . VAL A 1 34  ? -5.977  4.124   -6.859  1.00 59.17  ? 34  VAL A C   1 
ATOM   236 O O   . VAL A 1 34  ? -5.940  4.137   -8.090  1.00 61.41  ? 34  VAL A O   1 
ATOM   237 C CB  . VAL A 1 34  ? -4.142  5.390   -5.658  1.00 60.53  ? 34  VAL A CB  1 
ATOM   238 C CG1 . VAL A 1 34  ? -3.987  6.291   -6.879  1.00 65.23  ? 34  VAL A CG1 1 
ATOM   239 C CG2 . VAL A 1 34  ? -5.029  6.047   -4.610  1.00 60.86  ? 34  VAL A CG2 1 
ATOM   240 N N   . MET A 1 35  ? -7.113  4.207   -6.172  1.00 59.14  ? 35  MET A N   1 
ATOM   241 C CA  . MET A 1 35  ? -8.402  4.280   -6.854  1.00 61.81  ? 35  MET A CA  1 
ATOM   242 C C   . MET A 1 35  ? -9.495  4.891   -5.981  1.00 61.99  ? 35  MET A C   1 
ATOM   243 O O   . MET A 1 35  ? -9.510  4.705   -4.762  1.00 59.05  ? 35  MET A O   1 
ATOM   244 C CB  . MET A 1 35  ? -8.821  2.884   -7.328  1.00 60.88  ? 35  MET A CB  1 
ATOM   245 C CG  . MET A 1 35  ? -9.070  1.883   -6.210  1.00 58.37  ? 35  MET A CG  1 
ATOM   246 S SD  . MET A 1 35  ? -8.779  0.179   -6.726  1.00 57.70  ? 35  MET A SD  1 
ATOM   247 C CE  . MET A 1 35  ? -6.996  0.077   -6.581  1.00 55.27  ? 35  MET A CE  1 
ATOM   248 N N   . ASN A 1 36  ? -10.400 5.625   -6.626  1.00 65.52  ? 36  ASN A N   1 
ATOM   249 C CA  . ASN A 1 36  ? -11.538 6.243   -5.952  1.00 67.29  ? 36  ASN A CA  1 
ATOM   250 C C   . ASN A 1 36  ? -12.592 5.201   -5.608  1.00 64.78  ? 36  ASN A C   1 
ATOM   251 O O   . ASN A 1 36  ? -12.977 4.396   -6.458  1.00 64.29  ? 36  ASN A O   1 
ATOM   252 C CB  . ASN A 1 36  ? -12.164 7.326   -6.835  1.00 73.99  ? 36  ASN A CB  1 
ATOM   253 C CG  . ASN A 1 36  ? -11.256 8.526   -7.018  1.00 77.46  ? 36  ASN A CG  1 
ATOM   254 O OD1 . ASN A 1 36  ? -10.867 9.176   -6.046  1.00 77.78  ? 36  ASN A OD1 1 
ATOM   255 N ND2 . ASN A 1 36  ? -10.922 8.834   -8.267  1.00 80.95  ? 36  ASN A ND2 1 
ATOM   256 N N   . THR A 1 37  ? -13.055 5.227   -4.360  1.00 63.17  ? 37  THR A N   1 
ATOM   257 C CA  . THR A 1 37  ? -14.041 4.270   -3.870  1.00 61.78  ? 37  THR A CA  1 
ATOM   258 C C   . THR A 1 37  ? -15.054 4.962   -2.958  1.00 64.58  ? 37  THR A C   1 
ATOM   259 O O   . THR A 1 37  ? -14.925 6.151   -2.665  1.00 67.26  ? 37  THR A O   1 
ATOM   260 C CB  . THR A 1 37  ? -13.353 3.130   -3.089  1.00 56.74  ? 37  THR A CB  1 
ATOM   261 O OG1 . THR A 1 37  ? -12.595 3.676   -2.002  1.00 55.47  ? 37  THR A OG1 1 
ATOM   262 C CG2 . THR A 1 37  ? -12.420 2.341   -3.997  1.00 54.38  ? 37  THR A CG2 1 
ATOM   263 N N   . GLY A 1 38  ? -16.065 4.212   -2.530  1.00 64.73  ? 38  GLY A N   1 
ATOM   264 C CA  . GLY A 1 38  ? -17.030 4.673   -1.533  1.00 67.59  ? 38  GLY A CA  1 
ATOM   265 C C   . GLY A 1 38  ? -16.854 3.906   -0.237  1.00 64.46  ? 38  GLY A C   1 
ATOM   266 O O   . GLY A 1 38  ? -16.162 2.891   -0.204  1.00 60.51  ? 38  GLY A O   1 
ATOM   267 N N   . GLY A 1 39  ? -17.475 4.389   0.834   1.00 67.42  ? 39  GLY A N   1 
ATOM   268 C CA  . GLY A 1 39  ? -17.387 3.729   2.137   1.00 65.93  ? 39  GLY A CA  1 
ATOM   269 C C   . GLY A 1 39  ? -18.459 4.183   3.109   1.00 70.50  ? 39  GLY A C   1 
ATOM   270 O O   . GLY A 1 39  ? -18.954 5.307   3.017   1.00 74.65  ? 39  GLY A O   1 
ATOM   271 N N   . LYS A 1 40  ? -18.811 3.303   4.045   1.00 70.63  ? 40  LYS A N   1 
ATOM   272 C CA  . LYS A 1 40  ? -19.837 3.594   5.047   1.00 75.31  ? 40  LYS A CA  1 
ATOM   273 C C   . LYS A 1 40  ? -19.556 2.855   6.352   1.00 74.69  ? 40  LYS A C   1 
ATOM   274 O O   . LYS A 1 40  ? -19.358 1.639   6.358   1.00 73.12  ? 40  LYS A O   1 
ATOM   275 C CB  . LYS A 1 40  ? -21.219 3.203   4.522   1.00 78.93  ? 40  LYS A CB  1 
ATOM   276 N N   . ILE A 1 56  ? -22.961 6.557   2.064   1.00 97.65  ? 56  ILE A N   1 
ATOM   277 C CA  . ILE A 1 56  ? -21.758 6.318   1.278   1.00 92.70  ? 56  ILE A CA  1 
ATOM   278 C C   . ILE A 1 56  ? -21.043 7.641   1.010   1.00 94.30  ? 56  ILE A C   1 
ATOM   279 O O   . ILE A 1 56  ? -21.610 8.536   0.381   1.00 100.01 ? 56  ILE A O   1 
ATOM   280 C CB  . ILE A 1 56  ? -22.083 5.632   -0.070  1.00 92.79  ? 56  ILE A CB  1 
ATOM   281 C CG1 . ILE A 1 56  ? -22.838 4.319   0.165   1.00 92.30  ? 56  ILE A CG1 1 
ATOM   282 C CG2 . ILE A 1 56  ? -20.805 5.376   -0.863  1.00 87.84  ? 56  ILE A CG2 1 
ATOM   283 C CD1 . ILE A 1 56  ? -23.355 3.665   -1.101  1.00 94.07  ? 56  ILE A CD1 1 
ATOM   284 N N   . GLU A 1 57  ? -19.805 7.760   1.490   1.00 90.32  ? 57  GLU A N   1 
ATOM   285 C CA  . GLU A 1 57  ? -18.979 8.943   1.238   1.00 91.75  ? 57  GLU A CA  1 
ATOM   286 C C   . GLU A 1 57  ? -17.722 8.565   0.456   1.00 86.27  ? 57  GLU A C   1 
ATOM   287 O O   . GLU A 1 57  ? -17.185 7.470   0.624   1.00 81.08  ? 57  GLU A O   1 
ATOM   288 C CB  . GLU A 1 57  ? -18.612 9.650   2.551   1.00 93.39  ? 57  GLU A CB  1 
ATOM   289 C CG  . GLU A 1 57  ? -17.671 8.884   3.474   1.00 88.50  ? 57  GLU A CG  1 
ATOM   290 C CD  . GLU A 1 57  ? -17.313 9.670   4.725   1.00 91.25  ? 57  GLU A CD  1 
ATOM   291 O OE1 . GLU A 1 57  ? -18.176 10.417  5.236   1.00 96.57  ? 57  GLU A OE1 1 
ATOM   292 O OE2 . GLU A 1 57  ? -16.166 9.540   5.202   1.00 89.00  ? 57  GLU A OE2 1 
ATOM   293 N N   . ALA A 1 58  ? -17.263 9.482   -0.391  1.00 88.11  ? 58  ALA A N   1 
ATOM   294 C CA  . ALA A 1 58  ? -16.121 9.229   -1.268  1.00 84.43  ? 58  ALA A CA  1 
ATOM   295 C C   . ALA A 1 58  ? -14.818 9.140   -0.478  1.00 79.94  ? 58  ALA A C   1 
ATOM   296 O O   . ALA A 1 58  ? -14.542 9.980   0.379   1.00 81.88  ? 58  ALA A O   1 
ATOM   297 C CB  . ALA A 1 58  ? -16.019 10.315  -2.328  1.00 89.67  ? 58  ALA A CB  1 
ATOM   298 N N   . ASN A 1 59  ? -14.025 8.115   -0.778  1.00 74.16  ? 59  ASN A N   1 
ATOM   299 C CA  . ASN A 1 59  ? -12.729 7.910   -0.136  1.00 70.12  ? 59  ASN A CA  1 
ATOM   300 C C   . ASN A 1 59  ? -11.763 7.186   -1.083  1.00 65.90  ? 59  ASN A C   1 
ATOM   301 O O   . ASN A 1 59  ? -12.119 6.901   -2.227  1.00 66.51  ? 59  ASN A O   1 
ATOM   302 C CB  . ASN A 1 59  ? -12.910 7.163   1.196   1.00 67.76  ? 59  ASN A CB  1 
ATOM   303 C CG  . ASN A 1 59  ? -13.584 5.810   1.038   1.00 65.53  ? 59  ASN A CG  1 
ATOM   304 O OD1 . ASN A 1 59  ? -13.932 5.391   -0.065  1.00 65.53  ? 59  ASN A OD1 1 
ATOM   305 N ND2 . ASN A 1 59  ? -13.771 5.117   2.155   1.00 64.26  ? 59  ASN A ND2 1 
ATOM   306 N N   . ILE A 1 60  ? -10.547 6.900   -0.617  1.00 62.17  ? 60  ILE A N   1 
ATOM   307 C CA  . ILE A 1 60  ? -9.515  6.299   -1.473  1.00 59.25  ? 60  ILE A CA  1 
ATOM   308 C C   . ILE A 1 60  ? -9.008  4.957   -0.951  1.00 54.03  ? 60  ILE A C   1 
ATOM   309 O O   . ILE A 1 60  ? -9.145  4.643   0.233   1.00 52.47  ? 60  ILE A O   1 
ATOM   310 C CB  . ILE A 1 60  ? -8.308  7.245   -1.673  1.00 61.39  ? 60  ILE A CB  1 
ATOM   311 C CG1 . ILE A 1 60  ? -7.705  7.664   -0.325  1.00 61.71  ? 60  ILE A CG1 1 
ATOM   312 C CG2 . ILE A 1 60  ? -8.724  8.463   -2.485  1.00 66.59  ? 60  ILE A CG2 1 
ATOM   313 C CD1 . ILE A 1 60  ? -6.374  8.373   -0.443  1.00 63.93  ? 60  ILE A CD1 1 
ATOM   314 N N   . LYS A 1 61  ? -8.416  4.183   -1.857  1.00 51.63  ? 61  LYS A N   1 
ATOM   315 C CA  . LYS A 1 61  ? -7.859  2.872   -1.543  1.00 47.78  ? 61  LYS A CA  1 
ATOM   316 C C   . LYS A 1 61  ? -6.489  2.715   -2.198  1.00 46.92  ? 61  LYS A C   1 
ATOM   317 O O   . LYS A 1 61  ? -6.370  2.841   -3.416  1.00 47.98  ? 61  LYS A O   1 
ATOM   318 C CB  . LYS A 1 61  ? -8.799  1.772   -2.039  1.00 46.26  ? 61  LYS A CB  1 
ATOM   319 C CG  . LYS A 1 61  ? -8.247  0.363   -1.885  1.00 43.68  ? 61  LYS A CG  1 
ATOM   320 C CD  . LYS A 1 61  ? -9.225  -0.676  -2.402  1.00 43.53  ? 61  LYS A CD  1 
ATOM   321 C CE  . LYS A 1 61  ? -8.528  -2.004  -2.633  1.00 42.16  ? 61  LYS A CE  1 
ATOM   322 N NZ  . LYS A 1 61  ? -9.433  -3.037  -3.205  1.00 43.16  ? 61  LYS A NZ  1 
ATOM   323 N N   . PHE A 1 62  ? -5.466  2.433   -1.391  1.00 45.74  ? 62  PHE A N   1 
ATOM   324 C CA  . PHE A 1 62  ? -4.121  2.148   -1.897  1.00 45.47  ? 62  PHE A CA  1 
ATOM   325 C C   . PHE A 1 62  ? -3.851  0.648   -1.904  1.00 42.88  ? 62  PHE A C   1 
ATOM   326 O O   . PHE A 1 62  ? -4.263  -0.063  -0.990  1.00 40.96  ? 62  PHE A O   1 
ATOM   327 C CB  . PHE A 1 62  ? -3.058  2.826   -1.033  1.00 47.31  ? 62  PHE A CB  1 
ATOM   328 C CG  . PHE A 1 62  ? -3.025  4.319   -1.162  1.00 50.87  ? 62  PHE A CG  1 
ATOM   329 C CD1 . PHE A 1 62  ? -2.428  4.919   -2.261  1.00 53.45  ? 62  PHE A CD1 1 
ATOM   330 C CD2 . PHE A 1 62  ? -3.570  5.129   -0.175  1.00 52.54  ? 62  PHE A CD2 1 
ATOM   331 C CE1 . PHE A 1 62  ? -2.387  6.300   -2.380  1.00 57.83  ? 62  PHE A CE1 1 
ATOM   332 C CE2 . PHE A 1 62  ? -3.532  6.507   -0.287  1.00 56.78  ? 62  PHE A CE2 1 
ATOM   333 C CZ  . PHE A 1 62  ? -2.940  7.094   -1.391  1.00 59.35  ? 62  PHE A CZ  1 
ATOM   334 N N   . GLU A 1 63  ? -3.143  0.183   -2.932  1.00 43.21  ? 63  GLU A N   1 
ATOM   335 C CA  . GLU A 1 63  ? -2.689  -1.204  -3.017  1.00 41.93  ? 63  GLU A CA  1 
ATOM   336 C C   . GLU A 1 63  ? -1.188  -1.235  -3.288  1.00 43.19  ? 63  GLU A C   1 
ATOM   337 O O   . GLU A 1 63  ? -0.734  -0.791  -4.344  1.00 44.84  ? 63  GLU A O   1 
ATOM   338 C CB  . GLU A 1 63  ? -3.438  -1.943  -4.125  1.00 41.87  ? 63  GLU A CB  1 
ATOM   339 C CG  . GLU A 1 63  ? -4.921  -2.123  -3.843  1.00 41.44  ? 63  GLU A CG  1 
ATOM   340 C CD  . GLU A 1 63  ? -5.608  -3.007  -4.865  1.00 42.13  ? 63  GLU A CD  1 
ATOM   341 O OE1 . GLU A 1 63  ? -5.269  -2.918  -6.062  1.00 42.96  ? 63  GLU A OE1 1 
ATOM   342 O OE2 . GLU A 1 63  ? -6.498  -3.791  -4.473  1.00 42.53  ? 63  GLU A OE2 1 
ATOM   343 N N   . ILE A 1 64  ? -0.426  -1.760  -2.332  1.00 43.10  ? 64  ILE A N   1 
ATOM   344 C CA  . ILE A 1 64  ? 1.029   -1.797  -2.426  1.00 45.04  ? 64  ILE A CA  1 
ATOM   345 C C   . ILE A 1 64  ? 1.530   -3.234  -2.276  1.00 45.04  ? 64  ILE A C   1 
ATOM   346 O O   . ILE A 1 64  ? 1.254   -3.892  -1.273  1.00 44.09  ? 64  ILE A O   1 
ATOM   347 C CB  . ILE A 1 64  ? 1.697   -0.914  -1.344  1.00 47.34  ? 64  ILE A CB  1 
ATOM   348 C CG1 . ILE A 1 64  ? 1.036   0.471   -1.277  1.00 48.16  ? 64  ILE A CG1 1 
ATOM   349 C CG2 . ILE A 1 64  ? 3.191   -0.764  -1.616  1.00 50.46  ? 64  ILE A CG2 1 
ATOM   350 C CD1 . ILE A 1 64  ? -0.115  0.570   -0.298  1.00 46.86  ? 64  ILE A CD1 1 
ATOM   351 N N   . LEU A 1 65  ? 2.255   -3.712  -3.283  1.00 46.35  ? 65  LEU A N   1 
ATOM   352 C CA  . LEU A 1 65  ? 2.948   -4.996  -3.206  1.00 47.87  ? 65  LEU A CA  1 
ATOM   353 C C   . LEU A 1 65  ? 4.343   -4.739  -2.640  1.00 51.44  ? 65  LEU A C   1 
ATOM   354 O O   . LEU A 1 65  ? 5.014   -3.793  -3.056  1.00 53.55  ? 65  LEU A O   1 
ATOM   355 C CB  . LEU A 1 65  ? 3.058   -5.651  -4.592  1.00 48.43  ? 65  LEU A CB  1 
ATOM   356 C CG  . LEU A 1 65  ? 1.803   -6.287  -5.207  1.00 46.46  ? 65  LEU A CG  1 
ATOM   357 C CD1 . LEU A 1 65  ? 1.369   -7.516  -4.423  1.00 45.87  ? 65  LEU A CD1 1 
ATOM   358 C CD2 . LEU A 1 65  ? 0.660   -5.290  -5.314  1.00 44.98  ? 65  LEU A CD2 1 
ATOM   359 N N   . THR A 1 66  ? 4.770   -5.570  -1.693  1.00 53.28  ? 66  THR A N   1 
ATOM   360 C CA  . THR A 1 66  ? 6.084   -5.419  -1.068  1.00 57.52  ? 66  THR A CA  1 
ATOM   361 C C   . THR A 1 66  ? 6.814   -6.756  -1.000  1.00 61.16  ? 66  THR A C   1 
ATOM   362 O O   . THR A 1 66  ? 6.191   -7.809  -0.857  1.00 60.30  ? 66  THR A O   1 
ATOM   363 C CB  . THR A 1 66  ? 5.980   -4.826  0.352   1.00 58.12  ? 66  THR A CB  1 
ATOM   364 O OG1 . THR A 1 66  ? 5.228   -5.708  1.193   1.00 56.72  ? 66  THR A OG1 1 
ATOM   365 C CG2 . THR A 1 66  ? 5.304   -3.461  0.318   1.00 56.12  ? 66  THR A CG2 1 
ATOM   366 N N   . GLU A 1 67  ? 8.138   -6.698  -1.102  1.00 66.46  ? 67  GLU A N   1 
ATOM   367 C CA  . GLU A 1 67  ? 8.974   -7.895  -1.097  1.00 71.13  ? 67  GLU A CA  1 
ATOM   368 C C   . GLU A 1 67  ? 8.981   -8.564  0.277   1.00 73.78  ? 67  GLU A C   1 
ATOM   369 O O   . GLU A 1 67  ? 8.864   -9.786  0.375   1.00 75.33  ? 67  GLU A O   1 
ATOM   370 C CB  . GLU A 1 67  ? 10.402  -7.541  -1.518  1.00 76.32  ? 67  GLU A CB  1 
ATOM   371 C CG  . GLU A 1 67  ? 11.297  -8.744  -1.774  1.00 81.19  ? 67  GLU A CG  1 
ATOM   372 C CD  . GLU A 1 67  ? 12.667  -8.353  -2.297  1.00 86.66  ? 67  GLU A CD  1 
ATOM   373 O OE1 . GLU A 1 67  ? 12.741  -7.506  -3.212  1.00 86.17  ? 67  GLU A OE1 1 
ATOM   374 O OE2 . GLU A 1 67  ? 13.673  -8.898  -1.795  1.00 92.36  ? 67  GLU A OE2 1 
ATOM   375 N N   . THR A 1 68  ? 9.116   -7.756  1.326   1.00 75.30  ? 68  THR A N   1 
ATOM   376 C CA  . THR A 1 68  ? 9.156   -8.258  2.697   1.00 78.54  ? 68  THR A CA  1 
ATOM   377 C C   . THR A 1 68  ? 7.903   -7.881  3.479   1.00 74.88  ? 68  THR A C   1 
ATOM   378 O O   . THR A 1 68  ? 7.195   -6.936  3.129   1.00 70.99  ? 68  THR A O   1 
ATOM   379 C CB  . THR A 1 68  ? 10.377  -7.707  3.458   1.00 84.77  ? 68  THR A CB  1 
ATOM   380 O OG1 . THR A 1 68  ? 10.309  -6.276  3.508   1.00 83.95  ? 68  THR A OG1 1 
ATOM   381 C CG2 . THR A 1 68  ? 11.671  -8.132  2.780   1.00 89.46  ? 68  THR A CG2 1 
ATOM   382 N N   . ARG A 1 69  ? 7.646   -8.638  4.540   1.00 77.03  ? 69  ARG A N   1 
ATOM   383 C CA  . ARG A 1 69  ? 6.596   -8.317  5.502   1.00 75.29  ? 69  ARG A CA  1 
ATOM   384 C C   . ARG A 1 69  ? 6.952   -7.030  6.250   1.00 76.96  ? 69  ARG A C   1 
ATOM   385 O O   . ARG A 1 69  ? 6.097   -6.170  6.460   1.00 74.01  ? 69  ARG A O   1 
ATOM   386 C CB  . ARG A 1 69  ? 6.427   -9.475  6.494   1.00 79.14  ? 69  ARG A CB  1 
ATOM   387 C CG  . ARG A 1 69  ? 5.413   -9.248  7.609   1.00 78.81  ? 69  ARG A CG  1 
ATOM   388 C CD  . ARG A 1 69  ? 4.015   -9.715  7.241   1.00 74.49  ? 69  ARG A CD  1 
ATOM   389 N NE  . ARG A 1 69  ? 3.103   -9.597  8.379   1.00 75.35  ? 69  ARG A NE  1 
ATOM   390 C CZ  . ARG A 1 69  ? 1.868   -10.094 8.427   1.00 73.58  ? 69  ARG A CZ  1 
ATOM   391 N NH1 . ARG A 1 69  ? 1.360   -10.764 7.395   1.00 71.01  ? 69  ARG A NH1 1 
ATOM   392 N NH2 . ARG A 1 69  ? 1.131   -9.923  9.520   1.00 75.00  ? 69  ARG A NH2 1 
ATOM   393 N N   . GLU A 1 70  ? 8.221   -6.913  6.642   1.00 82.16  ? 70  GLU A N   1 
ATOM   394 C CA  . GLU A 1 70  ? 8.712   -5.762  7.406   1.00 85.26  ? 70  GLU A CA  1 
ATOM   395 C C   . GLU A 1 70  ? 8.447   -4.424  6.713   1.00 81.77  ? 70  GLU A C   1 
ATOM   396 O O   . GLU A 1 70  ? 8.084   -3.448  7.369   1.00 81.82  ? 70  GLU A O   1 
ATOM   397 C CB  . GLU A 1 70  ? 10.211  -5.910  7.681   1.00 92.20  ? 70  GLU A CB  1 
ATOM   398 N N   . MET A 1 71  ? 8.633   -4.382  5.395   1.00 79.58  ? 71  MET A N   1 
ATOM   399 C CA  . MET A 1 71  ? 8.363   -3.169  4.619   1.00 77.43  ? 71  MET A CA  1 
ATOM   400 C C   . MET A 1 71  ? 6.875   -2.814  4.644   1.00 72.09  ? 71  MET A C   1 
ATOM   401 O O   . MET A 1 71  ? 6.519   -1.637  4.716   1.00 71.82  ? 71  MET A O   1 
ATOM   402 C CB  . MET A 1 71  ? 8.839   -3.333  3.170   1.00 77.08  ? 71  MET A CB  1 
ATOM   403 C CG  . MET A 1 71  ? 8.590   -2.113  2.290   1.00 75.80  ? 71  MET A CG  1 
ATOM   404 S SD  . MET A 1 71  ? 9.345   -2.239  0.657   1.00 77.56  ? 71  MET A SD  1 
ATOM   405 C CE  . MET A 1 71  ? 11.071  -1.968  1.058   1.00 84.93  ? 71  MET A CE  1 
ATOM   406 N N   . ALA A 1 72  ? 6.016   -3.829  4.581   1.00 68.25  ? 72  ALA A N   1 
ATOM   407 C CA  . ALA A 1 72  ? 4.572   -3.617  4.640   1.00 63.69  ? 72  ALA A CA  1 
ATOM   408 C C   . ALA A 1 72  ? 4.159   -3.028  5.987   1.00 65.23  ? 72  ALA A C   1 
ATOM   409 O O   . ALA A 1 72  ? 3.391   -2.067  6.039   1.00 63.57  ? 72  ALA A O   1 
ATOM   410 C CB  . ALA A 1 72  ? 3.826   -4.918  4.379   1.00 61.15  ? 72  ALA A CB  1 
ATOM   411 N N   . GLU A 1 73  ? 4.679   -3.604  7.069   1.00 69.24  ? 73  GLU A N   1 
ATOM   412 C CA  . GLU A 1 73  ? 4.396   -3.118  8.423   1.00 72.37  ? 73  GLU A CA  1 
ATOM   413 C C   . GLU A 1 73  ? 4.961   -1.717  8.658   1.00 75.12  ? 73  GLU A C   1 
ATOM   414 O O   . GLU A 1 73  ? 4.341   -0.902  9.340   1.00 75.38  ? 73  GLU A O   1 
ATOM   415 C CB  . GLU A 1 73  ? 4.948   -4.087  9.474   1.00 77.43  ? 73  GLU A CB  1 
ATOM   416 C CG  . GLU A 1 73  ? 4.221   -5.422  9.516   1.00 76.42  ? 73  GLU A CG  1 
ATOM   417 C CD  . GLU A 1 73  ? 4.827   -6.403  10.504  1.00 82.78  ? 73  GLU A CD  1 
ATOM   418 O OE1 . GLU A 1 73  ? 5.465   -5.962  11.486  1.00 88.36  ? 73  GLU A OE1 1 
ATOM   419 O OE2 . GLU A 1 73  ? 4.659   -7.624  10.300  1.00 83.26  ? 73  GLU A OE2 1 
ATOM   420 N N   . GLU A 1 74  ? 6.133   -1.446  8.088   1.00 77.71  ? 74  GLU A N   1 
ATOM   421 C CA  . GLU A 1 74  ? 6.757   -0.123  8.169   1.00 81.32  ? 74  GLU A CA  1 
ATOM   422 C C   . GLU A 1 74  ? 5.854   0.963   7.576   1.00 77.51  ? 74  GLU A C   1 
ATOM   423 O O   . GLU A 1 74  ? 5.750   2.057   8.129   1.00 80.01  ? 74  GLU A O   1 
ATOM   424 C CB  . GLU A 1 74  ? 8.114   -0.140  7.454   1.00 85.12  ? 74  GLU A CB  1 
ATOM   425 C CG  . GLU A 1 74  ? 8.889   1.167   7.518   1.00 90.42  ? 74  GLU A CG  1 
ATOM   426 C CD  . GLU A 1 74  ? 10.307  1.025   6.996   1.00 95.64  ? 74  GLU A CD  1 
ATOM   427 O OE1 . GLU A 1 74  ? 10.549  1.389   5.825   1.00 95.19  ? 74  GLU A OE1 1 
ATOM   428 O OE2 . GLU A 1 74  ? 11.176  0.537   7.749   1.00 101.45 ? 74  GLU A OE2 1 
ATOM   429 N N   . ILE A 1 75  ? 5.205   0.650   6.456   1.00 72.25  ? 75  ILE A N   1 
ATOM   430 C CA  . ILE A 1 75  ? 4.270   1.577   5.810   1.00 69.10  ? 75  ILE A CA  1 
ATOM   431 C C   . ILE A 1 75  ? 2.992   1.737   6.640   1.00 67.01  ? 75  ILE A C   1 
ATOM   432 O O   . ILE A 1 75  ? 2.484   2.849   6.793   1.00 67.25  ? 75  ILE A O   1 
ATOM   433 C CB  . ILE A 1 75  ? 3.907   1.111   4.379   1.00 64.92  ? 75  ILE A CB  1 
ATOM   434 C CG1 . ILE A 1 75  ? 5.144   1.153   3.474   1.00 67.28  ? 75  ILE A CG1 1 
ATOM   435 C CG2 . ILE A 1 75  ? 2.811   1.986   3.780   1.00 62.62  ? 75  ILE A CG2 1 
ATOM   436 C CD1 . ILE A 1 75  ? 4.991   0.386   2.177   1.00 64.25  ? 75  ILE A CD1 1 
ATOM   437 N N   . ALA A 1 76  ? 2.483   0.626   7.168   1.00 65.08  ? 76  ALA A N   1 
ATOM   438 C CA  . ALA A 1 76  ? 1.258   0.636   7.973   1.00 63.72  ? 76  ALA A CA  1 
ATOM   439 C C   . ALA A 1 76  ? 1.450   1.364   9.303   1.00 67.76  ? 76  ALA A C   1 
ATOM   440 O O   . ALA A 1 76  ? 0.600   2.162   9.703   1.00 67.76  ? 76  ALA A O   1 
ATOM   441 C CB  . ALA A 1 76  ? 0.775   -0.787  8.218   1.00 61.92  ? 76  ALA A CB  1 
ATOM   442 N N   . ASP A 1 77  ? 2.563   1.084   9.979   1.00 71.54  ? 77  ASP A N   1 
ATOM   443 C CA  . ASP A 1 77  ? 2.863   1.687   11.283  1.00 76.69  ? 77  ASP A CA  1 
ATOM   444 C C   . ASP A 1 77  ? 2.990   3.208   11.215  1.00 78.86  ? 77  ASP A C   1 
ATOM   445 O O   . ASP A 1 77  ? 2.518   3.908   12.112  1.00 81.47  ? 77  ASP A O   1 
ATOM   446 C CB  . ASP A 1 77  ? 4.146   1.091   11.880  1.00 81.50  ? 77  ASP A CB  1 
ATOM   447 C CG  . ASP A 1 77  ? 3.970   -0.348  12.352  1.00 81.35  ? 77  ASP A CG  1 
ATOM   448 O OD1 . ASP A 1 77  ? 2.877   -0.923  12.162  1.00 77.41  ? 77  ASP A OD1 1 
ATOM   449 O OD2 . ASP A 1 77  ? 4.936   -0.909  12.910  1.00 85.76  ? 77  ASP A OD2 1 
ATOM   450 N N   . ARG A 1 78  ? 3.622   3.715   10.159  1.00 78.50  ? 78  ARG A N   1 
ATOM   451 C CA  . ARG A 1 78  ? 3.792   5.160   9.991   1.00 81.67  ? 78  ARG A CA  1 
ATOM   452 C C   . ARG A 1 78  ? 2.472   5.865   9.671   1.00 78.78  ? 78  ARG A C   1 
ATOM   453 O O   . ARG A 1 78  ? 2.149   6.880   10.280  1.00 82.08  ? 78  ARG A O   1 
ATOM   454 C CB  . ARG A 1 78  ? 4.841   5.474   8.917   1.00 83.04  ? 78  ARG A CB  1 
ATOM   455 C CG  . ARG A 1 78  ? 6.276   5.270   9.387   1.00 88.86  ? 78  ARG A CG  1 
ATOM   456 C CD  . ARG A 1 78  ? 7.271   6.030   8.522   1.00 92.42  ? 78  ARG A CD  1 
ATOM   457 N NE  . ARG A 1 78  ? 7.350   5.491   7.165   1.00 88.61  ? 78  ARG A NE  1 
ATOM   458 C CZ  . ARG A 1 78  ? 8.037   6.042   6.165   1.00 90.82  ? 78  ARG A CZ  1 
ATOM   459 N NH1 . ARG A 1 78  ? 8.725   7.168   6.346   1.00 97.03  ? 78  ARG A NH1 1 
ATOM   460 N NH2 . ARG A 1 78  ? 8.035   5.463   4.968   1.00 87.20  ? 78  ARG A NH2 1 
ATOM   461 N N   . VAL A 1 79  ? 1.708   5.318   8.730   1.00 73.72  ? 79  VAL A N   1 
ATOM   462 C CA  . VAL A 1 79  ? 0.429   5.919   8.334   1.00 71.67  ? 79  VAL A CA  1 
ATOM   463 C C   . VAL A 1 79  ? -0.565  5.935   9.497   1.00 72.56  ? 79  VAL A C   1 
ATOM   464 O O   . VAL A 1 79  ? -1.254  6.934   9.718   1.00 74.67  ? 79  VAL A O   1 
ATOM   465 C CB  . VAL A 1 79  ? -0.198  5.182   7.127   1.00 66.35  ? 79  VAL A CB  1 
ATOM   466 C CG1 . VAL A 1 79  ? -1.618  5.672   6.860   1.00 64.67  ? 79  VAL A CG1 1 
ATOM   467 C CG2 . VAL A 1 79  ? 0.665   5.362   5.883   1.00 66.42  ? 79  VAL A CG2 1 
ATOM   468 N N   . ALA A 1 80  ? -0.630  4.829   10.236  1.00 71.41  ? 80  ALA A N   1 
ATOM   469 C CA  . ALA A 1 80  ? -1.547  4.703   11.367  1.00 72.18  ? 80  ALA A CA  1 
ATOM   470 C C   . ALA A 1 80  ? -1.208  5.691   12.480  1.00 77.84  ? 80  ALA A C   1 
ATOM   471 O O   . ALA A 1 80  ? -2.061  6.465   12.915  1.00 79.37  ? 80  ALA A O   1 
ATOM   472 C CB  . ALA A 1 80  ? -1.526  3.280   11.903  1.00 71.27  ? 80  ALA A CB  1 
ATOM   473 N N   . VAL A 1 81  ? 0.043   5.663   12.926  1.00 81.33  ? 81  VAL A N   1 
ATOM   474 C CA  . VAL A 1 81  ? 0.515   6.554   13.990  1.00 87.87  ? 81  VAL A CA  1 
ATOM   475 C C   . VAL A 1 81  ? 0.279   8.031   13.650  1.00 89.79  ? 81  VAL A C   1 
ATOM   476 O O   . VAL A 1 81  ? -0.135  8.813   14.508  1.00 93.72  ? 81  VAL A O   1 
ATOM   477 C CB  . VAL A 1 81  ? 2.015   6.304   14.294  1.00 92.10  ? 81  VAL A CB  1 
ATOM   478 C CG1 . VAL A 1 81  ? 2.635   7.458   15.070  1.00 99.57  ? 81  VAL A CG1 1 
ATOM   479 C CG2 . VAL A 1 81  ? 2.189   4.995   15.055  1.00 92.62  ? 81  VAL A CG2 1 
ATOM   480 N N   . LYS A 1 82  ? 0.519   8.398   12.394  1.00 87.33  ? 82  LYS A N   1 
ATOM   481 C CA  . LYS A 1 82  ? 0.477   9.798   11.974  1.00 90.37  ? 82  LYS A CA  1 
ATOM   482 C C   . LYS A 1 82  ? -0.935  10.352  11.747  1.00 88.71  ? 82  LYS A C   1 
ATOM   483 O O   . LYS A 1 82  ? -1.180  11.525  12.024  1.00 93.53  ? 82  LYS A O   1 
ATOM   484 C CB  . LYS A 1 82  ? 1.336   9.997   10.716  1.00 89.83  ? 82  LYS A CB  1 
ATOM   485 C CG  . LYS A 1 82  ? 2.825   9.794   10.970  1.00 93.71  ? 82  LYS A CG  1 
ATOM   486 C CD  . LYS A 1 82  ? 3.629   9.565   9.696   1.00 92.11  ? 82  LYS A CD  1 
ATOM   487 C CE  . LYS A 1 82  ? 3.980   10.861  8.983   1.00 96.31  ? 82  LYS A CE  1 
ATOM   488 N NZ  . LYS A 1 82  ? 5.056   10.662  7.971   1.00 96.88  ? 82  LYS A NZ  1 
ATOM   489 N N   . TYR A 1 83  ? -1.857  9.524   11.253  1.00 83.20  ? 83  TYR A N   1 
ATOM   490 C CA  . TYR A 1 83  ? -3.188  10.015  10.853  1.00 82.18  ? 83  TYR A CA  1 
ATOM   491 C C   . TYR A 1 83  ? -4.410  9.320   11.468  1.00 80.21  ? 83  TYR A C   1 
ATOM   492 O O   . TYR A 1 83  ? -5.490  9.912   11.494  1.00 81.56  ? 83  TYR A O   1 
ATOM   493 C CB  . TYR A 1 83  ? -3.310  9.981   9.327   1.00 78.64  ? 83  TYR A CB  1 
ATOM   494 C CG  . TYR A 1 83  ? -2.265  10.814  8.618   1.00 81.71  ? 83  TYR A CG  1 
ATOM   495 C CD1 . TYR A 1 83  ? -2.189  12.190  8.821   1.00 87.60  ? 83  TYR A CD1 1 
ATOM   496 C CD2 . TYR A 1 83  ? -1.352  10.229  7.743   1.00 79.28  ? 83  TYR A CD2 1 
ATOM   497 C CE1 . TYR A 1 83  ? -1.234  12.957  8.176   1.00 91.25  ? 83  TYR A CE1 1 
ATOM   498 C CE2 . TYR A 1 83  ? -0.394  10.990  7.092   1.00 82.79  ? 83  TYR A CE2 1 
ATOM   499 C CZ  . TYR A 1 83  ? -0.339  12.354  7.312   1.00 88.79  ? 83  TYR A CZ  1 
ATOM   500 O OH  . TYR A 1 83  ? 0.611   13.114  6.669   1.00 93.07  ? 83  TYR A OH  1 
ATOM   501 N N   . PHE A 1 84  ? -4.264  8.092   11.960  1.00 78.07  ? 84  PHE A N   1 
ATOM   502 C CA  . PHE A 1 84  ? -5.433  7.302   12.381  1.00 76.49  ? 84  PHE A CA  1 
ATOM   503 C C   . PHE A 1 84  ? -6.016  7.702   13.743  1.00 81.44  ? 84  PHE A C   1 
ATOM   504 O O   . PHE A 1 84  ? -7.076  7.206   14.132  1.00 80.77  ? 84  PHE A O   1 
ATOM   505 C CB  . PHE A 1 84  ? -5.125  5.794   12.338  1.00 73.01  ? 84  PHE A CB  1 
ATOM   506 C CG  . PHE A 1 84  ? -5.255  5.177   10.964  1.00 67.92  ? 84  PHE A CG  1 
ATOM   507 C CD1 . PHE A 1 84  ? -4.971  5.908   9.808   1.00 66.89  ? 84  PHE A CD1 1 
ATOM   508 C CD2 . PHE A 1 84  ? -5.639  3.850   10.827  1.00 64.71  ? 84  PHE A CD2 1 
ATOM   509 C CE1 . PHE A 1 84  ? -5.089  5.332   8.556   1.00 62.61  ? 84  PHE A CE1 1 
ATOM   510 C CE2 . PHE A 1 84  ? -5.755  3.270   9.575   1.00 60.70  ? 84  PHE A CE2 1 
ATOM   511 C CZ  . PHE A 1 84  ? -5.480  4.011   8.439   1.00 59.45  ? 84  PHE A CZ  1 
ATOM   512 N N   . ASN A 1 85  ? -5.334  8.592   14.464  1.00 86.99  ? 85  ASN A N   1 
ATOM   513 C CA  . ASN A 1 85  ? -5.919  9.218   15.650  1.00 92.69  ? 85  ASN A CA  1 
ATOM   514 C C   . ASN A 1 85  ? -7.011  10.216  15.266  1.00 93.87  ? 85  ASN A C   1 
ATOM   515 O O   . ASN A 1 85  ? -8.029  10.318  15.951  1.00 96.00  ? 85  ASN A O   1 
ATOM   516 C CB  . ASN A 1 85  ? -4.844  9.922   16.488  1.00 99.06  ? 85  ASN A CB  1 
ATOM   517 C CG  . ASN A 1 85  ? -3.891  8.949   17.160  1.00 100.06 ? 85  ASN A CG  1 
ATOM   518 O OD1 . ASN A 1 85  ? -4.175  7.756   17.279  1.00 97.49  ? 85  ASN A OD1 1 
ATOM   519 N ND2 . ASN A 1 85  ? -2.751  9.460   17.611  1.00 104.95 ? 85  ASN A ND2 1 
ATOM   520 N N   . ASP A 1 86  ? -6.794  10.940  14.169  1.00 93.19  ? 86  ASP A N   1 
ATOM   521 C CA  . ASP A 1 86  ? -7.749  11.935  13.681  1.00 95.24  ? 86  ASP A CA  1 
ATOM   522 C C   . ASP A 1 86  ? -8.675  11.370  12.604  1.00 90.25  ? 86  ASP A C   1 
ATOM   523 O O   . ASP A 1 86  ? -9.898  11.443  12.730  1.00 91.09  ? 86  ASP A O   1 
ATOM   524 C CB  . ASP A 1 86  ? -7.008  13.160  13.130  1.00 99.05  ? 86  ASP A CB  1 
ATOM   525 C CG  . ASP A 1 86  ? -6.329  13.980  14.219  1.00 105.92 ? 86  ASP A CG  1 
ATOM   526 O OD1 . ASP A 1 86  ? -6.248  13.512  15.376  1.00 107.52 ? 86  ASP A OD1 1 
ATOM   527 O OD2 . ASP A 1 86  ? -5.871  15.102  13.914  1.00 110.56 ? 86  ASP A OD2 1 
ATOM   528 N N   . TYR A 1 87  ? -8.086  10.807  11.551  1.00 85.70  ? 87  TYR A N   1 
ATOM   529 C CA  . TYR A 1 87  ? -8.844  10.378  10.372  1.00 81.78  ? 87  TYR A CA  1 
ATOM   530 C C   . TYR A 1 87  ? -9.262  8.911   10.438  1.00 76.96  ? 87  TYR A C   1 
ATOM   531 O O   . TYR A 1 87  ? -8.602  8.093   11.081  1.00 76.02  ? 87  TYR A O   1 
ATOM   532 C CB  . TYR A 1 87  ? -8.021  10.619  9.105   1.00 80.47  ? 87  TYR A CB  1 
ATOM   533 C CG  . TYR A 1 87  ? -7.656  12.069  8.886   1.00 86.12  ? 87  TYR A CG  1 
ATOM   534 C CD1 . TYR A 1 87  ? -6.507  12.610  9.458   1.00 89.77  ? 87  TYR A CD1 1 
ATOM   535 C CD2 . TYR A 1 87  ? -8.459  12.901  8.112   1.00 88.72  ? 87  TYR A CD2 1 
ATOM   536 C CE1 . TYR A 1 87  ? -6.168  13.939  9.264   1.00 95.54  ? 87  TYR A CE1 1 
ATOM   537 C CE2 . TYR A 1 87  ? -8.128  14.232  7.911   1.00 94.56  ? 87  TYR A CE2 1 
ATOM   538 C CZ  . TYR A 1 87  ? -6.982  14.746  8.489   1.00 97.89  ? 87  TYR A CZ  1 
ATOM   539 O OH  . TYR A 1 87  ? -6.646  16.066  8.294   1.00 104.38 ? 87  TYR A OH  1 
ATOM   540 N N   . ALA A 1 88  ? -10.363 8.591   9.762   1.00 74.68  ? 88  ALA A N   1 
ATOM   541 C CA  . ALA A 1 88  ? -10.859 7.219   9.684   1.00 70.79  ? 88  ALA A CA  1 
ATOM   542 C C   . ALA A 1 88  ? -10.095 6.445   8.615   1.00 66.27  ? 88  ALA A C   1 
ATOM   543 O O   . ALA A 1 88  ? -9.608  7.027   7.643   1.00 65.96  ? 88  ALA A O   1 
ATOM   544 C CB  . ALA A 1 88  ? -12.348 7.209   9.375   1.00 71.57  ? 88  ALA A CB  1 
ATOM   545 N N   . GLY A 1 89  ? -9.994  5.132   8.802   1.00 62.84  ? 89  GLY A N   1 
ATOM   546 C CA  . GLY A 1 89  ? -9.318  4.273   7.837   1.00 58.63  ? 89  GLY A CA  1 
ATOM   547 C C   . GLY A 1 89  ? -9.022  2.879   8.352   1.00 56.47  ? 89  GLY A C   1 
ATOM   548 O O   . GLY A 1 89  ? -9.044  2.630   9.558   1.00 58.86  ? 89  GLY A O   1 
ATOM   549 N N   . ILE A 1 90  ? -8.743  1.970   7.423   1.00 52.66  ? 90  ILE A N   1 
ATOM   550 C CA  . ILE A 1 90  ? -8.393  0.591   7.755   1.00 51.16  ? 90  ILE A CA  1 
ATOM   551 C C   . ILE A 1 90  ? -7.217  0.139   6.890   1.00 48.59  ? 90  ILE A C   1 
ATOM   552 O O   . ILE A 1 90  ? -7.094  0.547   5.732   1.00 47.27  ? 90  ILE A O   1 
ATOM   553 C CB  . ILE A 1 90  ? -9.604  -0.360  7.585   1.00 50.87  ? 90  ILE A CB  1 
ATOM   554 C CG1 . ILE A 1 90  ? -9.321  -1.721  8.233   1.00 51.35  ? 90  ILE A CG1 1 
ATOM   555 C CG2 . ILE A 1 90  ? -9.979  -0.531  6.117   1.00 48.61  ? 90  ILE A CG2 1 
ATOM   556 C CD1 . ILE A 1 90  ? -10.493 -2.677  8.184   1.00 51.91  ? 90  ILE A CD1 1 
ATOM   557 N N   . ILE A 1 91  ? -6.350  -0.689  7.470   1.00 48.48  ? 91  ILE A N   1 
ATOM   558 C CA  . ILE A 1 91  ? -5.174  -1.213  6.781   1.00 46.64  ? 91  ILE A CA  1 
ATOM   559 C C   . ILE A 1 91  ? -5.091  -2.718  7.020   1.00 46.53  ? 91  ILE A C   1 
ATOM   560 O O   . ILE A 1 91  ? -5.112  -3.167  8.168   1.00 48.36  ? 91  ILE A O   1 
ATOM   561 C CB  . ILE A 1 91  ? -3.871  -0.543  7.278   1.00 49.01  ? 91  ILE A CB  1 
ATOM   562 C CG1 . ILE A 1 91  ? -3.979  0.987   7.195   1.00 49.99  ? 91  ILE A CG1 1 
ATOM   563 C CG2 . ILE A 1 91  ? -2.672  -1.030  6.469   1.00 48.14  ? 91  ILE A CG2 1 
ATOM   564 C CD1 . ILE A 1 91  ? -2.767  1.724   7.723   1.00 53.06  ? 91  ILE A CD1 1 
ATOM   565 N N   . TYR A 1 92  ? -5.005  -3.493  5.937   1.00 44.60  ? 92  TYR A N   1 
ATOM   566 C CA  . TYR A 1 92  ? -4.879  -4.950  6.032   1.00 45.19  ? 92  TYR A CA  1 
ATOM   567 C C   . TYR A 1 92  ? -3.917  -5.502  4.980   1.00 44.96  ? 92  TYR A C   1 
ATOM   568 O O   . TYR A 1 92  ? -3.492  -4.783  4.072   1.00 43.46  ? 92  TYR A O   1 
ATOM   569 C CB  . TYR A 1 92  ? -6.251  -5.624  5.921   1.00 44.51  ? 92  TYR A CB  1 
ATOM   570 C CG  . TYR A 1 92  ? -6.973  -5.385  4.615   1.00 41.79  ? 92  TYR A CG  1 
ATOM   571 C CD1 . TYR A 1 92  ? -7.798  -4.275  4.447   1.00 41.09  ? 92  TYR A CD1 1 
ATOM   572 C CD2 . TYR A 1 92  ? -6.845  -6.275  3.551   1.00 40.72  ? 92  TYR A CD2 1 
ATOM   573 C CE1 . TYR A 1 92  ? -8.466  -4.054  3.255   1.00 39.95  ? 92  TYR A CE1 1 
ATOM   574 C CE2 . TYR A 1 92  ? -7.509  -6.062  2.353   1.00 39.24  ? 92  TYR A CE2 1 
ATOM   575 C CZ  . TYR A 1 92  ? -8.318  -4.950  2.211   1.00 39.28  ? 92  TYR A CZ  1 
ATOM   576 O OH  . TYR A 1 92  ? -8.982  -4.734  1.029   1.00 38.99  ? 92  TYR A OH  1 
ATOM   577 N N   . ILE A 1 93  ? -3.583  -6.784  5.109   1.00 47.52  ? 93  ILE A N   1 
ATOM   578 C CA  . ILE A 1 93  ? -2.553  -7.405  4.279   1.00 48.76  ? 93  ILE A CA  1 
ATOM   579 C C   . ILE A 1 93  ? -3.020  -8.745  3.704   1.00 49.74  ? 93  ILE A C   1 
ATOM   580 O O   . ILE A 1 93  ? -3.730  -9.500  4.368   1.00 51.39  ? 93  ILE A O   1 
ATOM   581 C CB  . ILE A 1 93  ? -1.239  -7.578  5.079   1.00 52.54  ? 93  ILE A CB  1 
ATOM   582 C CG1 . ILE A 1 93  ? -0.063  -7.881  4.146   1.00 53.04  ? 93  ILE A CG1 1 
ATOM   583 C CG2 . ILE A 1 93  ? -1.380  -8.655  6.150   1.00 56.35  ? 93  ILE A CG2 1 
ATOM   584 C CD1 . ILE A 1 93  ? 1.291   -7.732  4.810   1.00 56.79  ? 93  ILE A CD1 1 
ATOM   585 N N   . CYS A 1 94  ? -2.618  -9.019  2.462   1.00 50.15  ? 94  CYS A N   1 
ATOM   586 C CA  . CYS A 1 94  ? -2.964  -10.260 1.764   1.00 52.26  ? 94  CYS A CA  1 
ATOM   587 C C   . CYS A 1 94  ? -1.720  -10.918 1.173   1.00 52.93  ? 94  CYS A C   1 
ATOM   588 O O   . CYS A 1 94  ? -0.786  -10.234 0.750   1.00 52.01  ? 94  CYS A O   1 
ATOM   589 C CB  . CYS A 1 94  ? -3.966  -9.985  0.636   1.00 51.54  ? 94  CYS A CB  1 
ATOM   590 S SG  . CYS A 1 94  ? -5.678  -9.756  1.172   1.00 54.72  ? 94  CYS A SG  1 
ATOM   591 N N   . SER A 1 95  ? -1.724  -12.249 1.138   1.00 54.82  ? 95  SER A N   1 
ATOM   592 C CA  . SER A 1 95  ? -0.650  -13.014 0.515   1.00 56.60  ? 95  SER A CA  1 
ATOM   593 C C   . SER A 1 95  ? -0.812  -12.989 -1.001  1.00 54.12  ? 95  SER A C   1 
ATOM   594 O O   . SER A 1 95  ? -1.933  -13.001 -1.510  1.00 53.09  ? 95  SER A O   1 
ATOM   595 C CB  . SER A 1 95  ? -0.673  -14.462 1.006   1.00 61.25  ? 95  SER A CB  1 
ATOM   596 O OG  . SER A 1 95  ? -0.694  -14.517 2.421   1.00 64.21  ? 95  SER A OG  1 
ATOM   597 N N   . ALA A 1 96  ? 0.308   -12.957 -1.718  1.00 53.97  ? 96  ALA A N   1 
ATOM   598 C CA  . ALA A 1 96  ? 0.282   -12.950 -3.179  1.00 52.56  ? 96  ALA A CA  1 
ATOM   599 C C   . ALA A 1 96  ? 1.607   -13.416 -3.773  1.00 54.71  ? 96  ALA A C   1 
ATOM   600 O O   . ALA A 1 96  ? 2.637   -13.419 -3.098  1.00 57.13  ? 96  ALA A O   1 
ATOM   601 C CB  . ALA A 1 96  ? -0.062  -11.558 -3.691  1.00 49.26  ? 96  ALA A CB  1 
ATOM   602 N N   . GLU A 1 97  ? 1.563   -13.817 -5.040  1.00 54.83  ? 97  GLU A N   1 
ATOM   603 C CA  . GLU A 1 97  ? 2.761   -14.163 -5.798  1.00 57.33  ? 97  GLU A CA  1 
ATOM   604 C C   . GLU A 1 97  ? 2.796   -13.330 -7.070  1.00 55.52  ? 97  GLU A C   1 
ATOM   605 O O   . GLU A 1 97  ? 1.867   -13.388 -7.875  1.00 54.49  ? 97  GLU A O   1 
ATOM   606 C CB  . GLU A 1 97  ? 2.771   -15.648 -6.161  1.00 61.23  ? 97  GLU A CB  1 
ATOM   607 C CG  . GLU A 1 97  ? 2.695   -16.591 -4.971  1.00 64.02  ? 97  GLU A CG  1 
ATOM   608 C CD  . GLU A 1 97  ? 2.678   -18.051 -5.385  1.00 68.96  ? 97  GLU A CD  1 
ATOM   609 O OE1 . GLU A 1 97  ? 1.819   -18.800 -4.876  1.00 70.64  ? 97  GLU A OE1 1 
ATOM   610 O OE2 . GLU A 1 97  ? 3.516   -18.449 -6.225  1.00 71.86  ? 97  GLU A OE2 1 
ATOM   611 N N   . VAL A 1 98  ? 3.865   -12.558 -7.247  1.00 55.82  ? 98  VAL A N   1 
ATOM   612 C CA  . VAL A 1 98  ? 4.034   -11.736 -8.442  1.00 55.36  ? 98  VAL A CA  1 
ATOM   613 C C   . VAL A 1 98  ? 4.622   -12.594 -9.560  1.00 59.00  ? 98  VAL A C   1 
ATOM   614 O O   . VAL A 1 98  ? 5.691   -13.186 -9.394  1.00 62.44  ? 98  VAL A O   1 
ATOM   615 C CB  . VAL A 1 98  ? 4.950   -10.523 -8.173  1.00 55.14  ? 98  VAL A CB  1 
ATOM   616 C CG1 . VAL A 1 98  ? 5.083   -9.659  -9.422  1.00 55.59  ? 98  VAL A CG1 1 
ATOM   617 C CG2 . VAL A 1 98  ? 4.411   -9.701  -7.008  1.00 52.29  ? 98  VAL A CG2 1 
ATOM   618 N N   . LEU A 1 99  ? 3.914   -12.666 -10.687 1.00 59.00  ? 99  LEU A N   1 
ATOM   619 C CA  . LEU A 1 99  ? 4.349   -13.458 -11.840 1.00 63.10  ? 99  LEU A CA  1 
ATOM   620 C C   . LEU A 1 99  ? 5.168   -12.629 -12.825 1.00 65.14  ? 99  LEU A C   1 
ATOM   621 O O   . LEU A 1 99  ? 6.168   -13.109 -13.363 1.00 69.33  ? 99  LEU A O   1 
ATOM   622 C CB  . LEU A 1 99  ? 3.143   -14.063 -12.562 1.00 63.30  ? 99  LEU A CB  1 
ATOM   623 C CG  . LEU A 1 99  ? 2.175   -14.893 -11.713 1.00 62.47  ? 99  LEU A CG  1 
ATOM   624 C CD1 . LEU A 1 99  ? 1.072   -15.462 -12.593 1.00 63.90  ? 99  LEU A CD1 1 
ATOM   625 C CD2 . LEU A 1 99  ? 2.896   -16.006 -10.966 1.00 65.19  ? 99  LEU A CD2 1 
ATOM   626 N N   . TYR A 1 100 ? 4.730   -11.396 -13.072 1.00 62.96  ? 100 TYR A N   1 
ATOM   627 C CA  . TYR A 1 100 ? 5.438   -10.477 -13.961 1.00 65.45  ? 100 TYR A CA  1 
ATOM   628 C C   . TYR A 1 100 ? 5.408   -9.063  -13.397 1.00 63.76  ? 100 TYR A C   1 
ATOM   629 O O   . TYR A 1 100 ? 4.413   -8.642  -12.811 1.00 60.41  ? 100 TYR A O   1 
ATOM   630 C CB  . TYR A 1 100 ? 4.815   -10.493 -15.357 1.00 67.34  ? 100 TYR A CB  1 
ATOM   631 C CG  . TYR A 1 100 ? 5.009   -11.797 -16.099 1.00 70.86  ? 100 TYR A CG  1 
ATOM   632 C CD1 . TYR A 1 100 ? 6.200   -12.069 -16.765 1.00 75.41  ? 100 TYR A CD1 1 
ATOM   633 C CD2 . TYR A 1 100 ? 4.003   -12.758 -16.134 1.00 70.30  ? 100 TYR A CD2 1 
ATOM   634 C CE1 . TYR A 1 100 ? 6.383   -13.261 -17.446 1.00 79.19  ? 100 TYR A CE1 1 
ATOM   635 C CE2 . TYR A 1 100 ? 4.176   -13.954 -16.813 1.00 74.19  ? 100 TYR A CE2 1 
ATOM   636 C CZ  . TYR A 1 100 ? 5.368   -14.200 -17.467 1.00 78.64  ? 100 TYR A CZ  1 
ATOM   637 O OH  . TYR A 1 100 ? 5.548   -15.385 -18.144 1.00 83.11  ? 100 TYR A OH  1 
ATOM   638 N N   . GLY A 1 101 ? 6.508   -8.337  -13.582 1.00 67.11  ? 101 GLY A N   1 
ATOM   639 C CA  . GLY A 1 101 ? 6.657   -6.981  -13.056 1.00 66.61  ? 101 GLY A CA  1 
ATOM   640 C C   . GLY A 1 101 ? 8.121   -6.589  -13.016 1.00 71.25  ? 101 GLY A C   1 
ATOM   641 O O   . GLY A 1 101 ? 8.869   -7.060  -12.159 1.00 71.92  ? 101 GLY A O   1 
ATOM   642 N N   . HIS A 1 102 ? 8.531   -5.730  -13.949 1.00 75.55  ? 102 HIS A N   1 
ATOM   643 C CA  . HIS A 1 102 ? 9.938   -5.335  -14.081 1.00 81.15  ? 102 HIS A CA  1 
ATOM   644 C C   . HIS A 1 102 ? 10.482  -4.600  -12.858 1.00 81.28  ? 102 HIS A C   1 
ATOM   645 O O   . HIS A 1 102 ? 11.597  -4.872  -12.419 1.00 84.39  ? 102 HIS A O   1 
ATOM   646 C CB  . HIS A 1 102 ? 10.154  -4.475  -15.333 1.00 85.71  ? 102 HIS A CB  1 
ATOM   647 C CG  . HIS A 1 102 ? 10.576  -5.258  -16.537 1.00 90.11  ? 102 HIS A CG  1 
ATOM   648 N ND1 . HIS A 1 102 ? 11.900  -5.469  -16.857 1.00 95.76  ? 102 HIS A ND1 1 
ATOM   649 C CD2 . HIS A 1 102 ? 9.853   -5.880  -17.497 1.00 90.31  ? 102 HIS A CD2 1 
ATOM   650 C CE1 . HIS A 1 102 ? 11.974  -6.187  -17.963 1.00 99.09  ? 102 HIS A CE1 1 
ATOM   651 N NE2 . HIS A 1 102 ? 10.746  -6.451  -18.372 1.00 95.83  ? 102 HIS A NE2 1 
ATOM   652 N N   . THR A 1 103 ? 9.700   -3.673  -12.315 1.00 78.61  ? 103 THR A N   1 
ATOM   653 C CA  . THR A 1 103 ? 10.137  -2.884  -11.165 1.00 79.26  ? 103 THR A CA  1 
ATOM   654 C C   . THR A 1 103 ? 10.183  -3.729  -9.887  1.00 76.20  ? 103 THR A C   1 
ATOM   655 O O   . THR A 1 103 ? 11.094  -3.573  -9.072  1.00 79.30  ? 103 THR A O   1 
ATOM   656 C CB  . THR A 1 103 ? 9.230   -1.655  -10.944 1.00 77.93  ? 103 THR A CB  1 
ATOM   657 O OG1 . THR A 1 103 ? 8.857   -1.096  -12.210 1.00 80.45  ? 103 THR A OG1 1 
ATOM   658 C CG2 . THR A 1 103 ? 9.950   -0.590  -10.122 1.00 81.02  ? 103 THR A CG2 1 
ATOM   659 N N   . PHE A 1 104 ? 9.212   -4.627  -9.722  1.00 70.84  ? 104 PHE A N   1 
ATOM   660 C CA  . PHE A 1 104 ? 9.138   -5.460  -8.521  1.00 68.29  ? 104 PHE A CA  1 
ATOM   661 C C   . PHE A 1 104 ? 10.141  -6.616  -8.532  1.00 71.50  ? 104 PHE A C   1 
ATOM   662 O O   . PHE A 1 104 ? 10.788  -6.881  -7.519  1.00 73.04  ? 104 PHE A O   1 
ATOM   663 C CB  . PHE A 1 104 ? 7.721   -6.005  -8.323  1.00 63.18  ? 104 PHE A CB  1 
ATOM   664 C CG  . PHE A 1 104 ? 7.513   -6.661  -6.987  1.00 61.11  ? 104 PHE A CG  1 
ATOM   665 C CD1 . PHE A 1 104 ? 7.208   -5.901  -5.868  1.00 59.29  ? 104 PHE A CD1 1 
ATOM   666 C CD2 . PHE A 1 104 ? 7.643   -8.037  -6.843  1.00 61.88  ? 104 PHE A CD2 1 
ATOM   667 C CE1 . PHE A 1 104 ? 7.027   -6.500  -4.631  1.00 58.59  ? 104 PHE A CE1 1 
ATOM   668 C CE2 . PHE A 1 104 ? 7.462   -8.642  -5.610  1.00 61.25  ? 104 PHE A CE2 1 
ATOM   669 C CZ  . PHE A 1 104 ? 7.153   -7.873  -4.503  1.00 59.52  ? 104 PHE A CZ  1 
ATOM   670 N N   . CYS A 1 105 ? 10.257  -7.303  -9.667  1.00 73.35  ? 105 CYS A N   1 
ATOM   671 C CA  . CYS A 1 105 ? 11.130  -8.478  -9.782  1.00 77.13  ? 105 CYS A CA  1 
ATOM   672 C C   . CYS A 1 105 ? 12.507  -8.176  -10.380 1.00 83.03  ? 105 CYS A C   1 
ATOM   673 O O   . CYS A 1 105 ? 13.434  -8.973  -10.229 1.00 87.23  ? 105 CYS A O   1 
ATOM   674 C CB  . CYS A 1 105 ? 10.449  -9.562  -10.619 1.00 76.36  ? 105 CYS A CB  1 
ATOM   675 S SG  . CYS A 1 105 ? 8.932   -10.231 -9.898  1.00 71.24  ? 105 CYS A SG  1 
ATOM   676 N N   . GLY A 1 106 ? 12.639  -7.038  -11.060 1.00 84.18  ? 106 GLY A N   1 
ATOM   677 C CA  . GLY A 1 106 ? 13.891  -6.665  -11.717 1.00 90.53  ? 106 GLY A CA  1 
ATOM   678 C C   . GLY A 1 106 ? 13.975  -7.210  -13.133 1.00 93.15  ? 106 GLY A C   1 
ATOM   679 O O   . GLY A 1 106 ? 13.103  -7.974  -13.556 1.00 90.17  ? 106 GLY A O   1 
ATOM   680 N N   . PRO A 1 107 ? 15.022  -6.817  -13.884 1.00 99.36  ? 107 PRO A N   1 
ATOM   681 C CA  . PRO A 1 107 ? 15.259  -7.352  -15.232 1.00 103.41 ? 107 PRO A CA  1 
ATOM   682 C C   . PRO A 1 107 ? 15.470  -8.869  -15.254 1.00 104.85 ? 107 PRO A C   1 
ATOM   683 O O   . PRO A 1 107 ? 15.154  -9.522  -16.251 1.00 105.82 ? 107 PRO A O   1 
ATOM   684 C CB  . PRO A 1 107 ? 16.539  -6.633  -15.680 1.00 110.59 ? 107 PRO A CB  1 
ATOM   685 C CG  . PRO A 1 107 ? 16.609  -5.405  -14.843 1.00 109.56 ? 107 PRO A CG  1 
ATOM   686 C CD  . PRO A 1 107 ? 16.007  -5.781  -13.524 1.00 103.75 ? 107 PRO A CD  1 
ATOM   687 N N   . GLU A 1 108 ? 16.019  -9.409  -14.166 1.00 105.87 ? 108 GLU A N   1 
ATOM   688 C CA  . GLU A 1 108 ? 16.183  -10.856 -13.989 1.00 107.53 ? 108 GLU A CA  1 
ATOM   689 C C   . GLU A 1 108 ? 14.866  -11.629 -14.131 1.00 102.39 ? 108 GLU A C   1 
ATOM   690 O O   . GLU A 1 108 ? 14.851  -12.738 -14.667 1.00 104.72 ? 108 GLU A O   1 
ATOM   691 C CB  . GLU A 1 108 ? 16.823  -11.158 -12.626 1.00 109.12 ? 108 GLU A CB  1 
ATOM   692 C CG  . GLU A 1 108 ? 15.983  -10.753 -11.418 1.00 103.15 ? 108 GLU A CG  1 
ATOM   693 C CD  . GLU A 1 108 ? 16.772  -10.752 -10.120 1.00 106.09 ? 108 GLU A CD  1 
ATOM   694 O OE1 . GLU A 1 108 ? 16.406  -9.985  -9.204  1.00 103.07 ? 108 GLU A OE1 1 
ATOM   695 O OE2 . GLU A 1 108 ? 17.756  -11.512 -10.012 1.00 112.42 ? 108 GLU A OE2 1 
ATOM   696 N N   . GLY A 1 109 ? 13.774  -11.041 -13.646 1.00 96.17  ? 109 GLY A N   1 
ATOM   697 C CA  . GLY A 1 109 ? 12.447  -11.651 -13.738 1.00 91.64  ? 109 GLY A CA  1 
ATOM   698 C C   . GLY A 1 109 ? 12.017  -12.302 -12.438 1.00 88.73  ? 109 GLY A C   1 
ATOM   699 O O   . GLY A 1 109 ? 12.831  -12.514 -11.538 1.00 91.29  ? 109 GLY A O   1 
ATOM   700 N N   . CYS A 1 110 ? 10.728  -12.625 -12.345 1.00 84.10  ? 110 CYS A N   1 
ATOM   701 C CA  . CYS A 1 110 ? 10.162  -13.241 -11.141 1.00 81.64  ? 110 CYS A CA  1 
ATOM   702 C C   . CYS A 1 110 ? 10.458  -14.744 -11.042 1.00 85.98  ? 110 CYS A C   1 
ATOM   703 O O   . CYS A 1 110 ? 10.186  -15.357 -10.009 1.00 85.68  ? 110 CYS A O   1 
ATOM   704 C CB  . CYS A 1 110 ? 8.649   -13.011 -11.084 1.00 76.02  ? 110 CYS A CB  1 
ATOM   705 S SG  . CYS A 1 110 ? 8.123   -11.310 -11.414 1.00 72.12  ? 110 CYS A SG  1 
ATOM   706 N N   . SER A 1 111 ? 10.998  -15.327 -12.116 1.00 90.80  ? 111 SER A N   1 
ATOM   707 C CA  . SER A 1 111 ? 11.406  -16.738 -12.151 1.00 96.01  ? 111 SER A CA  1 
ATOM   708 C C   . SER A 1 111 ? 10.263  -17.690 -11.811 1.00 94.31  ? 111 SER A C   1 
ATOM   709 O O   . SER A 1 111 ? 10.321  -18.879 -12.125 1.00 98.75  ? 111 SER A O   1 
ATOM   710 C CB  . SER A 1 111 ? 12.598  -16.991 -11.218 1.00 100.35 ? 111 SER A CB  1 
ATOM   711 O OG  . SER A 1 111 ? 13.764  -16.345 -11.697 1.00 104.03 ? 111 SER A OG  1 
HETATM 712 O O   . HOH B 2 .   ? -10.978 -3.126  0.859   1.00 41.18  ? 201 HOH A O   1 
HETATM 713 O O   . HOH B 2 .   ? -6.045  -9.331  -3.863  1.00 55.95  ? 202 HOH A O   1 
HETATM 714 O O   . HOH B 2 .   ? -0.755  -2.436  -6.810  1.00 41.48  ? 203 HOH A O   1 
HETATM 715 O O   . HOH B 2 .   ? 9.270   -4.477  -2.588  1.00 53.56  ? 204 HOH A O   1 
HETATM 716 O O   . HOH B 2 .   ? 6.707   -4.087  -11.657 1.00 59.34  ? 205 HOH A O   1 
HETATM 717 O O   . HOH B 2 .   ? 9.069   -9.960  -14.730 1.00 46.56  ? 206 HOH A O   1 
HETATM 718 O O   . HOH B 2 .   ? -10.222 -2.805  -6.417  0.33 29.68  ? 207 HOH A O   1 
# 
loop_
_atom_site_anisotrop.id 
_atom_site_anisotrop.type_symbol 
_atom_site_anisotrop.pdbx_label_atom_id 
_atom_site_anisotrop.pdbx_label_alt_id 
_atom_site_anisotrop.pdbx_label_comp_id 
_atom_site_anisotrop.pdbx_label_asym_id 
_atom_site_anisotrop.pdbx_label_seq_id 
_atom_site_anisotrop.pdbx_PDB_ins_code 
_atom_site_anisotrop.U[1][1] 
_atom_site_anisotrop.U[2][2] 
_atom_site_anisotrop.U[3][3] 
_atom_site_anisotrop.U[1][2] 
_atom_site_anisotrop.U[1][3] 
_atom_site_anisotrop.U[2][3] 
_atom_site_anisotrop.pdbx_auth_seq_id 
_atom_site_anisotrop.pdbx_auth_comp_id 
_atom_site_anisotrop.pdbx_auth_asym_id 
_atom_site_anisotrop.pdbx_auth_atom_id 
1   N N   . ALA A 2   ? 0.9027 0.9980 1.2564 0.2710  0.1396  -0.2252 2   ALA A N   
2   C CA  . ALA A 2   ? 0.8868 0.9295 1.2161 0.2701  0.1069  -0.1767 2   ALA A CA  
3   C C   . ALA A 2   ? 0.8399 0.9593 1.2043 0.2892  0.0803  -0.1476 2   ALA A C   
4   O O   . ALA A 2   ? 0.8755 0.9966 1.2750 0.3422  0.0640  -0.1296 2   ALA A O   
5   C CB  . ALA A 2   ? 0.9654 0.9037 1.2939 0.3037  0.1073  -0.1681 2   ALA A CB  
6   N N   . LYS A 3   ? 0.7687 0.9499 1.1207 0.2474  0.0761  -0.1446 3   LYS A N   
7   C CA  . LYS A 3   ? 0.7205 0.9807 1.1022 0.2525  0.0510  -0.1263 3   LYS A CA  
8   C C   . LYS A 3   ? 0.6963 0.9064 1.0274 0.2349  0.0250  -0.0859 3   LYS A C   
9   O O   . LYS A 3   ? 0.6696 0.8469 0.9539 0.1894  0.0305  -0.0822 3   LYS A O   
10  C CB  . LYS A 3   ? 0.6750 1.0228 1.0751 0.2107  0.0690  -0.1515 3   LYS A CB  
11  C CG  . LYS A 3   ? 0.6374 1.0769 1.0762 0.2069  0.0460  -0.1460 3   LYS A CG  
12  N N   . PRO A 4   ? 0.7143 0.9188 1.0511 0.2742  -0.0027 -0.0547 4   PRO A N   
13  C CA  . PRO A 4   ? 0.6990 0.8624 0.9850 0.2560  -0.0224 -0.0183 4   PRO A CA  
14  C C   . PRO A 4   ? 0.6342 0.8642 0.9142 0.2136  -0.0309 -0.0238 4   PRO A C   
15  O O   . PRO A 4   ? 0.6124 0.9345 0.9370 0.2089  -0.0306 -0.0484 4   PRO A O   
16  C CB  . PRO A 4   ? 0.7544 0.9153 1.0456 0.3134  -0.0482 0.0152  4   PRO A CB  
17  C CG  . PRO A 4   ? 0.8076 0.9645 1.1448 0.3655  -0.0384 0.0007  4   PRO A CG  
18  C CD  . PRO A 4   ? 0.7633 0.9936 1.1463 0.3414  -0.0160 -0.0489 4   PRO A CD  
19  N N   . ALA A 5   ? 0.6148 0.7977 0.8448 0.1817  -0.0351 -0.0047 5   ALA A N   
20  C CA  . ALA A 5   ? 0.5685 0.7935 0.7879 0.1417  -0.0391 -0.0111 5   ALA A CA  
21  C C   . ALA A 5   ? 0.5645 0.7501 0.7375 0.1303  -0.0528 0.0163  5   ALA A C   
22  O O   . ALA A 5   ? 0.5949 0.7111 0.7393 0.1409  -0.0521 0.0393  5   ALA A O   
23  C CB  . ALA A 5   ? 0.5449 0.7552 0.7531 0.1016  -0.0133 -0.0325 5   ALA A CB  
24  N N   . ASN A 6   ? 0.5376 0.7681 0.7060 0.1053  -0.0608 0.0094  6   ASN A N   
25  C CA  . ASN A 6   ? 0.5375 0.7416 0.6638 0.0906  -0.0693 0.0273  6   ASN A CA  
26  C C   . ASN A 6   ? 0.5038 0.6813 0.6134 0.0496  -0.0531 0.0143  6   ASN A C   
27  O O   . ASN A 6   ? 0.4911 0.7041 0.6167 0.0259  -0.0457 -0.0078 6   ASN A O   
28  C CB  . ASN A 6   ? 0.5516 0.8284 0.6809 0.0985  -0.0929 0.0250  6   ASN A CB  
29  C CG  . ASN A 6   ? 0.6093 0.8989 0.7318 0.1487  -0.1155 0.0521  6   ASN A CG  
30  O OD1 . ASN A 6   ? 0.6537 0.8789 0.7319 0.1633  -0.1153 0.0864  6   ASN A OD1 
31  N ND2 . ASN A 6   ? 0.6192 0.9931 0.7859 0.1764  -0.1336 0.0375  6   ASN A ND2 
32  N N   . LYS A 7   ? 0.4972 0.6122 0.5775 0.0420  -0.0463 0.0278  7   LYS A N   
33  C CA  . LYS A 7   ? 0.4775 0.5673 0.5408 0.0145  -0.0358 0.0197  7   LYS A CA  
34  C C   . LYS A 7   ? 0.4698 0.5672 0.5156 0.0025  -0.0412 0.0219  7   LYS A C   
35  O O   . LYS A 7   ? 0.4767 0.5534 0.5042 0.0066  -0.0436 0.0369  7   LYS A O   
36  C CB  . LYS A 7   ? 0.4892 0.5272 0.5391 0.0140  -0.0292 0.0247  7   LYS A CB  
37  C CG  . LYS A 7   ? 0.4832 0.5028 0.5166 -0.0029 -0.0233 0.0171  7   LYS A CG  
38  C CD  . LYS A 7   ? 0.4973 0.4874 0.5229 -0.0030 -0.0250 0.0180  7   LYS A CD  
39  C CE  . LYS A 7   ? 0.5015 0.4835 0.5105 -0.0093 -0.0263 0.0136  7   LYS A CE  
40  N NZ  . LYS A 7   ? 0.5123 0.4886 0.5252 -0.0093 -0.0329 0.0081  7   LYS A NZ  
41  N N   . LEU A 8   ? 0.4579 0.5832 0.5102 -0.0156 -0.0382 0.0034  8   LEU A N   
42  C CA  . LEU A 8   ? 0.4600 0.5913 0.4967 -0.0293 -0.0395 -0.0043 8   LEU A CA  
43  C C   . LEU A 8   ? 0.4593 0.5405 0.4822 -0.0408 -0.0259 -0.0059 8   LEU A C   
44  O O   . LEU A 8   ? 0.4645 0.5211 0.4885 -0.0488 -0.0141 -0.0105 8   LEU A O   
45  C CB  . LEU A 8   ? 0.4670 0.6504 0.5226 -0.0469 -0.0408 -0.0315 8   LEU A CB  
46  C CG  . LEU A 8   ? 0.4825 0.6770 0.5237 -0.0648 -0.0404 -0.0510 8   LEU A CG  
47  C CD1 . LEU A 8   ? 0.4966 0.7185 0.5105 -0.0474 -0.0582 -0.0383 8   LEU A CD1 
48  C CD2 . LEU A 8   ? 0.4950 0.7364 0.5640 -0.0921 -0.0363 -0.0880 8   LEU A CD2 
49  N N   . VAL A 9   ? 0.4601 0.5286 0.4679 -0.0387 -0.0264 -0.0013 9   VAL A N   
50  C CA  . VAL A 9   ? 0.4589 0.4908 0.4605 -0.0407 -0.0171 -0.0046 9   VAL A CA  
51  C C   . VAL A 9   ? 0.4757 0.5124 0.4705 -0.0500 -0.0105 -0.0225 9   VAL A C   
52  O O   . VAL A 9   ? 0.4713 0.5373 0.4566 -0.0510 -0.0139 -0.0245 9   VAL A O   
53  C CB  . VAL A 9   ? 0.4500 0.4706 0.4533 -0.0295 -0.0199 0.0083  9   VAL A CB  
54  C CG1 . VAL A 9   ? 0.4564 0.4568 0.4622 -0.0237 -0.0161 0.0019  9   VAL A CG1 
55  C CG2 . VAL A 9   ? 0.4407 0.4538 0.4501 -0.0228 -0.0248 0.0182  9   VAL A CG2 
56  N N   . ILE A 10  ? 0.4970 0.4987 0.4912 -0.0555 0.0015  -0.0347 10  ILE A N   
57  C CA  . ILE A 10  ? 0.5265 0.5198 0.5168 -0.0637 0.0127  -0.0582 10  ILE A CA  
58  C C   . ILE A 10  ? 0.5518 0.4996 0.5422 -0.0454 0.0208  -0.0552 10  ILE A C   
59  O O   . ILE A 10  ? 0.5701 0.4708 0.5539 -0.0380 0.0258  -0.0451 10  ILE A O   
60  C CB  . ILE A 10  ? 0.5585 0.5423 0.5520 -0.0893 0.0249  -0.0829 10  ILE A CB  
61  C CG1 . ILE A 10  ? 0.5402 0.5880 0.5445 -0.1033 0.0121  -0.0905 10  ILE A CG1 
62  C CG2 . ILE A 10  ? 0.5984 0.5666 0.5876 -0.0997 0.0392  -0.1149 10  ILE A CG2 
63  C CD1 . ILE A 10  ? 0.5663 0.6183 0.5883 -0.1343 0.0255  -0.1184 10  ILE A CD1 
64  N N   . VAL A 11  ? 0.5591 0.5243 0.5553 -0.0354 0.0229  -0.0631 11  VAL A N   
65  C CA  . VAL A 11  ? 0.5875 0.5247 0.5945 -0.0118 0.0293  -0.0671 11  VAL A CA  
66  C C   . VAL A 11  ? 0.6392 0.5645 0.6456 -0.0168 0.0478  -0.0989 11  VAL A C   
67  O O   . VAL A 11  ? 0.6332 0.6007 0.6340 -0.0315 0.0523  -0.1163 11  VAL A O   
68  C CB  . VAL A 11  ? 0.5590 0.5371 0.5875 0.0037  0.0214  -0.0595 11  VAL A CB  
69  C CG1 . VAL A 11  ? 0.5830 0.5461 0.6320 0.0362  0.0206  -0.0635 11  VAL A CG1 
70  C CG2 . VAL A 11  ? 0.5233 0.5174 0.5519 -0.0003 0.0060  -0.0370 11  VAL A CG2 
71  N N   . THR A 12  ? 0.6992 0.5615 0.7054 -0.0030 0.0603  -0.1064 12  THR A N   
72  C CA  . THR A 12  ? 0.7567 0.5910 0.7632 -0.0086 0.0827  -0.1428 12  THR A CA  
73  C C   . THR A 12  ? 0.8270 0.5780 0.8358 0.0233  0.0955  -0.1398 12  THR A C   
74  O O   . THR A 12  ? 0.8285 0.5546 0.8339 0.0521  0.0828  -0.1067 12  THR A O   
75  C CB  . THR A 12  ? 0.7778 0.6100 0.7697 -0.0509 0.0916  -0.1675 12  THR A CB  
76  O OG1 . THR A 12  ? 0.8390 0.6478 0.8308 -0.0608 0.1144  -0.2122 12  THR A OG1 
77  C CG2 . THR A 12  ? 0.8042 0.5798 0.7877 -0.0642 0.0967  -0.1509 12  THR A CG2 
78  N N   . GLU A 13  ? 0.8967 0.6020 0.9070 0.0205  0.1205  -0.1749 13  GLU A N   
79  C CA  . GLU A 13  ? 0.9873 0.6020 0.9994 0.0590  0.1363  -0.1729 13  GLU A CA  
80  C C   . GLU A 13  ? 1.0529 0.5691 1.0335 0.0548  0.1454  -0.1432 13  GLU A C   
81  O O   . GLU A 13  ? 1.0471 0.5568 1.0132 0.0081  0.1534  -0.1470 13  GLU A O   
82  C CB  . GLU A 13  ? 1.0511 0.6360 1.0735 0.0544  0.1660  -0.2249 13  GLU A CB  
83  C CG  . GLU A 13  ? 1.0072 0.6873 1.0528 0.0583  0.1646  -0.2552 13  GLU A CG  
84  C CD  . GLU A 13  ? 1.0830 0.7321 1.1378 0.0618  0.1966  -0.3102 13  GLU A CD  
85  O OE1 . GLU A 13  ? 1.1595 0.7340 1.2304 0.1054  0.2113  -0.3133 13  GLU A OE1 
86  O OE2 . GLU A 13  ? 1.0777 0.7775 1.1210 0.0245  0.2065  -0.3511 13  GLU A OE2 
87  N N   . LYS A 14  ? 1.1249 0.5688 1.0945 0.1054  0.1452  -0.1135 14  LYS A N   
88  C CA  . LYS A 14  ? 1.2019 0.5485 1.1268 0.1104  0.1536  -0.0718 14  LYS A CA  
89  C C   . LYS A 14  ? 1.2920 0.5336 1.1961 0.0663  0.1966  -0.0901 14  LYS A C   
90  O O   . LYS A 14  ? 1.3258 0.5170 1.1967 0.0394  0.2100  -0.0647 14  LYS A O   
91  C CB  . LYS A 14  ? 1.2805 0.5706 1.1907 0.1845  0.1421  -0.0356 14  LYS A CB  
92  C CG  . LYS A 14  ? 1.3656 0.5640 1.2128 0.1988  0.1452  0.0191  14  LYS A CG  
93  C CD  . LYS A 14  ? 1.4419 0.6081 1.2698 0.2820  0.1217  0.0580  14  LYS A CD  
94  C CE  . LYS A 14  ? 1.3445 0.6443 1.1969 0.3092  0.0717  0.0671  14  LYS A CE  
95  N NZ  . LYS A 14  ? 1.4229 0.7086 1.2569 0.3920  0.0420  0.1023  14  LYS A NZ  
96  N N   . ILE A 15  ? 1.3405 0.5517 1.2659 0.0552  0.2220  -0.1387 15  ILE A N   
97  C CA  . ILE A 15  ? 1.4444 0.5521 1.3580 0.0086  0.2672  -0.1677 15  ILE A CA  
98  C C   . ILE A 15  ? 1.3938 0.5551 1.3112 -0.0664 0.2724  -0.1865 15  ILE A C   
99  O O   . ILE A 15  ? 1.4754 0.5520 1.3770 -0.1076 0.3076  -0.1888 15  ILE A O   
100 C CB  . ILE A 15  ? 1.4992 0.5828 1.4397 0.0071  0.2913  -0.2301 15  ILE A CB  
101 C CG1 . ILE A 15  ? 1.6426 0.5852 1.5698 -0.0324 0.3441  -0.2590 15  ILE A CG1 
102 C CG2 . ILE A 15  ? 1.3955 0.6196 1.3657 -0.0298 0.2743  -0.2812 15  ILE A CG2 
103 C CD1 . ILE A 15  ? 1.7825 0.5586 1.6684 0.0104  0.3693  -0.2060 15  ILE A CD1 
104 N N   . LEU A 16  ? 1.2687 0.5695 1.2086 -0.0822 0.2390  -0.1986 16  LEU A N   
105 C CA  . LEU A 16  ? 1.2181 0.5919 1.1710 -0.1435 0.2371  -0.2215 16  LEU A CA  
106 C C   . LEU A 16  ? 1.1964 0.5718 1.1332 -0.1546 0.2328  -0.1770 16  LEU A C   
107 O O   . LEU A 16  ? 1.1609 0.6009 1.1162 -0.2010 0.2323  -0.1957 16  LEU A O   
108 C CB  . LEU A 16  ? 1.1098 0.6234 1.0842 -0.1478 0.2030  -0.2456 16  LEU A CB  
109 C CG  . LEU A 16  ? 1.1301 0.6650 1.1152 -0.1493 0.2104  -0.2992 16  LEU A CG  
110 C CD1 . LEU A 16  ? 1.0360 0.6945 1.0243 -0.1379 0.1774  -0.3008 16  LEU A CD1 
111 C CD2 . LEU A 16  ? 1.1955 0.7163 1.1906 -0.2083 0.2367  -0.3617 16  LEU A CD2 
112 N N   . LEU A 17  ? 1.2250 0.5381 1.1279 -0.1101 0.2289  -0.1217 17  LEU A N   
113 C CA  . LEU A 17  ? 1.2145 0.5269 1.0917 -0.1160 0.2269  -0.0794 17  LEU A CA  
114 C C   . LEU A 17  ? 1.2520 0.5496 1.1370 -0.1825 0.2622  -0.1003 17  LEU A C   
115 O O   . LEU A 17  ? 1.1729 0.5631 1.0794 -0.2091 0.2495  -0.1063 17  LEU A O   
116 C CB  . LEU A 17  ? 1.3018 0.5097 1.1249 -0.0647 0.2320  -0.0237 17  LEU A CB  
117 C CG  . LEU A 17  ? 1.3308 0.5119 1.1071 -0.0690 0.2392  0.0223  17  LEU A CG  
118 C CD1 . LEU A 17  ? 1.2037 0.5130 1.0007 -0.0758 0.2051  0.0233  17  LEU A CD1 
119 C CD2 . LEU A 17  ? 1.4253 0.5152 1.1392 -0.0056 0.2340  0.0777  17  LEU A CD2 
120 N N   . LYS A 18  ? 1.3819 0.5629 1.2542 -0.2091 0.3088  -0.1139 18  LYS A N   
121 C CA  . LYS A 18  ? 1.4373 0.5961 1.3232 -0.2805 0.3519  -0.1389 18  LYS A CA  
122 C C   . LYS A 18  ? 1.3653 0.6514 1.3165 -0.3328 0.3405  -0.2076 18  LYS A C   
123 O O   . LYS A 18  ? 1.3339 0.6891 1.3152 -0.3798 0.3486  -0.2256 18  LYS A O   
124 C CB  . LYS A 18  ? 1.6047 0.5934 1.4619 -0.2994 0.4099  -0.1404 18  LYS A CB  
125 C CG  . LYS A 18  ? 1.7090 0.5611 1.4892 -0.2472 0.4248  -0.0655 18  LYS A CG  
126 N N   . LYS A 19  ? 1.3456 0.6688 1.3170 -0.3215 0.3211  -0.2468 19  LYS A N   
127 C CA  . LYS A 19  ? 1.2908 0.7391 1.3111 -0.3624 0.3038  -0.3117 19  LYS A CA  
128 C C   . LYS A 19  ? 1.1656 0.7606 1.2051 -0.3512 0.2576  -0.2979 19  LYS A C   
129 O O   . LYS A 19  ? 1.1311 0.8254 1.2110 -0.3925 0.2508  -0.3359 19  LYS A O   
130 C CB  . LYS A 19  ? 1.2966 0.7511 1.3176 -0.3431 0.2924  -0.3492 19  LYS A CB  
131 N N   . ILE A 20  ? 1.1112 0.7197 1.1252 -0.2941 0.2264  -0.2461 20  ILE A N   
132 C CA  . ILE A 20  ? 1.0100 0.7359 1.0374 -0.2772 0.1859  -0.2284 20  ILE A CA  
133 C C   . ILE A 20  ? 1.0059 0.7373 1.0373 -0.2910 0.1969  -0.2027 20  ILE A C   
134 O O   . ILE A 20  ? 0.9518 0.7862 1.0163 -0.3036 0.1789  -0.2147 20  ILE A O   
135 C CB  . ILE A 20  ? 0.9540 0.6897 0.9576 -0.2185 0.1540  -0.1897 20  ILE A CB  
136 C CG1 . ILE A 20  ? 0.9584 0.7055 0.9616 -0.2078 0.1472  -0.2199 20  ILE A CG1 
137 C CG2 . ILE A 20  ? 0.8643 0.6986 0.8787 -0.2030 0.1191  -0.1693 20  ILE A CG2 
138 C CD1 . ILE A 20  ? 0.9402 0.6666 0.9257 -0.1555 0.1330  -0.1879 20  ILE A CD1 
139 N N   . ALA A 21  ? 1.0744 0.6962 1.0690 -0.2849 0.2272  -0.1668 21  ALA A N   
140 C CA  . ALA A 21  ? 1.0876 0.7030 1.0749 -0.3021 0.2477  -0.1434 21  ALA A CA  
141 C C   . ALA A 21  ? 1.1105 0.7758 1.1488 -0.3685 0.2766  -0.1915 21  ALA A C   
142 O O   . ALA A 21  ? 1.0701 0.8118 1.1358 -0.3829 0.2761  -0.1932 21  ALA A O   
143 C CB  . ALA A 21  ? 1.1872 0.6629 1.1111 -0.2858 0.2800  -0.0967 21  ALA A CB  
144 N N   . LYS A 22  ? 1.1828 0.8097 1.2396 -0.4094 0.3031  -0.2362 22  LYS A N   
145 C CA  . LYS A 22  ? 1.2142 0.8984 1.3302 -0.4802 0.3306  -0.2951 22  LYS A CA  
146 C C   . LYS A 22  ? 1.1122 0.9743 1.2884 -0.4816 0.2834  -0.3344 22  LYS A C   
147 O O   . LYS A 22  ? 1.0979 1.0517 1.3286 -0.5184 0.2914  -0.3632 22  LYS A O   
148 C CB  . LYS A 22  ? 1.3161 0.9162 1.4375 -0.5227 0.3668  -0.3417 22  LYS A CB  
149 C CG  . LYS A 22  ? 1.3782 1.0131 1.5607 -0.6078 0.4086  -0.4058 22  LYS A CG  
150 C CD  . LYS A 22  ? 1.5017 1.0181 1.6809 -0.6521 0.4548  -0.4489 22  LYS A CD  
151 C CE  . LYS A 22  ? 1.5796 1.1141 1.8209 -0.7468 0.5076  -0.5125 22  LYS A CE  
152 N NZ  . LYS A 22  ? 1.4915 1.2345 1.8171 -0.7784 0.4685  -0.5816 22  LYS A NZ  
153 N N   . ILE A 23  ? 1.0510 0.9620 1.2158 -0.4391 0.2361  -0.3336 23  ILE A N   
154 C CA  . ILE A 23  ? 0.9693 1.0360 1.1729 -0.4286 0.1875  -0.3602 23  ILE A CA  
155 C C   . ILE A 23  ? 0.8921 1.0278 1.1073 -0.3956 0.1643  -0.3224 23  ILE A C   
156 O O   . ILE A 23  ? 0.8601 1.1202 1.1278 -0.4046 0.1445  -0.3500 23  ILE A O   
157 C CB  . ILE A 23  ? 0.9434 1.0273 1.1155 -0.3897 0.1500  -0.3593 23  ILE A CB  
158 C CG1 . ILE A 23  ? 1.0174 1.0601 1.1881 -0.4253 0.1710  -0.4139 23  ILE A CG1 
159 C CG2 . ILE A 23  ? 0.8768 1.1056 1.0686 -0.3666 0.0987  -0.3677 23  ILE A CG2 
160 C CD1 . ILE A 23  ? 1.0127 1.0233 1.1394 -0.3862 0.1541  -0.4049 23  ILE A CD1 
161 N N   . ILE A 24  ? 0.8683 0.9273 1.0367 -0.3554 0.1656  -0.2638 24  ILE A N   
162 C CA  . ILE A 24  ? 0.8046 0.9120 0.9779 -0.3233 0.1480  -0.2303 24  ILE A CA  
163 C C   . ILE A 24  ? 0.8204 0.9692 1.0380 -0.3615 0.1794  -0.2492 24  ILE A C   
164 O O   . ILE A 24  ? 0.7630 1.0136 1.0222 -0.3481 0.1598  -0.2558 24  ILE A O   
165 C CB  . ILE A 24  ? 0.8004 0.8137 0.9133 -0.2810 0.1477  -0.1729 24  ILE A CB  
166 C CG1 . ILE A 24  ? 0.7671 0.7709 0.8526 -0.2410 0.1140  -0.1575 24  ILE A CG1 
167 C CG2 . ILE A 24  ? 0.7621 0.8133 0.8791 -0.2579 0.1398  -0.1476 24  ILE A CG2 
168 C CD1 . ILE A 24  ? 0.7815 0.6926 0.8162 -0.2074 0.1166  -0.1146 24  ILE A CD1 
169 N N   . ASP A 25  ? 0.9038 0.9705 1.1129 -0.4082 0.2314  -0.2579 25  ASP A N   
170 C CA  . ASP A 25  ? 0.9421 1.0400 1.1922 -0.4553 0.2741  -0.2781 25  ASP A CA  
171 C C   . ASP A 25  ? 0.9138 1.1609 1.2566 -0.4930 0.2637  -0.3450 25  ASP A C   
172 O O   . ASP A 25  ? 0.8942 1.2336 1.2928 -0.5069 0.2739  -0.3628 25  ASP A O   
173 C CB  . ASP A 25  ? 1.0605 1.0203 1.2730 -0.5024 0.3385  -0.2711 25  ASP A CB  
174 C CG  . ASP A 25  ? 1.1055 0.9253 1.2232 -0.4600 0.3471  -0.2029 25  ASP A CG  
175 O OD1 . ASP A 25  ? 1.0437 0.8859 1.1340 -0.4069 0.3135  -0.1659 25  ASP A OD1 
176 O OD2 . ASP A 25  ? 1.2125 0.8990 1.2834 -0.4787 0.3871  -0.1881 25  ASP A OD2 
177 N N   . GLU A 26  ? 0.9159 1.1948 1.2763 -0.5070 0.2424  -0.3856 26  GLU A N   
178 C CA  . GLU A 26  ? 0.9034 1.3327 1.3486 -0.5435 0.2265  -0.4566 26  GLU A CA  
179 C C   . GLU A 26  ? 0.8158 1.3915 1.2901 -0.4878 0.1599  -0.4565 26  GLU A C   
180 O O   . GLU A 26  ? 0.8062 1.5293 1.3542 -0.5052 0.1382  -0.5109 26  GLU A O   
181 C CB  . GLU A 26  ? 0.9589 1.3622 1.4036 -0.5839 0.2317  -0.5067 26  GLU A CB  
182 C CG  . GLU A 26  ? 1.0655 1.3151 1.4863 -0.6410 0.3012  -0.5128 26  GLU A CG  
183 C CD  . GLU A 26  ? 1.1296 1.3462 1.5515 -0.6788 0.3083  -0.5688 26  GLU A CD  
184 O OE1 . GLU A 26  ? 1.0877 1.3648 1.4968 -0.6457 0.2578  -0.5835 26  GLU A OE1 
185 O OE2 . GLU A 26  ? 1.2308 1.3542 1.6621 -0.7433 0.3686  -0.5989 26  GLU A OE2 
186 N N   . SER A 27  ? 0.7615 1.2971 1.1792 -0.4209 0.1282  -0.3968 27  SER A N   
187 C CA  . SER A 27  ? 0.6988 1.3418 1.1283 -0.3627 0.0694  -0.3856 27  SER A CA  
188 C C   . SER A 27  ? 0.6634 1.3973 1.1500 -0.3419 0.0653  -0.3833 27  SER A C   
189 O O   . SER A 27  ? 0.6291 1.4889 1.1580 -0.3082 0.0218  -0.3979 27  SER A O   
190 C CB  . SER A 27  ? 0.6733 1.2296 1.0241 -0.3060 0.0452  -0.3253 27  SER A CB  
191 O OG  . SER A 27  ? 0.6569 1.1261 0.9768 -0.2866 0.0673  -0.2778 27  SER A OG  
192 N N   . GLY A 28  ? 0.6794 1.3495 1.1633 -0.3579 0.1109  -0.3645 28  GLY A N   
193 C CA  . GLY A 28  ? 0.6564 1.3954 1.1852 -0.3337 0.1141  -0.3594 28  GLY A CA  
194 C C   . GLY A 28  ? 0.6470 1.2902 1.1120 -0.2871 0.1162  -0.2996 28  GLY A C   
195 O O   . GLY A 28  ? 0.6354 1.3195 1.1284 -0.2638 0.1223  -0.2950 28  GLY A O   
196 N N   . ALA A 29  ? 0.6589 1.1827 1.0433 -0.2733 0.1112  -0.2600 29  ALA A N   
197 C CA  . ALA A 29  ? 0.6516 1.0860 0.9752 -0.2361 0.1131  -0.2100 29  ALA A CA  
198 C C   . ALA A 29  ? 0.6997 1.0759 1.0046 -0.2657 0.1659  -0.2030 29  ALA A C   
199 O O   . ALA A 29  ? 0.7462 1.0785 1.0446 -0.3162 0.2059  -0.2160 29  ALA A O   
200 C CB  . ALA A 29  ? 0.6543 0.9920 0.9088 -0.2196 0.0968  -0.1780 29  ALA A CB  
201 N N   . LYS A 30  ? 0.6969 1.0656 0.9863 -0.2347 0.1686  -0.1821 30  LYS A N   
202 C CA  . LYS A 30  ? 0.7508 1.0812 1.0172 -0.2583 0.2185  -0.1767 30  LYS A CA  
203 C C   . LYS A 30  ? 0.8053 1.0003 0.9797 -0.2705 0.2411  -0.1398 30  LYS A C   
204 O O   . LYS A 30  ? 0.8822 1.0278 1.0319 -0.3117 0.2909  -0.1385 30  LYS A O   
205 C CB  . LYS A 30  ? 0.7361 1.0954 1.0051 -0.2170 0.2120  -0.1693 30  LYS A CB  
206 C CG  . LYS A 30  ? 0.6960 1.1846 1.0568 -0.1937 0.1921  -0.2026 30  LYS A CG  
207 C CD  . LYS A 30  ? 0.7171 1.2990 1.1538 -0.2389 0.2314  -0.2477 30  LYS A CD  
208 C CE  . LYS A 30  ? 0.6808 1.4023 1.2141 -0.2038 0.2081  -0.2812 30  LYS A CE  
209 N NZ  . LYS A 30  ? 0.7049 1.5364 1.3259 -0.2484 0.2493  -0.3320 30  LYS A NZ  
210 N N   . GLY A 31  ? 0.7789 0.9155 0.9035 -0.2329 0.2057  -0.1091 31  GLY A N   
211 C CA  . GLY A 31  ? 0.8262 0.8463 0.8699 -0.2316 0.2160  -0.0742 31  GLY A CA  
212 C C   . GLY A 31  ? 0.7792 0.7740 0.8036 -0.1952 0.1714  -0.0572 31  GLY A C   
213 O O   . GLY A 31  ? 0.7192 0.7771 0.7861 -0.1787 0.1382  -0.0708 31  GLY A O   
214 N N   . TYR A 32  ? 0.8150 0.7201 0.7740 -0.1809 0.1719  -0.0264 32  TYR A N   
215 C CA  . TYR A 32  ? 0.7774 0.6638 0.7227 -0.1475 0.1346  -0.0129 32  TYR A CA  
216 C C   . TYR A 32  ? 0.8242 0.6347 0.7005 -0.1212 0.1317  0.0207  32  TYR A C   
217 O O   . TYR A 32  ? 0.8957 0.6522 0.7215 -0.1289 0.1600  0.0388  32  TYR A O   
218 C CB  . TYR A 32  ? 0.7746 0.6539 0.7428 -0.1630 0.1321  -0.0298 32  TYR A CB  
219 C CG  . TYR A 32  ? 0.8620 0.6555 0.8005 -0.1892 0.1690  -0.0262 32  TYR A CG  
220 C CD1 . TYR A 32  ? 0.9139 0.6186 0.8001 -0.1643 0.1682  0.0016  32  TYR A CD1 
221 C CD2 . TYR A 32  ? 0.9019 0.7016 0.8679 -0.2382 0.2064  -0.0519 32  TYR A CD2 
222 C CE1 . TYR A 32  ? 1.0124 0.6204 0.8662 -0.1826 0.2047  0.0095  32  TYR A CE1 
223 C CE2 . TYR A 32  ? 0.9998 0.7031 0.9363 -0.2666 0.2474  -0.0481 32  TYR A CE2 
224 C CZ  . TYR A 32  ? 1.0600 0.6591 0.9361 -0.2363 0.2469  -0.0144 32  TYR A CZ  
225 O OH  . TYR A 32  ? 1.1723 0.6590 1.0146 -0.2591 0.2902  -0.0062 32  TYR A OH  
226 N N   . THR A 33  ? 0.7897 0.6022 0.6632 -0.0897 0.0977  0.0286  33  THR A N   
227 C CA  . THR A 33  ? 0.8268 0.5879 0.6478 -0.0586 0.0853  0.0546  33  THR A CA  
228 C C   . THR A 33  ? 0.8272 0.5629 0.6585 -0.0453 0.0735  0.0548  33  THR A C   
229 O O   . THR A 33  ? 0.7750 0.5524 0.6519 -0.0523 0.0626  0.0346  33  THR A O   
230 C CB  . THR A 33  ? 0.7866 0.5897 0.6060 -0.0333 0.0558  0.0549  33  THR A CB  
231 O OG1 . THR A 33  ? 0.7832 0.6151 0.6020 -0.0451 0.0688  0.0464  33  THR A OG1 
232 C CG2 . THR A 33  ? 0.8384 0.6070 0.6040 -0.0010 0.0393  0.0764  33  THR A CG2 
233 N N   . VAL A 34  ? 0.8969 0.5642 0.6820 -0.0226 0.0769  0.0780  34  VAL A N   
234 C CA  . VAL A 34  ? 0.9123 0.5510 0.7079 -0.0026 0.0687  0.0765  34  VAL A CA  
235 C C   . VAL A 34  ? 0.9571 0.5751 0.7159 0.0465  0.0448  0.1012  34  VAL A C   
236 O O   . VAL A 34  ? 1.0131 0.6042 0.7157 0.0611  0.0448  0.1264  34  VAL A O   
237 C CB  . VAL A 34  ? 0.9838 0.5453 0.7707 -0.0255 0.1054  0.0732  34  VAL A CB  
238 C CG1 . VAL A 34  ? 1.0995 0.5632 0.8154 -0.0178 0.1320  0.1091  34  VAL A CG1 
239 C CG2 . VAL A 34  ? 0.9850 0.5304 0.7969 -0.0088 0.0993  0.0584  34  VAL A CG2 
240 N N   . MET A 35  ? 0.9389 0.5787 0.7292 0.0731  0.0240  0.0918  35  MET A N   
241 C CA  . MET A 35  ? 0.9770 0.6222 0.7491 0.1236  -0.0050 0.1077  35  MET A CA  
242 C C   . MET A 35  ? 0.9657 0.6137 0.7760 0.1521  -0.0129 0.0956  35  MET A C   
243 O O   . MET A 35  ? 0.9000 0.5827 0.7608 0.1306  -0.0062 0.0675  35  MET A O   
244 C CB  . MET A 35  ? 0.9313 0.6619 0.7198 0.1268  -0.0357 0.0973  35  MET A CB  
245 C CG  . MET A 35  ? 0.8520 0.6561 0.7094 0.1054  -0.0435 0.0664  35  MET A CG  
246 S SD  . MET A 35  ? 0.8186 0.6857 0.6879 0.0850  -0.0574 0.0531  35  MET A SD  
247 C CE  . MET A 35  ? 0.8010 0.6408 0.6581 0.0469  -0.0269 0.0552  35  MET A CE  
248 N N   . ASN A 36  ? 1.0311 0.6448 0.8134 0.2044  -0.0271 0.1172  36  ASN A N   
249 C CA  . ASN A 36  ? 1.0376 0.6588 0.8601 0.2430  -0.0358 0.1047  36  ASN A CA  
250 C C   . ASN A 36  ? 0.9445 0.6850 0.8316 0.2517  -0.0671 0.0768  36  ASN A C   
251 O O   . ASN A 36  ? 0.9207 0.7194 0.8023 0.2627  -0.0965 0.0802  36  ASN A O   
252 C CB  . ASN A 36  ? 1.1637 0.7122 0.9353 0.3063  -0.0445 0.1403  36  ASN A CB  
253 C CG  . ASN A 36  ? 1.2745 0.6833 0.9852 0.2965  -0.0028 0.1676  36  ASN A CG  
254 O OD1 . ASN A 36  ? 1.2864 0.6466 1.0223 0.2705  0.0300  0.1468  36  ASN A OD1 
255 N ND2 . ASN A 36  ? 1.3688 0.7112 0.9958 0.3143  -0.0008 0.2123  36  ASN A ND2 
256 N N   . THR A 37  ? 0.8922 0.6690 0.8389 0.2429  -0.0573 0.0461  37  THR A N   
257 C CA  . THR A 37  ? 0.8162 0.7019 0.8290 0.2412  -0.0752 0.0171  37  THR A CA  
258 C C   . THR A 37  ? 0.8274 0.7342 0.8921 0.2696  -0.0677 -0.0068 37  THR A C   
259 O O   . THR A 37  ? 0.8924 0.7227 0.9405 0.2898  -0.0486 -0.0026 37  THR A O   
260 C CB  . THR A 37  ? 0.7332 0.6575 0.7648 0.1825  -0.0619 0.0005  37  THR A CB  
261 O OG1 . THR A 37  ? 0.7333 0.6145 0.7599 0.1555  -0.0317 -0.0086 37  THR A OG1 
262 C CG2 . THR A 37  ? 0.7198 0.6341 0.7119 0.1594  -0.0690 0.0177  37  THR A CG2 
263 N N   . GLY A 38  ? 0.7735 0.7826 0.9034 0.2689  -0.0785 -0.0348 38  GLY A N   
264 C CA  . GLY A 38  ? 0.7762 0.8262 0.9656 0.2873  -0.0650 -0.0657 38  GLY A CA  
265 C C   . GLY A 38  ? 0.7134 0.8057 0.9297 0.2324  -0.0377 -0.0911 38  GLY A C   
266 O O   . GLY A 38  ? 0.6670 0.7672 0.8646 0.1879  -0.0364 -0.0834 38  GLY A O   
267 N N   . GLY A 39  ? 0.7301 0.8462 0.9852 0.2388  -0.0144 -0.1203 39  GLY A N   
268 C CA  . GLY A 39  ? 0.6935 0.8493 0.9621 0.1904  0.0146  -0.1422 39  GLY A CA  
269 C C   . GLY A 39  ? 0.7152 0.9250 1.0385 0.2062  0.0383  -0.1802 39  GLY A C   
270 O O   . GLY A 39  ? 0.7690 0.9562 1.1110 0.2546  0.0395  -0.1919 39  GLY A O   
271 N N   . LYS A 40  ? 0.6869 0.9631 1.0333 0.1665  0.0611  -0.1985 40  LYS A N   
272 C CA  . LYS A 40  ? 0.7075 1.0478 1.1060 0.1729  0.0919  -0.2381 40  LYS A CA  
273 C C   . LYS A 40  ? 0.7025 1.0624 1.0728 0.1172  0.1280  -0.2458 40  LYS A C   
274 O O   . LYS A 40  ? 0.6800 1.0599 1.0381 0.0774  0.1283  -0.2275 40  LYS A O   
275 C CB  . LYS A 40  ? 0.6888 1.1345 1.1756 0.1959  0.0798  -0.2582 40  LYS A CB  
276 N N   . ILE A 56  ? 0.9089 1.3209 1.4802 0.4342  -0.0020 -0.2586 56  ILE A N   
277 C CA  . ILE A 56  ? 0.9071 1.2253 1.3898 0.4108  -0.0216 -0.2115 56  ILE A CA  
278 C C   . ILE A 56  ? 0.9966 1.1724 1.4137 0.4487  -0.0172 -0.1849 56  ILE A C   
279 O O   . ILE A 56  ? 1.0731 1.2250 1.5014 0.5221  -0.0361 -0.1755 56  ILE A O   
280 C CB  . ILE A 56  ? 0.8862 1.2624 1.3770 0.4281  -0.0708 -0.1921 56  ILE A CB  
281 C CG1 . ILE A 56  ? 0.8098 1.3232 1.3740 0.3845  -0.0707 -0.2251 56  ILE A CG1 
282 C CG2 . ILE A 56  ? 0.8864 1.1672 1.2836 0.4019  -0.0845 -0.1468 56  ILE A CG2 
283 C CD1 . ILE A 56  ? 0.7973 1.3905 1.3863 0.4014  -0.1195 -0.2230 56  ILE A CD1 
284 N N   . GLU A 57  ? 0.9996 1.0816 1.3501 0.3992  0.0083  -0.1736 57  GLU A N   
285 C CA  . GLU A 57  ? 1.0866 1.0256 1.3736 0.4178  0.0200  -0.1513 57  GLU A CA  
286 C C   . GLU A 57  ? 1.0643 0.9367 1.2765 0.3803  0.0090  -0.1098 57  GLU A C   
287 O O   . GLU A 57  ? 0.9859 0.9051 1.1898 0.3251  0.0065  -0.1087 57  GLU A O   
288 C CB  . GLU A 57  ? 1.1253 1.0141 1.4086 0.3924  0.0656  -0.1877 57  GLU A CB  
289 C CG  . GLU A 57  ? 1.0665 0.9743 1.3217 0.3126  0.0854  -0.2007 57  GLU A CG  
290 C CD  . GLU A 57  ? 1.1197 0.9833 1.3637 0.2907  0.1260  -0.2418 57  GLU A CD  
291 O OE1 . GLU A 57  ? 1.1716 1.0411 1.4565 0.3288  0.1453  -0.2764 57  GLU A OE1 
292 O OE2 . GLU A 57  ? 1.1181 0.9480 1.3153 0.2364  0.1378  -0.2442 57  GLU A OE2 
293 N N   . ALA A 58  ? 1.1439 0.9029 1.3010 0.4124  0.0063  -0.0751 58  ALA A N   
294 C CA  . ALA A 58  ? 1.1419 0.8377 1.2280 0.3820  0.0000  -0.0354 58  ALA A CA  
295 C C   . ALA A 58  ? 1.1080 0.7618 1.1674 0.3097  0.0324  -0.0488 58  ALA A C   
296 O O   . ALA A 58  ? 1.1513 0.7477 1.2119 0.2978  0.0648  -0.0745 58  ALA A O   
297 C CB  . ALA A 58  ? 1.2673 0.8444 1.2951 0.4348  -0.0033 0.0073  58  ALA A CB  
298 N N   . ASN A 59  ? 1.0303 0.7188 1.0688 0.2639  0.0222  -0.0357 59  ASN A N   
299 C CA  . ASN A 59  ? 0.9929 0.6609 1.0103 0.2004  0.0449  -0.0468 59  ASN A CA  
300 C C   . ASN A 59  ? 0.9540 0.6174 0.9323 0.1738  0.0331  -0.0163 59  ASN A C   
301 O O   . ASN A 59  ? 0.9661 0.6346 0.9262 0.2032  0.0095  0.0122  59  ASN A O   
302 C CB  . ASN A 59  ? 0.9207 0.6768 0.9771 0.1676  0.0512  -0.0831 59  ASN A CB  
303 C CG  . ASN A 59  ? 0.8482 0.7056 0.9356 0.1668  0.0268  -0.0789 59  ASN A CG  
304 O OD1 . ASN A 59  ? 0.8436 0.7172 0.9291 0.1893  0.0015  -0.0559 59  ASN A OD1 
305 N ND2 . ASN A 59  ? 0.8020 0.7257 0.9137 0.1383  0.0368  -0.1026 59  ASN A ND2 
306 N N   . ILE A 60  ? 0.9114 0.5724 0.8780 0.1211  0.0484  -0.0258 60  ILE A N   
307 C CA  . ILE A 60  ? 0.8867 0.5425 0.8220 0.0956  0.0437  -0.0025 60  ILE A CA  
308 C C   . ILE A 60  ? 0.7854 0.5255 0.7418 0.0610  0.0329  -0.0137 60  ILE A C   
309 O O   . ILE A 60  ? 0.7410 0.5285 0.7239 0.0455  0.0358  -0.0383 60  ILE A O   
310 C CB  . ILE A 60  ? 0.9541 0.5224 0.8560 0.0662  0.0751  0.0007  60  ILE A CB  
311 C CG1 . ILE A 60  ? 0.9482 0.5224 0.8739 0.0266  0.0970  -0.0410 60  ILE A CG1 
312 C CG2 . ILE A 60  ? 1.0683 0.5296 0.9320 0.1039  0.0882  0.0268  60  ILE A CG2 
313 C CD1 . ILE A 60  ? 1.0018 0.5167 0.9103 -0.0175 0.1278  -0.0493 60  ILE A CD1 
314 N N   . LYS A 61  ? 0.7569 0.5091 0.6955 0.0519  0.0226  0.0060  61  LYS A N   
315 C CA  . LYS A 61  ? 0.6813 0.4979 0.6360 0.0265  0.0131  0.0006  61  LYS A CA  
316 C C   . LYS A 61  ? 0.6831 0.4828 0.6168 0.0022  0.0226  0.0095  61  LYS A C   
317 O O   . LYS A 61  ? 0.7181 0.4843 0.6205 0.0127  0.0232  0.0298  61  LYS A O   
318 C CB  . LYS A 61  ? 0.6408 0.5069 0.6100 0.0451  -0.0107 0.0076  61  LYS A CB  
319 C CG  . LYS A 61  ? 0.5890 0.5005 0.5700 0.0232  -0.0171 0.0064  61  LYS A CG  
320 C CD  . LYS A 61  ? 0.5681 0.5189 0.5668 0.0347  -0.0351 0.0064  61  LYS A CD  
321 C CE  . LYS A 61  ? 0.5446 0.5126 0.5446 0.0171  -0.0377 0.0085  61  LYS A CE  
322 N NZ  . LYS A 61  ? 0.5407 0.5398 0.5594 0.0208  -0.0513 0.0013  61  LYS A NZ  
323 N N   . PHE A 62  ? 0.6523 0.4832 0.6023 -0.0282 0.0297  -0.0070 62  PHE A N   
324 C CA  . PHE A 62  ? 0.6473 0.4861 0.5941 -0.0514 0.0385  -0.0058 62  PHE A CA  
325 C C   . PHE A 62  ? 0.5891 0.4872 0.5525 -0.0485 0.0205  -0.0024 62  PHE A C   
326 O O   . PHE A 62  ? 0.5466 0.4828 0.5268 -0.0438 0.0073  -0.0069 62  PHE A O   
327 C CB  . PHE A 62  ? 0.6619 0.5099 0.6256 -0.0850 0.0554  -0.0323 62  PHE A CB  
328 C CG  . PHE A 62  ? 0.7374 0.5100 0.6851 -0.0974 0.0831  -0.0395 62  PHE A CG  
329 C CD1 . PHE A 62  ? 0.7979 0.5120 0.7207 -0.1101 0.1083  -0.0251 62  PHE A CD1 
330 C CD2 . PHE A 62  ? 0.7629 0.5161 0.7172 -0.0979 0.0892  -0.0612 62  PHE A CD2 
331 C CE1 . PHE A 62  ? 0.8893 0.5151 0.7925 -0.1229 0.1399  -0.0277 62  PHE A CE1 
332 C CE2 . PHE A 62  ? 0.8493 0.5182 0.7897 -0.1086 0.1189  -0.0699 62  PHE A CE2 
333 C CZ  . PHE A 62  ? 0.9138 0.5132 0.8280 -0.1214 0.1448  -0.0509 62  PHE A CZ  
334 N N   . GLU A 63  ? 0.5959 0.4948 0.5510 -0.0515 0.0246  0.0057  63  GLU A N   
335 C CA  . GLU A 63  ? 0.5587 0.5028 0.5313 -0.0476 0.0129  0.0055  63  GLU A CA  
336 C C   . GLU A 63  ? 0.5615 0.5302 0.5491 -0.0658 0.0275  -0.0049 63  GLU A C   
337 O O   . GLU A 63  ? 0.5974 0.5404 0.5656 -0.0748 0.0468  -0.0013 63  GLU A O   
338 C CB  . GLU A 63  ? 0.5678 0.5002 0.5226 -0.0291 0.0031  0.0169  63  GLU A CB  
339 C CG  . GLU A 63  ? 0.5617 0.4937 0.5190 -0.0130 -0.0132 0.0199  63  GLU A CG  
340 C CD  . GLU A 63  ? 0.5709 0.5090 0.5206 -0.0003 -0.0260 0.0206  63  GLU A CD  
341 O OE1 . GLU A 63  ? 0.5965 0.5196 0.5160 0.0033  -0.0226 0.0244  63  GLU A OE1 
342 O OE2 . GLU A 63  ? 0.5614 0.5209 0.5337 0.0027  -0.0371 0.0144  63  GLU A OE2 
343 N N   . ILE A 64  ? 0.5311 0.5544 0.5520 -0.0696 0.0188  -0.0174 64  ILE A N   
344 C CA  . ILE A 64  ? 0.5300 0.6000 0.5815 -0.0844 0.0291  -0.0344 64  ILE A CA  
345 C C   . ILE A 64  ? 0.5055 0.6230 0.5825 -0.0608 0.0124  -0.0326 64  ILE A C   
346 O O   . ILE A 64  ? 0.4856 0.6225 0.5670 -0.0439 -0.0084 -0.0257 64  ILE A O   
347 C CB  . ILE A 64  ? 0.5387 0.6453 0.6144 -0.1090 0.0317  -0.0595 64  ILE A CB  
348 C CG1 . ILE A 64  ? 0.5788 0.6222 0.6286 -0.1281 0.0490  -0.0626 64  ILE A CG1 
349 C CG2 . ILE A 64  ? 0.5452 0.7090 0.6627 -0.1312 0.0468  -0.0843 64  ILE A CG2 
350 C CD1 . ILE A 64  ? 0.5726 0.6012 0.6063 -0.1137 0.0327  -0.0587 64  ILE A CD1 
351 N N   . LEU A 65  ? 0.5141 0.6438 0.6031 -0.0581 0.0252  -0.0373 65  LEU A N   
352 C CA  . LEU A 65  ? 0.5079 0.6814 0.6292 -0.0324 0.0142  -0.0404 65  LEU A CA  
353 C C   . LEU A 65  ? 0.5086 0.7645 0.6812 -0.0397 0.0140  -0.0643 65  LEU A C   
354 O O   . LEU A 65  ? 0.5240 0.7986 0.7119 -0.0716 0.0378  -0.0841 65  LEU A O   
355 C CB  . LEU A 65  ? 0.5247 0.6773 0.6377 -0.0242 0.0305  -0.0422 65  LEU A CB  
356 C CG  . LEU A 65  ? 0.5329 0.6256 0.6068 -0.0120 0.0244  -0.0281 65  LEU A CG  
357 C CD1 . LEU A 65  ? 0.5236 0.6093 0.6097 0.0131  0.0043  -0.0180 65  LEU A CD1 
358 C CD2 . LEU A 65  ? 0.5428 0.5908 0.5754 -0.0262 0.0232  -0.0158 65  LEU A CD2 
359 N N   . THR A 66  ? 0.5064 0.8127 0.7053 -0.0104 -0.0120 -0.0625 66  THR A N   
360 C CA  . THR A 66  ? 0.5084 0.9143 0.7626 -0.0094 -0.0217 -0.0884 66  THR A CA  
361 C C   . THR A 66  ? 0.5275 0.9788 0.8172 0.0391  -0.0386 -0.0845 66  THR A C   
362 O O   . THR A 66  ? 0.5431 0.9425 0.8055 0.0736  -0.0508 -0.0560 66  THR A O   
363 C CB  . THR A 66  ? 0.5067 0.9480 0.7536 -0.0175 -0.0455 -0.0938 66  THR A CB  
364 O OG1 . THR A 66  ? 0.5111 0.9234 0.7206 0.0179  -0.0711 -0.0615 66  THR A OG1 
365 C CG2 . THR A 66  ? 0.5079 0.8988 0.7256 -0.0623 -0.0255 -0.1025 66  THR A CG2 
366 N N   . GLU A 67  ? 0.5407 1.0885 0.8958 0.0414  -0.0365 -0.1155 67  GLU A N   
367 C CA  . GLU A 67  ? 0.5669 1.1683 0.9675 0.0944  -0.0513 -0.1167 67  GLU A CA  
368 C C   . GLU A 67  ? 0.5944 1.2234 0.9853 0.1416  -0.0958 -0.0934 67  GLU A C   
369 O O   . GLU A 67  ? 0.6300 1.2220 1.0100 0.1935  -0.1083 -0.0657 67  GLU A O   
370 C CB  . GLU A 67  ? 0.5660 1.2832 1.0503 0.0828  -0.0366 -0.1621 67  GLU A CB  
371 C CG  . GLU A 67  ? 0.5898 1.3635 1.1315 0.1411  -0.0444 -0.1694 67  GLU A CG  
372 C CD  . GLU A 67  ? 0.5871 1.4849 1.2206 0.1247  -0.0227 -0.2206 67  GLU A CD  
373 O OE1 . GLU A 67  ? 0.5851 1.4701 1.2187 0.0674  0.0220  -0.2420 67  GLU A OE1 
374 O OE2 . GLU A 67  ? 0.5980 1.6079 1.3034 0.1705  -0.0488 -0.2387 67  GLU A OE2 
375 N N   . THR A 68  ? 0.5948 1.2828 0.9833 0.1230  -0.1173 -0.1048 68  THR A N   
376 C CA  . THR A 68  ? 0.6315 1.3556 0.9969 0.1657  -0.1610 -0.0829 68  THR A CA  
377 C C   . THR A 68  ? 0.6370 1.2854 0.9224 0.1457  -0.1650 -0.0565 68  THR A C   
378 O O   . THR A 68  ? 0.6113 1.2100 0.8759 0.0950  -0.1401 -0.0673 68  THR A O   
379 C CB  . THR A 68  ? 0.6396 1.5166 1.0645 0.1659  -0.1898 -0.1241 68  THR A CB  
380 O OG1 . THR A 68  ? 0.6196 1.5186 1.0514 0.0961  -0.1720 -0.1630 68  THR A OG1 
381 C CG2 . THR A 68  ? 0.6361 1.6095 1.1535 0.1909  -0.1869 -0.1545 68  THR A CG2 
382 N N   . ARG A 69  ? 0.6828 1.3219 0.9220 0.1891  -0.1946 -0.0204 69  ARG A N   
383 C CA  . ARG A 69  ? 0.7016 1.2927 0.8662 0.1737  -0.1996 0.0012  69  ARG A CA  
384 C C   . ARG A 69  ? 0.6905 1.3697 0.8638 0.1356  -0.2121 -0.0417 69  ARG A C   
385 O O   . ARG A 69  ? 0.6793 1.3148 0.8178 0.0937  -0.1953 -0.0502 69  ARG A O   
386 C CB  . ARG A 69  ? 0.7770 1.3445 0.8854 0.2315  -0.2255 0.0519  69  ARG A CB  
387 C CG  . ARG A 69  ? 0.8139 1.3416 0.8389 0.2187  -0.2280 0.0761  69  ARG A CG  
388 C CD  . ARG A 69  ? 0.8174 1.2142 0.7985 0.2031  -0.1937 0.1099  69  ARG A CD  
389 N NE  . ARG A 69  ? 0.8632 1.2319 0.7676 0.1941  -0.1925 0.1330  69  ARG A NE  
390 C CZ  . ARG A 69  ? 0.8886 1.1592 0.7478 0.1833  -0.1648 0.1651  69  ARG A CZ  
391 N NH1 . ARG A 69  ? 0.8751 1.0649 0.7578 0.1792  -0.1396 0.1762  69  ARG A NH1 
392 N NH2 . ARG A 69  ? 0.9327 1.1925 0.7242 0.1734  -0.1603 0.1817  69  ARG A NH2 
393 N N   . GLU A 70  ? 0.6966 1.5034 0.9217 0.1512  -0.2412 -0.0733 70  GLU A N   
394 C CA  . GLU A 70  ? 0.6967 1.6038 0.9388 0.1137  -0.2564 -0.1244 70  GLU A CA  
395 C C   . GLU A 70  ? 0.6549 1.5289 0.9229 0.0398  -0.2150 -0.1662 70  GLU A C   
396 O O   . GLU A 70  ? 0.6629 1.5402 0.9054 0.0011  -0.2123 -0.1927 70  GLU A O   
397 C CB  . GLU A 70  ? 0.7073 1.7719 1.0238 0.1403  -0.2922 -0.1604 70  GLU A CB  
398 N N   . MET A 71  ? 0.6247 1.4616 0.9372 0.0225  -0.1810 -0.1712 71  MET A N   
399 C CA  . MET A 71  ? 0.6106 1.3956 0.9355 -0.0415 -0.1376 -0.1993 71  MET A CA  
400 C C   . MET A 71  ? 0.6091 1.2690 0.8608 -0.0555 -0.1195 -0.1704 71  MET A C   
401 O O   . MET A 71  ? 0.6194 1.2477 0.8617 -0.1008 -0.0983 -0.1955 71  MET A O   
402 C CB  . MET A 71  ? 0.5967 1.3638 0.9681 -0.0502 -0.1042 -0.2022 71  MET A CB  
403 C CG  . MET A 71  ? 0.6025 1.3037 0.9738 -0.1116 -0.0562 -0.2213 71  MET A CG  
404 S SD  . MET A 71  ? 0.6094 1.3092 1.0281 -0.1261 -0.0135 -0.2296 71  MET A SD  
405 C CE  . MET A 71  ? 0.6094 1.4829 1.1347 -0.1458 -0.0205 -0.2930 71  MET A CE  
406 N N   . ALA A 72  ? 0.5994 1.1889 0.8047 -0.0167 -0.1255 -0.1208 72  ALA A N   
407 C CA  . ALA A 72  ? 0.5950 1.0835 0.7412 -0.0260 -0.1105 -0.0959 72  ALA A CA  
408 C C   . ALA A 72  ? 0.6201 1.1304 0.7278 -0.0367 -0.1240 -0.1086 72  ALA A C   
409 O O   . ALA A 72  ? 0.6222 1.0829 0.7101 -0.0677 -0.1035 -0.1223 72  ALA A O   
410 C CB  . ALA A 72  ? 0.5953 1.0187 0.7096 0.0128  -0.1132 -0.0475 72  ALA A CB  
411 N N   . GLU A 73  ? 0.6509 1.2356 0.7443 -0.0071 -0.1585 -0.1045 73  GLU A N   
412 C CA  . GLU A 73  ? 0.6941 1.3139 0.7417 -0.0149 -0.1740 -0.1197 73  GLU A CA  
413 C C   . GLU A 73  ? 0.6985 1.3750 0.7808 -0.0646 -0.1678 -0.1848 73  GLU A C   
414 O O   . GLU A 73  ? 0.7192 1.3775 0.7674 -0.0899 -0.1586 -0.2073 73  GLU A O   
415 C CB  . GLU A 73  ? 0.7443 1.4371 0.7603 0.0339  -0.2161 -0.0973 73  GLU A CB  
416 C CG  . GLU A 73  ? 0.7749 1.3900 0.7385 0.0785  -0.2157 -0.0306 73  GLU A CG  
417 C CD  . GLU A 73  ? 0.8497 1.5219 0.7736 0.1344  -0.2558 0.0008  73  GLU A CD  
418 O OE1 . GLU A 73  ? 0.8911 1.6645 0.8013 0.1374  -0.2875 -0.0273 73  GLU A OE1 
419 O OE2 . GLU A 73  ? 0.8825 1.4953 0.7855 0.1770  -0.2557 0.0533  73  GLU A OE2 
420 N N   . GLU A 74  ? 0.6851 1.4290 0.8385 -0.0807 -0.1686 -0.2188 74  GLU A N   
421 C CA  . GLU A 74  ? 0.7000 1.4915 0.8982 -0.1375 -0.1545 -0.2853 74  GLU A CA  
422 C C   . GLU A 74  ? 0.6960 1.3692 0.8796 -0.1803 -0.1076 -0.2926 74  GLU A C   
423 O O   . GLU A 74  ? 0.7296 1.4008 0.9093 -0.2200 -0.0952 -0.3378 74  GLU A O   
424 C CB  . GLU A 74  ? 0.6909 1.5675 0.9757 -0.1498 -0.1533 -0.3157 74  GLU A CB  
425 C CG  . GLU A 74  ? 0.7198 1.6534 1.0622 -0.2165 -0.1339 -0.3896 74  GLU A CG  
426 C CD  . GLU A 74  ? 0.7160 1.7650 1.1527 -0.2273 -0.1359 -0.4246 74  GLU A CD  
427 O OE1 . GLU A 74  ? 0.7134 1.7147 1.1885 -0.2598 -0.0913 -0.4282 74  GLU A OE1 
428 O OE2 . GLU A 74  ? 0.7306 1.9224 1.2015 -0.2004 -0.1819 -0.4479 74  GLU A OE2 
429 N N   . ILE A 75  ? 0.6653 1.2404 0.8391 -0.1688 -0.0832 -0.2499 75  ILE A N   
430 C CA  . ILE A 75  ? 0.6707 1.1304 0.8243 -0.1949 -0.0441 -0.2463 75  ILE A CA  
431 C C   . ILE A 75  ? 0.6797 1.0898 0.7761 -0.1830 -0.0464 -0.2348 75  ILE A C   
432 O O   . ILE A 75  ? 0.7039 1.0609 0.7902 -0.2102 -0.0225 -0.2604 75  ILE A O   
433 C CB  . ILE A 75  ? 0.6436 1.0268 0.7960 -0.1796 -0.0243 -0.2036 75  ILE A CB  
434 C CG1 . ILE A 75  ? 0.6411 1.0663 0.8487 -0.1994 -0.0095 -0.2210 75  ILE A CG1 
435 C CG2 . ILE A 75  ? 0.6634 0.9313 0.7843 -0.1923 0.0072  -0.1919 75  ILE A CG2 
436 C CD1 . ILE A 75  ? 0.6196 0.9985 0.8228 -0.1764 0.0020  -0.1822 75  ILE A CD1 
437 N N   . ALA A 76  ? 0.6629 1.0865 0.7230 -0.1425 -0.0707 -0.1973 76  ALA A N   
438 C CA  . ALA A 76  ? 0.6760 1.0621 0.6830 -0.1316 -0.0685 -0.1849 76  ALA A CA  
439 C C   . ALA A 76  ? 0.7150 1.1579 0.7016 -0.1513 -0.0768 -0.2315 76  ALA A C   
440 O O   . ALA A 76  ? 0.7372 1.1358 0.7013 -0.1659 -0.0564 -0.2510 76  ALA A O   
441 C CB  . ALA A 76  ? 0.6652 1.0497 0.6376 -0.0900 -0.0860 -0.1331 76  ALA A CB  
442 N N   . ASP A 77  ? 0.7253 1.2718 0.7209 -0.1490 -0.1081 -0.2528 77  ASP A N   
443 C CA  . ASP A 77  ? 0.7736 1.3947 0.7455 -0.1669 -0.1233 -0.3029 77  ASP A CA  
444 C C   . ASP A 77  ? 0.7978 1.3967 0.8018 -0.2213 -0.0940 -0.3687 77  ASP A C   
445 O O   . ASP A 77  ? 0.8425 1.4398 0.8132 -0.2383 -0.0860 -0.4059 77  ASP A O   
446 C CB  . ASP A 77  ? 0.7867 1.5386 0.7711 -0.1499 -0.1688 -0.3155 77  ASP A CB  
447 C CG  . ASP A 77  ? 0.7973 1.5661 0.7274 -0.0910 -0.1993 -0.2522 77  ASP A CG  
448 O OD1 . ASP A 77  ? 0.7913 1.4699 0.6799 -0.0713 -0.1809 -0.2009 77  ASP A OD1 
449 O OD2 . ASP A 77  ? 0.8184 1.6911 0.7487 -0.0637 -0.2410 -0.2541 77  ASP A OD2 
450 N N   . ARG A 78  ? 0.7806 1.3561 0.8459 -0.2495 -0.0734 -0.3836 78  ARG A N   
451 C CA  . ARG A 78  ? 0.8246 1.3578 0.9206 -0.3045 -0.0375 -0.4417 78  ARG A CA  
452 C C   . ARG A 78  ? 0.8429 1.2417 0.9085 -0.3039 0.0005  -0.4273 78  ARG A C   
453 O O   . ARG A 78  ? 0.8980 1.2675 0.9531 -0.3305 0.0203  -0.4750 78  ARG A O   
454 C CB  . ARG A 78  ? 0.8172 1.3559 0.9817 -0.3371 -0.0186 -0.4561 78  ARG A CB  
455 C CG  . ARG A 78  ? 0.8229 1.5126 1.0406 -0.3553 -0.0488 -0.5031 78  ARG A CG  
456 C CD  . ARG A 78  ? 0.8417 1.5351 1.1344 -0.4111 -0.0140 -0.5429 78  ARG A CD  
457 N NE  . ARG A 78  ? 0.8056 1.4462 1.1149 -0.3936 0.0049  -0.4895 78  ARG A NE  
458 C CZ  . ARG A 78  ? 0.8248 1.4412 1.1844 -0.4368 0.0457  -0.5054 78  ARG A CZ  
459 N NH1 . ARG A 78  ? 0.8823 1.5161 1.2882 -0.5051 0.0755  -0.5737 78  ARG A NH1 
460 N NH2 . ARG A 78  ? 0.7934 1.3653 1.1544 -0.4152 0.0608  -0.4549 78  ARG A NH2 
461 N N   . VAL A 79  ? 0.8081 1.1309 0.8617 -0.2710 0.0091  -0.3657 79  VAL A N   
462 C CA  . VAL A 79  ? 0.8279 1.0356 0.8593 -0.2606 0.0392  -0.3486 79  VAL A CA  
463 C C   . VAL A 79  ? 0.8505 1.0669 0.8393 -0.2445 0.0351  -0.3598 79  VAL A C   
464 O O   . VAL A 79  ? 0.9008 1.0535 0.8827 -0.2536 0.0626  -0.3879 79  VAL A O   
465 C CB  . VAL A 79  ? 0.7815 0.9307 0.8085 -0.2256 0.0407  -0.2836 79  VAL A CB  
466 C CG1 . VAL A 79  ? 0.7981 0.8549 0.8041 -0.2043 0.0614  -0.2665 79  VAL A CG1 
467 C CG2 . VAL A 79  ? 0.7801 0.9038 0.8397 -0.2440 0.0556  -0.2751 79  VAL A CG2 
468 N N   . ALA A 80  ? 0.8217 1.1119 0.7795 -0.2191 0.0047  -0.3370 80  ALA A N   
469 C CA  . ALA A 80  ? 0.8427 1.1484 0.7512 -0.2050 0.0044  -0.3423 80  ALA A CA  
470 C C   . ALA A 80  ? 0.9056 1.2511 0.8009 -0.2373 0.0095  -0.4144 80  ALA A C   
471 O O   . ALA A 80  ? 0.9448 1.2455 0.8251 -0.2423 0.0362  -0.4436 80  ALA A O   
472 C CB  . ALA A 80  ? 0.8233 1.1918 0.6928 -0.1739 -0.0259 -0.2976 80  ALA A CB  
473 N N   . VAL A 81  ? 0.9161 1.3522 0.8216 -0.2584 -0.0164 -0.4481 81  VAL A N   
474 C CA  . VAL A 81  ? 0.9832 1.4762 0.8791 -0.2946 -0.0171 -0.5267 81  VAL A CA  
475 C C   . VAL A 81  ? 1.0271 1.4274 0.9568 -0.3333 0.0281  -0.5803 81  VAL A C   
476 O O   . VAL A 81  ? 1.0874 1.4800 0.9933 -0.3501 0.0454  -0.6352 81  VAL A O   
477 C CB  . VAL A 81  ? 0.9867 1.6040 0.9084 -0.3124 -0.0557 -0.5579 81  VAL A CB  
478 C CG1 . VAL A 81  ? 1.0595 1.7279 0.9957 -0.3652 -0.0503 -0.6543 81  VAL A CG1 
479 C CG2 . VAL A 81  ? 0.9799 1.6922 0.8468 -0.2682 -0.1023 -0.5160 81  VAL A CG2 
480 N N   . LYS A 82  ? 1.0053 1.3281 0.9847 -0.3451 0.0501  -0.5624 82  LYS A N   
481 C CA  . LYS A 82  ? 1.0676 1.2887 1.0772 -0.3825 0.0956  -0.6068 82  LYS A CA  
482 C C   . LYS A 82  ? 1.0939 1.1934 1.0834 -0.3545 0.1294  -0.5887 82  LYS A C   
483 O O   . LYS A 82  ? 1.1762 1.2064 1.1709 -0.3775 0.1641  -0.6415 82  LYS A O   
484 C CB  . LYS A 82  ? 1.0568 1.2388 1.1176 -0.4072 0.1106  -0.5911 82  LYS A CB  
485 C CG  . LYS A 82  ? 1.0506 1.3568 1.1529 -0.4461 0.0870  -0.6326 82  LYS A CG  
486 C CD  . LYS A 82  ? 1.0187 1.3127 1.1683 -0.4582 0.0969  -0.6013 82  LYS A CD  
487 C CE  . LYS A 82  ? 1.0953 1.2844 1.2796 -0.5136 0.1527  -0.6348 82  LYS A CE  
488 N NZ  . LYS A 82  ? 1.0769 1.2920 1.3119 -0.5402 0.1638  -0.6231 82  LYS A NZ  
489 N N   . TYR A 83  ? 1.0377 1.1140 1.0096 -0.3047 0.1202  -0.5195 83  TYR A N   
490 C CA  . TYR A 83  ? 1.0611 1.0337 1.0276 -0.2721 0.1484  -0.4995 83  TYR A CA  
491 C C   . TYR A 83  ? 1.0352 1.0409 0.9714 -0.2312 0.1401  -0.4763 83  TYR A C   
492 O O   . TYR A 83  ? 1.0720 1.0165 1.0103 -0.2088 0.1654  -0.4841 83  TYR A O   
493 C CB  . TYR A 83  ? 1.0376 0.9256 1.0244 -0.2532 0.1568  -0.4420 83  TYR A CB  
494 C CG  . TYR A 83  ? 1.0869 0.9175 1.0999 -0.2952 0.1797  -0.4612 83  TYR A CG  
495 C CD1 . TYR A 83  ? 1.1871 0.9324 1.2087 -0.3257 0.2193  -0.5142 83  TYR A CD1 
496 C CD2 . TYR A 83  ? 1.0419 0.8990 1.0714 -0.3070 0.1676  -0.4289 83  TYR A CD2 
497 C CE1 . TYR A 83  ? 1.2459 0.9299 1.2912 -0.3718 0.2485  -0.5319 83  TYR A CE1 
498 C CE2 . TYR A 83  ? 1.0943 0.9021 1.1490 -0.3513 0.1962  -0.4476 83  TYR A CE2 
499 C CZ  . TYR A 83  ? 1.1976 0.9167 1.2592 -0.3862 0.2378  -0.4977 83  TYR A CZ  
500 O OH  . TYR A 83  ? 1.2627 0.9244 1.3489 -0.4373 0.2740  -0.5161 83  TYR A OH  
501 N N   . PHE A 84  ? 0.9859 1.0848 0.8956 -0.2206 0.1086  -0.4481 84  PHE A N   
502 C CA  . PHE A 84  ? 0.9672 1.0890 0.8500 -0.1866 0.1073  -0.4161 84  PHE A CA  
503 C C   . PHE A 84  ? 1.0307 1.1865 0.8770 -0.1916 0.1240  -0.4653 84  PHE A C   
504 O O   . PHE A 84  ? 1.0234 1.1942 0.8510 -0.1684 0.1339  -0.4463 84  PHE A O   
505 C CB  . PHE A 84  ? 0.9087 1.0944 0.7709 -0.1722 0.0748  -0.3605 84  PHE A CB  
506 C CG  . PHE A 84  ? 0.8478 0.9909 0.7418 -0.1520 0.0674  -0.3037 84  PHE A CG  
507 C CD1 . PHE A 84  ? 0.8456 0.9193 0.7763 -0.1573 0.0778  -0.3032 84  PHE A CD1 
508 C CD2 . PHE A 84  ? 0.8031 0.9716 0.6837 -0.1298 0.0526  -0.2518 84  PHE A CD2 
509 C CE1 . PHE A 84  ? 0.7961 0.8374 0.7453 -0.1384 0.0703  -0.2540 84  PHE A CE1 
510 C CE2 . PHE A 84  ? 0.7548 0.8886 0.6628 -0.1140 0.0457  -0.2084 84  PHE A CE2 
511 C CZ  . PHE A 84  ? 0.7476 0.8234 0.6877 -0.1172 0.0527  -0.2104 84  PHE A CZ  
512 N N   . ASN A 85  ? 1.0986 1.2703 0.9361 -0.2252 0.1304  -0.5326 85  ASN A N   
513 C CA  . ASN A 85  ? 1.1758 1.3647 0.9812 -0.2320 0.1540  -0.5921 85  ASN A CA  
514 C C   . ASN A 85  ? 1.2114 1.3028 1.0523 -0.2132 0.1956  -0.6117 85  ASN A C   
515 O O   . ASN A 85  ? 1.2402 1.3427 1.0645 -0.1958 0.2183  -0.6307 85  ASN A O   
516 C CB  . ASN A 85  ? 1.2460 1.4825 1.0353 -0.2768 0.1479  -0.6686 85  ASN A CB  
517 C CG  . ASN A 85  ? 1.2334 1.5902 0.9782 -0.2851 0.1027  -0.6571 85  ASN A CG  
518 O OD1 . ASN A 85  ? 1.1989 1.5970 0.9079 -0.2557 0.0828  -0.5950 85  ASN A OD1 
519 N ND2 . ASN A 85  ? 1.2752 1.6885 1.0237 -0.3243 0.0867  -0.7186 85  ASN A ND2 
520 N N   . ASP A 86  ? 1.2190 1.2153 1.1063 -0.2137 0.2068  -0.6051 86  ASP A N   
521 C CA  . ASP A 86  ? 1.2692 1.1599 1.1894 -0.1866 0.2428  -0.6164 86  ASP A CA  
522 C C   . ASP A 86  ? 1.2075 1.0676 1.1536 -0.1374 0.2355  -0.5445 86  ASP A C   
523 O O   . ASP A 86  ? 1.2151 1.0706 1.1752 -0.1001 0.2515  -0.5436 86  ASP A O   
524 C CB  . ASP A 86  ? 1.3433 1.1309 1.2890 -0.2144 0.2648  -0.6501 86  ASP A CB  
525 C CG  . ASP A 86  ? 1.4291 1.2344 1.3610 -0.2642 0.2816  -0.7406 86  ASP A CG  
526 O OD1 . ASP A 86  ? 1.4263 1.3385 1.3204 -0.2776 0.2672  -0.7729 86  ASP A OD1 
527 O OD2 . ASP A 86  ? 1.5121 1.2214 1.4671 -0.2917 0.3109  -0.7805 86  ASP A OD2 
528 N N   . TYR A 87  ? 1.1505 0.9995 1.1060 -0.1380 0.2116  -0.4900 87  TYR A N   
529 C CA  . TYR A 87  ? 1.1046 0.9193 1.0833 -0.0952 0.2025  -0.4278 87  TYR A CA  
530 C C   . TYR A 87  ? 1.0167 0.9199 0.9872 -0.0818 0.1767  -0.3833 87  TYR A C   
531 O O   . TYR A 87  ? 0.9903 0.9662 0.9319 -0.1062 0.1592  -0.3807 87  TYR A O   
532 C CB  . TYR A 87  ? 1.1085 0.8529 1.0959 -0.1035 0.1968  -0.3951 87  TYR A CB  
533 C CG  . TYR A 87  ? 1.2149 0.8482 1.2091 -0.1183 0.2300  -0.4302 87  TYR A CG  
534 C CD1 . TYR A 87  ? 1.2622 0.8969 1.2516 -0.1740 0.2420  -0.4822 87  TYR A CD1 
535 C CD2 . TYR A 87  ? 1.2797 0.8055 1.2857 -0.0759 0.2499  -0.4128 87  TYR A CD2 
536 C CE1 . TYR A 87  ? 1.3701 0.8919 1.3679 -0.1953 0.2794  -0.5179 87  TYR A CE1 
537 C CE2 . TYR A 87  ? 1.3945 0.7976 1.4006 -0.0884 0.2860  -0.4403 87  TYR A CE2 
538 C CZ  . TYR A 87  ? 1.4400 0.8364 1.4429 -0.1523 0.3040  -0.4941 87  TYR A CZ  
539 O OH  . TYR A 87  ? 1.5653 0.8298 1.5707 -0.1724 0.3466  -0.5251 87  TYR A OH  
540 N N   . ALA A 88  ? 0.9817 0.8769 0.9786 -0.0419 0.1748  -0.3492 88  ALA A N   
541 C CA  . ALA A 88  ? 0.9089 0.8744 0.9063 -0.0329 0.1564  -0.3090 88  ALA A CA  
542 C C   . ALA A 88  ? 0.8548 0.8127 0.8502 -0.0381 0.1286  -0.2608 88  ALA A C   
543 O O   . ALA A 88  ? 0.8700 0.7635 0.8726 -0.0347 0.1260  -0.2496 88  ALA A O   
544 C CB  . ALA A 88  ? 0.9023 0.8764 0.9404 0.0072  0.1656  -0.3027 88  ALA A CB  
545 N N   . GLY A 89  ? 0.7959 0.8137 0.7777 -0.0462 0.1120  -0.2321 89  GLY A N   
546 C CA  . GLY A 89  ? 0.7434 0.7589 0.7252 -0.0486 0.0879  -0.1905 89  GLY A CA  
547 C C   . GLY A 89  ? 0.7047 0.7775 0.6632 -0.0598 0.0742  -0.1660 89  GLY A C   
548 O O   . GLY A 89  ? 0.7313 0.8458 0.6593 -0.0710 0.0810  -0.1791 89  GLY A O   
549 N N   . ILE A 90  ? 0.6550 0.7237 0.6220 -0.0546 0.0567  -0.1294 90  ILE A N   
550 C CA  . ILE A 90  ? 0.6315 0.7348 0.5775 -0.0601 0.0449  -0.1008 90  ILE A CA  
551 C C   . ILE A 90  ? 0.6012 0.6943 0.5506 -0.0615 0.0245  -0.0808 90  ILE A C   
552 O O   . ILE A 90  ? 0.5890 0.6471 0.5600 -0.0560 0.0220  -0.0774 90  ILE A O   
553 C CB  . ILE A 90  ? 0.6194 0.7322 0.5810 -0.0520 0.0530  -0.0800 90  ILE A CB  
554 C CG1 . ILE A 90  ? 0.6301 0.7625 0.5581 -0.0600 0.0510  -0.0509 90  ILE A CG1 
555 C CG2 . ILE A 90  ? 0.5867 0.6746 0.5855 -0.0384 0.0426  -0.0660 90  ILE A CG2 
556 C CD1 . ILE A 90  ? 0.6307 0.7672 0.5744 -0.0632 0.0678  -0.0350 90  ILE A CD1 
557 N N   . ILE A 91  ? 0.5971 0.7230 0.5220 -0.0653 0.0111  -0.0673 91  ILE A N   
558 C CA  . ILE A 91  ? 0.5694 0.6992 0.5032 -0.0629 -0.0070 -0.0523 91  ILE A CA  
559 C C   . ILE A 91  ? 0.5704 0.7112 0.4864 -0.0497 -0.0166 -0.0167 91  ILE A C   
560 O O   . ILE A 91  ? 0.5979 0.7633 0.4760 -0.0471 -0.0177 -0.0078 91  ILE A O   
561 C CB  . ILE A 91  ? 0.5880 0.7551 0.5190 -0.0769 -0.0173 -0.0800 91  ILE A CB  
562 C CG1 . ILE A 91  ? 0.6045 0.7455 0.5492 -0.0955 -0.0001 -0.1188 91  ILE A CG1 
563 C CG2 . ILE A 91  ? 0.5645 0.7460 0.5186 -0.0737 -0.0320 -0.0696 91  ILE A CG2 
564 C CD1 . ILE A 91  ? 0.6288 0.8089 0.5781 -0.1198 -0.0052 -0.1576 91  ILE A CD1 
565 N N   . TYR A 92  ? 0.5473 0.6630 0.4843 -0.0406 -0.0209 0.0039  92  TYR A N   
566 C CA  . TYR A 92  ? 0.5617 0.6695 0.4857 -0.0270 -0.0258 0.0366  92  TYR A CA  
567 C C   . TYR A 92  ? 0.5530 0.6538 0.5013 -0.0155 -0.0378 0.0439  92  TYR A C   
568 O O   . TYR A 92  ? 0.5257 0.6267 0.4986 -0.0219 -0.0386 0.0261  92  TYR A O   
569 C CB  . TYR A 92  ? 0.5629 0.6391 0.4890 -0.0317 -0.0073 0.0501  92  TYR A CB  
570 C CG  . TYR A 92  ? 0.5222 0.5780 0.4874 -0.0355 -0.0034 0.0382  92  TYR A CG  
571 C CD1 . TYR A 92  ? 0.5061 0.5676 0.4876 -0.0399 0.0032  0.0158  92  TYR A CD1 
572 C CD2 . TYR A 92  ? 0.5108 0.5429 0.4936 -0.0306 -0.0077 0.0479  92  TYR A CD2 
573 C CE1 . TYR A 92  ? 0.4861 0.5353 0.4965 -0.0352 0.0007  0.0082  92  TYR A CE1 
574 C CE2 . TYR A 92  ? 0.4860 0.5089 0.4956 -0.0322 -0.0086 0.0350  92  TYR A CE2 
575 C CZ  . TYR A 92  ? 0.4788 0.5132 0.5002 -0.0326 -0.0067 0.0176  92  TYR A CZ  
576 O OH  . TYR A 92  ? 0.4694 0.5008 0.5110 -0.0264 -0.0133 0.0080  92  TYR A OH  
577 N N   . ILE A 93  ? 0.5928 0.6817 0.5306 0.0022  -0.0428 0.0710  93  ILE A N   
578 C CA  . ILE A 93  ? 0.6006 0.6898 0.5621 0.0191  -0.0530 0.0751  93  ILE A CA  
579 C C   . ILE A 93  ? 0.6303 0.6647 0.5948 0.0288  -0.0431 0.0962  93  ILE A C   
580 O O   . ILE A 93  ? 0.6708 0.6722 0.6096 0.0292  -0.0322 0.1189  93  ILE A O   
581 C CB  . ILE A 93  ? 0.6335 0.7752 0.5874 0.0409  -0.0748 0.0796  93  ILE A CB  
582 C CG1 . ILE A 93  ? 0.6191 0.7819 0.6141 0.0562  -0.0831 0.0705  93  ILE A CG1 
583 C CG2 . ILE A 93  ? 0.7026 0.8271 0.6112 0.0651  -0.0791 0.1173  93  ILE A CG2 
584 C CD1 . ILE A 93  ? 0.6359 0.8783 0.6434 0.0744  -0.1074 0.0606  93  ILE A CD1 
585 N N   . CYS A 94  ? 0.6296 0.6522 0.6236 0.0328  -0.0426 0.0855  94  CYS A N   
586 C CA  . CYS A 94  ? 0.6710 0.6414 0.6730 0.0391  -0.0320 0.0940  94  CYS A CA  
587 C C   . CYS A 94  ? 0.6714 0.6458 0.6937 0.0654  -0.0383 0.0925  94  CYS A C   
588 O O   . CYS A 94  ? 0.6373 0.6589 0.6796 0.0680  -0.0461 0.0745  94  CYS A O   
589 C CB  . CYS A 94  ? 0.6622 0.6159 0.6800 0.0164  -0.0225 0.0725  94  CYS A CB  
590 S SG  . CYS A 94  ? 0.7073 0.6522 0.7194 -0.0087 -0.0103 0.0718  94  CYS A SG  
591 N N   . SER A 95  ? 0.7137 0.6355 0.7337 0.0836  -0.0304 0.1092  95  SER A N   
592 C CA  . SER A 95  ? 0.7295 0.6468 0.7739 0.1140  -0.0322 0.1044  95  SER A CA  
593 C C   . SER A 95  ? 0.6934 0.6016 0.7612 0.0973  -0.0204 0.0711  95  SER A C   
594 O O   . SER A 95  ? 0.6926 0.5705 0.7541 0.0699  -0.0102 0.0600  95  SER A O   
595 C CB  . SER A 95  ? 0.8175 0.6628 0.8468 0.1419  -0.0236 0.1348  95  SER A CB  
596 O OG  . SER A 95  ? 0.8683 0.7135 0.8577 0.1568  -0.0326 0.1720  95  SER A OG  
597 N N   . ALA A 96  ? 0.6710 0.6138 0.7656 0.1142  -0.0217 0.0527  96  ALA A N   
598 C CA  . ALA A 96  ? 0.6511 0.5888 0.7568 0.1009  -0.0083 0.0209  96  ALA A CA  
599 C C   . ALA A 96  ? 0.6588 0.6227 0.7970 0.1295  -0.0025 0.0039  96  ALA A C   
600 O O   . ALA A 96  ? 0.6667 0.6760 0.8280 0.1574  -0.0136 0.0129  96  ALA A O   
601 C CB  . ALA A 96  ? 0.6019 0.5750 0.6947 0.0700  -0.0095 0.0079  96  ALA A CB  
602 N N   . GLU A 97  ? 0.6659 0.6099 0.8075 0.1235  0.0143  -0.0245 97  GLU A N   
603 C CA  . GLU A 97  ? 0.6764 0.6518 0.8498 0.1461  0.0269  -0.0495 97  GLU A CA  
604 C C   . GLU A 97  ? 0.6488 0.6540 0.8065 0.1166  0.0417  -0.0772 97  GLU A C   
605 O O   . GLU A 97  ? 0.6588 0.6282 0.7833 0.0949  0.0472  -0.0901 97  GLU A O   
606 C CB  . GLU A 97  ? 0.7431 0.6542 0.9292 0.1724  0.0405  -0.0610 97  GLU A CB  
607 C CG  . GLU A 97  ? 0.7954 0.6524 0.9846 0.2050  0.0318  -0.0262 97  GLU A CG  
608 C CD  . GLU A 97  ? 0.8823 0.6551 1.0824 0.2292  0.0518  -0.0386 97  GLU A CD  
609 O OE1 . GLU A 97  ? 0.9391 0.6261 1.1186 0.2234  0.0579  -0.0187 97  GLU A OE1 
610 O OE2 . GLU A 97  ? 0.9038 0.6925 1.1338 0.2516  0.0660  -0.0712 97  GLU A OE2 
611 N N   . VAL A 98  ? 0.6229 0.6958 0.8020 0.1149  0.0490  -0.0870 98  VAL A N   
612 C CA  . VAL A 98  ? 0.6177 0.7126 0.7731 0.0871  0.0702  -0.1073 98  VAL A CA  
613 C C   . VAL A 98  ? 0.6595 0.7557 0.8262 0.1017  0.0951  -0.1415 98  VAL A C   
614 O O   . VAL A 98  ? 0.6731 0.8062 0.8929 0.1317  0.1027  -0.1553 98  VAL A O   
615 C CB  . VAL A 98  ? 0.5857 0.7476 0.7616 0.0699  0.0772  -0.1067 98  VAL A CB  
616 C CG1 . VAL A 98  ? 0.6025 0.7688 0.7409 0.0385  0.1066  -0.1199 98  VAL A CG1 
617 C CG2 . VAL A 98  ? 0.5535 0.7134 0.7199 0.0566  0.0542  -0.0802 98  VAL A CG2 
618 N N   . LEU A 99  ? 0.6877 0.7494 0.8044 0.0838  0.1061  -0.1581 99  LEU A N   
619 C CA  . LEU A 99  ? 0.7407 0.8007 0.8558 0.0934  0.1321  -0.1975 99  LEU A CA  
620 C C   . LEU A 99  ? 0.7559 0.8672 0.8517 0.0750  0.1632  -0.2137 99  LEU A C   
621 O O   . LEU A 99  ? 0.7866 0.9333 0.9143 0.0895  0.1909  -0.2449 99  LEU A O   
622 C CB  . LEU A 99  ? 0.7782 0.7812 0.8458 0.0819  0.1267  -0.2148 99  LEU A CB  
623 C CG  . LEU A 99  ? 0.7821 0.7266 0.8646 0.0881  0.1049  -0.2027 99  LEU A CG  
624 C CD1 . LEU A 99  ? 0.8254 0.7314 0.8707 0.0689  0.1038  -0.2340 99  LEU A CD1 
625 C CD2 . LEU A 99  ? 0.8052 0.7263 0.9453 0.1259  0.1101  -0.2017 99  LEU A CD2 
626 N N   . TYR A 100 ? 0.7465 0.8568 0.7888 0.0440  0.1624  -0.1922 100 TYR A N   
627 C CA  . TYR A 100 ? 0.7777 0.9207 0.7884 0.0203  0.1976  -0.1981 100 TYR A CA  
628 C C   . TYR A 100 ? 0.7591 0.9056 0.7578 -0.0057 0.1946  -0.1641 100 TYR A C   
629 O O   . TYR A 100 ? 0.7369 0.8457 0.7125 -0.0089 0.1650  -0.1367 100 TYR A O   
630 C CB  . TYR A 100 ? 0.8409 0.9542 0.7634 0.0092  0.2100  -0.2111 100 TYR A CB  
631 C CG  . TYR A 100 ? 0.8825 0.9966 0.8131 0.0279  0.2236  -0.2571 100 TYR A CG  
632 C CD1 . TYR A 100 ? 0.9177 1.0770 0.8703 0.0317  0.2662  -0.2907 100 TYR A CD1 
633 C CD2 . TYR A 100 ? 0.8930 0.9638 0.8140 0.0389  0.1981  -0.2725 100 TYR A CD2 
634 C CE1 . TYR A 100 ? 0.9640 1.1198 0.9250 0.0510  0.2819  -0.3383 100 TYR A CE1 
635 C CE2 . TYR A 100 ? 0.9425 1.0045 0.8718 0.0530  0.2140  -0.3209 100 TYR A CE2 
636 C CZ  . TYR A 100 ? 0.9795 1.0814 0.9269 0.0616  0.2555  -0.3537 100 TYR A CZ  
637 O OH  . TYR A 100 ? 1.0373 1.1267 0.9938 0.0778  0.2744  -0.4070 100 TYR A OH  
638 N N   . GLY A 101 ? 0.7796 0.9715 0.7985 -0.0265 0.2295  -0.1705 101 GLY A N   
639 C CA  . GLY A 101 ? 0.7741 0.9663 0.7902 -0.0572 0.2356  -0.1466 101 GLY A CA  
640 C C   . GLY A 101 ? 0.7867 1.0539 0.8665 -0.0782 0.2740  -0.1700 101 GLY A C   
641 O O   . GLY A 101 ? 0.7428 1.0777 0.9120 -0.0614 0.2613  -0.1888 101 GLY A O   
642 N N   . HIS A 102 ? 0.8596 1.1179 0.8929 -0.1143 0.3216  -0.1688 102 HIS A N   
643 C CA  . HIS A 102 ? 0.8841 1.2195 0.9797 -0.1442 0.3696  -0.1974 102 HIS A CA  
644 C C   . HIS A 102 ? 0.8437 1.2271 1.0172 -0.1662 0.3603  -0.2016 102 HIS A C   
645 O O   . HIS A 102 ? 0.8158 1.3015 1.0891 -0.1657 0.3682  -0.2374 102 HIS A O   
646 C CB  . HIS A 102 ? 0.9818 1.2797 0.9950 -0.1855 0.4296  -0.1881 102 HIS A CB  
647 C CG  . HIS A 102 ? 1.0375 1.3611 1.0251 -0.1753 0.4646  -0.2152 102 HIS A CG  
648 N ND1 . HIS A 102 ? 1.0545 1.4698 1.1138 -0.1901 0.5134  -0.2575 102 HIS A ND1 
649 C CD2 . HIS A 102 ? 1.0844 1.3615 0.9853 -0.1525 0.4587  -0.2123 102 HIS A CD2 
650 C CE1 . HIS A 102 ? 1.1110 1.5287 1.1249 -0.1757 0.5392  -0.2781 102 HIS A CE1 
651 N NE2 . HIS A 102 ? 1.1308 1.4644 1.0458 -0.1540 0.5056  -0.2523 102 HIS A NE2 
652 N N   . THR A 103 ? 0.8462 1.1631 0.9776 -0.1834 0.3425  -0.1699 103 THR A N   
653 C CA  . THR A 103 ? 0.8201 1.1758 1.0153 -0.2098 0.3350  -0.1789 103 THR A CA  
654 C C   . THR A 103 ? 0.7344 1.1555 1.0050 -0.1691 0.2792  -0.1912 103 THR A C   
655 O O   . THR A 103 ? 0.7141 1.2279 1.0706 -0.1791 0.2743  -0.2204 103 THR A O   
656 C CB  . THR A 103 ? 0.8604 1.1154 0.9851 -0.2356 0.3341  -0.1440 103 THR A CB  
657 O OG1 . THR A 103 ? 0.9543 1.1229 0.9794 -0.2527 0.3737  -0.1166 103 THR A OG1 
658 C CG2 . THR A 103 ? 0.8682 1.1580 1.0519 -0.2833 0.3523  -0.1652 103 THR A CG2 
659 N N   . PHE A 104 ? 0.6932 1.0686 0.9297 -0.1243 0.2386  -0.1699 104 PHE A N   
660 C CA  . PHE A 104 ? 0.6306 1.0456 0.9184 -0.0836 0.1892  -0.1709 104 PHE A CA  
661 C C   . PHE A 104 ? 0.6174 1.1180 0.9812 -0.0457 0.1865  -0.1994 104 PHE A C   
662 O O   . PHE A 104 ? 0.5870 1.1668 1.0212 -0.0248 0.1600  -0.2124 104 PHE A O   
663 C CB  . PHE A 104 ? 0.6145 0.9446 0.8414 -0.0553 0.1543  -0.1383 104 PHE A CB  
664 C CG  . PHE A 104 ? 0.5701 0.9210 0.8306 -0.0218 0.1097  -0.1296 104 PHE A CG  
665 C CD1 . PHE A 104 ? 0.5462 0.9002 0.8062 -0.0359 0.0888  -0.1196 104 PHE A CD1 
666 C CD2 . PHE A 104 ? 0.5674 0.9290 0.8543 0.0248  0.0920  -0.1311 104 PHE A CD2 
667 C CE1 . PHE A 104 ? 0.5249 0.8988 0.8024 -0.0050 0.0503  -0.1089 104 PHE A CE1 
668 C CE2 . PHE A 104 ? 0.5509 0.9209 0.8554 0.0577  0.0545  -0.1153 104 PHE A CE2 
669 C CZ  . PHE A 104 ? 0.5285 0.9080 0.8247 0.0424  0.0332  -0.1029 104 PHE A CZ  
670 N N   . CYS A 105 ? 0.6513 1.1373 0.9984 -0.0326 0.2123  -0.2105 105 CYS A N   
671 C CA  . CYS A 105 ? 0.6531 1.2071 1.0702 0.0110  0.2132  -0.2394 105 CYS A CA  
672 C C   . CYS A 105 ? 0.6716 1.3270 1.1560 -0.0100 0.2593  -0.2816 105 CYS A C   
673 O O   . CYS A 105 ? 0.6680 1.4097 1.2364 0.0283  0.2569  -0.3113 105 CYS A O   
674 C CB  . CYS A 105 ? 0.6844 1.1649 1.0519 0.0410  0.2153  -0.2365 105 CYS A CB  
675 S SG  . CYS A 105 ? 0.6716 1.0498 0.9851 0.0682  0.1658  -0.1975 105 CYS A SG  
676 N N   . GLY A 106 ? 0.7020 1.3457 1.1506 -0.0690 0.3038  -0.2838 106 GLY A N   
677 C CA  . GLY A 106 ? 0.7332 1.4673 1.2391 -0.1014 0.3595  -0.3241 106 GLY A CA  
678 C C   . GLY A 106 ? 0.7892 1.4994 1.2507 -0.0966 0.4043  -0.3377 106 GLY A C   
679 O O   . GLY A 106 ? 0.7997 1.4312 1.1949 -0.0644 0.3861  -0.3215 106 GLY A O   
680 N N   . PRO A 107 ? 0.8320 1.6138 1.3292 -0.1330 0.4664  -0.3723 107 PRO A N   
681 C CA  . PRO A 107 ? 0.8977 1.6747 1.3566 -0.1291 0.5159  -0.3937 107 PRO A CA  
682 C C   . PRO A 107 ? 0.8853 1.6990 1.3993 -0.0587 0.4938  -0.4231 107 PRO A C   
683 O O   . PRO A 107 ? 0.9335 1.7005 1.3864 -0.0432 0.5142  -0.4328 107 PRO A O   
684 C CB  . PRO A 107 ? 0.9346 1.8112 1.4559 -0.1823 0.5857  -0.4314 107 PRO A CB  
685 C CG  . PRO A 107 ? 0.9129 1.7939 1.4559 -0.2329 0.5804  -0.4160 107 PRO A CG  
686 C CD  . PRO A 107 ? 0.8334 1.7035 1.4050 -0.1876 0.4991  -0.3962 107 PRO A CD  
687 N N   . GLU A 108 ? 0.8339 1.7293 1.4593 -0.0155 0.4532  -0.4382 108 GLU A N   
688 C CA  . GLU A 108 ? 0.8310 1.7439 1.5103 0.0607  0.4263  -0.4575 108 GLU A CA  
689 C C   . GLU A 108 ? 0.8434 1.6189 1.4280 0.0905  0.3935  -0.4260 108 GLU A C   
690 O O   . GLU A 108 ? 0.8805 1.6318 1.4664 0.1323  0.4010  -0.4491 108 GLU A O   
691 C CB  . GLU A 108 ? 0.7815 1.7891 1.5753 0.1056  0.3770  -0.4626 108 GLU A CB  
692 C CG  . GLU A 108 ? 0.7366 1.6882 1.4944 0.1036  0.3175  -0.4142 108 GLU A CG  
693 C CD  . GLU A 108 ? 0.6996 1.7688 1.5625 0.1339  0.2749  -0.4238 108 GLU A CD  
694 O OE1 . GLU A 108 ? 0.6692 1.7322 1.5147 0.1078  0.2431  -0.3996 108 GLU A OE1 
695 O OE2 . GLU A 108 ? 0.7121 1.8846 1.6747 0.1869  0.2718  -0.4579 108 GLU A OE2 
696 N N   . GLY A 109 ? 0.8183 1.5079 1.3275 0.0673  0.3598  -0.3789 109 GLY A N   
697 C CA  . GLY A 109 ? 0.8289 1.3987 1.2540 0.0855  0.3292  -0.3515 109 GLY A CA  
698 C C   . GLY A 109 ? 0.7898 1.3334 1.2479 0.1300  0.2718  -0.3254 109 GLY A C   
699 O O   . GLY A 109 ? 0.7673 1.3884 1.3129 0.1617  0.2525  -0.3314 109 GLY A O   
700 N N   . CYS A 110 ? 0.7900 1.2292 1.1761 0.1324  0.2450  -0.2968 110 CYS A N   
701 C CA  . CYS A 110 ? 0.7685 1.1651 1.1681 0.1677  0.1974  -0.2665 110 CYS A CA  
702 C C   . CYS A 110 ? 0.8154 1.1914 1.2601 0.2290  0.1926  -0.2825 110 CYS A C   
703 O O   . CYS A 110 ? 0.8182 1.1595 1.2776 0.2653  0.1584  -0.2549 110 CYS A O   
704 C CB  . CYS A 110 ? 0.7586 1.0571 1.0724 0.1424  0.1766  -0.2341 110 CYS A CB  
705 S SG  . CYS A 110 ? 0.7334 1.0274 0.9792 0.0796  0.1857  -0.2135 110 CYS A SG  
706 N N   . SER A 111 ? 0.8668 1.2563 1.3268 0.2411  0.2299  -0.3259 111 SER A N   
707 C CA  . SER A 111 ? 0.9240 1.2910 1.4330 0.3026  0.2340  -0.3493 111 SER A CA  
708 C C   . SER A 111 ? 0.9595 1.1991 1.4244 0.3194  0.2118  -0.3269 111 SER A C   
709 O O   . SER A 111 ? 1.0289 1.2127 1.5104 0.3576  0.2251  -0.3507 111 SER A O   
710 C CB  . SER A 111 ? 0.9144 1.3734 1.5248 0.3578  0.2169  -0.3489 111 SER A CB  
711 O OG  . SER A 111 ? 0.8983 1.4850 1.5693 0.3437  0.2473  -0.3860 111 SER A OG  
# 
